data_5W19
#
_entry.id   5W19
#
_cell.length_a   62.117
_cell.length_b   152.081
_cell.length_c   211.363
_cell.angle_alpha   90.000
_cell.angle_beta   90.000
_cell.angle_gamma   90.000
#
_symmetry.space_group_name_H-M   'P 2 21 21'
#
loop_
_entity.id
_entity.type
_entity.pdbx_description
1 polymer Tryptophanase
2 non-polymer 'POTASSIUM ION'
3 non-polymer 1-carboxy-1-{[(E)-{3-hydroxy-2-methyl-5-[(phosphonooxy)methyl]pyridin-4-yl}methylidene]azaniumyl}-2-[(3R)-2-oxo-2,3-dihydro-1H-indol-3-yl]ethan-1-ide
4 water water
#
_entity_poly.entity_id   1
_entity_poly.type   'polypeptide(L)'
_entity_poly.pdbx_seq_one_letter_code
;MAKRIVEPFRIKMVEKIRVPSREEREAALKEAGYNPFLLPSSAVYIDLLTDSGTNAMSDHQWAAMITGDEAYAGSRNYYD
LKDKAKELFNYDYIIPAHQGRGAENILFPVLLKYKQKEGKAKNPVFISNFHFDTTAAHVELNGCKAINIVTEKAFDSETY
DDWKGDFDIKKLKENIAQHGADNIVAIVSTVTCNSAGGQPVSMSNLKEVYEIAKQHGIFVVMDSARFCENAYFIKARDPK
YKNATIKEVIFDMYKYADALTMSAKKDPLLNIGGLVAIRDNEEIFTLARQRCVPMEGFVTYGGLAGRDMAAMVQGLEEGT
EEEYLHYRIGQVKYLGDRLREAGIPIQYPTGGHAVFVDCKKLVPQIPGDQFPAQAVINALYLESGVRAVEIGSFLLGRDP
ATGEQKHADMEFMRLTIARRVYTNDHMDYIADALIGLKEKFATLKGLEFEYEPPVLRHFTARLKPIE
;
_entity_poly.pdbx_strand_id   A,B,C,D
#
loop_
_chem_comp.id
_chem_comp.type
_chem_comp.name
_chem_comp.formula
9TD non-polymer 1-carboxy-1-{[(E)-{3-hydroxy-2-methyl-5-[(phosphonooxy)methyl]pyridin-4-yl}methylidene]azaniumyl}-2-[(3R)-2-oxo-2,3-dihydro-1H-indol-3-yl]ethan-1-ide 'C19 H20 N3 O8 P'
K non-polymer 'POTASSIUM ION' 'K 1'
#
# COMPACT_ATOMS: atom_id res chain seq x y z
N ALA A 2 37.63 10.70 -5.18
CA ALA A 2 36.28 10.34 -4.79
C ALA A 2 35.67 9.35 -5.78
N LYS A 3 35.21 8.21 -5.26
CA LYS A 3 34.68 7.13 -6.08
C LYS A 3 33.19 6.94 -5.79
N ARG A 4 32.39 6.84 -6.85
CA ARG A 4 30.97 6.60 -6.74
C ARG A 4 30.69 5.10 -6.82
N ILE A 5 29.86 4.60 -5.91
CA ILE A 5 29.44 3.21 -5.89
C ILE A 5 27.98 3.16 -6.34
N VAL A 6 27.70 2.32 -7.32
CA VAL A 6 26.36 2.24 -7.90
C VAL A 6 25.41 1.57 -6.92
N GLU A 7 24.14 1.95 -6.99
CA GLU A 7 23.13 1.40 -6.08
C GLU A 7 22.89 -0.08 -6.37
N PRO A 8 22.87 -0.94 -5.36
CA PRO A 8 22.50 -2.34 -5.60
C PRO A 8 20.99 -2.53 -5.59
N PHE A 9 20.28 -1.53 -6.11
CA PHE A 9 18.83 -1.52 -6.18
C PHE A 9 18.42 -0.48 -7.20
N ARG A 10 17.13 -0.49 -7.56
CA ARG A 10 16.56 0.55 -8.38
C ARG A 10 15.37 1.17 -7.66
N ILE A 11 14.97 2.35 -8.12
CA ILE A 11 13.92 3.12 -7.45
C ILE A 11 12.56 2.53 -7.79
N LYS A 12 11.71 2.38 -6.77
CA LYS A 12 10.36 1.88 -6.94
C LYS A 12 9.29 2.93 -6.62
N MET A 13 9.57 3.87 -5.72
CA MET A 13 8.65 4.96 -5.44
C MET A 13 9.46 6.20 -5.09
N VAL A 14 8.99 7.36 -5.54
CA VAL A 14 9.72 8.61 -5.36
C VAL A 14 8.87 9.57 -4.53
N GLU A 15 9.54 10.57 -3.97
CA GLU A 15 8.92 11.60 -3.16
C GLU A 15 9.53 12.94 -3.54
N LYS A 16 8.69 13.92 -3.84
CA LYS A 16 9.18 15.19 -4.38
C LYS A 16 9.87 16.02 -3.30
N ILE A 17 10.96 16.68 -3.69
CA ILE A 17 11.64 17.67 -2.86
C ILE A 17 11.77 18.95 -3.68
N ARG A 18 11.88 20.07 -2.96
CA ARG A 18 11.99 21.37 -3.61
C ARG A 18 12.99 22.23 -2.84
N VAL A 19 13.58 23.20 -3.54
CA VAL A 19 14.52 24.15 -2.96
C VAL A 19 13.74 25.41 -2.61
N PRO A 20 13.63 25.76 -1.33
CA PRO A 20 12.99 27.04 -0.99
C PRO A 20 13.86 28.21 -1.43
N SER A 21 13.20 29.31 -1.79
CA SER A 21 13.93 30.51 -2.15
C SER A 21 14.75 31.00 -0.97
N ARG A 22 15.79 31.78 -1.27
CA ARG A 22 16.70 32.21 -0.21
C ARG A 22 15.98 33.08 0.83
N GLU A 23 15.05 33.93 0.37
CA GLU A 23 14.27 34.73 1.30
C GLU A 23 13.45 33.85 2.25
N GLU A 24 12.89 32.77 1.72
CA GLU A 24 12.13 31.85 2.56
C GLU A 24 13.02 31.24 3.65
N ARG A 25 14.26 30.92 3.31
CA ARG A 25 15.14 30.27 4.27
C ARG A 25 15.57 31.21 5.39
N GLU A 26 15.75 32.50 5.06
CA GLU A 26 16.13 33.46 6.09
C GLU A 26 14.97 33.71 7.05
N ALA A 27 13.76 33.91 6.52
CA ALA A 27 12.59 34.09 7.38
C ALA A 27 12.32 32.83 8.20
N ALA A 28 12.53 31.65 7.61
CA ALA A 28 12.28 30.41 8.32
C ALA A 28 13.28 30.19 9.46
N LEU A 29 14.54 30.61 9.26
CA LEU A 29 15.54 30.41 10.31
C LEU A 29 15.32 31.36 11.46
N LYS A 30 14.92 32.61 11.18
CA LYS A 30 14.63 33.55 12.26
C LYS A 30 13.43 33.09 13.07
N GLU A 31 12.40 32.56 12.41
CA GLU A 31 11.24 32.04 13.13
C GLU A 31 11.59 30.78 13.91
N ALA A 32 12.55 30.00 13.42
CA ALA A 32 13.01 28.80 14.11
C ALA A 32 13.99 29.12 15.24
N GLY A 33 14.13 30.38 15.61
CA GLY A 33 15.07 30.76 16.66
C GLY A 33 16.50 30.43 16.34
N TYR A 34 16.87 30.44 15.06
CA TYR A 34 18.21 30.05 14.61
C TYR A 34 18.56 28.64 15.07
N ASN A 35 17.56 27.76 15.07
CA ASN A 35 17.73 26.35 15.41
C ASN A 35 17.09 25.55 14.29
N PRO A 36 17.87 24.86 13.45
CA PRO A 36 17.26 24.08 12.36
C PRO A 36 16.27 23.02 12.84
N PHE A 37 16.36 22.58 14.09
CA PHE A 37 15.39 21.63 14.62
C PHE A 37 13.97 22.20 14.58
N LEU A 38 13.83 23.51 14.69
CA LEU A 38 12.52 24.16 14.71
C LEU A 38 12.03 24.57 13.33
N LEU A 39 12.79 24.28 12.27
CA LEU A 39 12.31 24.50 10.93
C LEU A 39 11.25 23.47 10.57
N PRO A 40 10.24 23.87 9.80
CA PRO A 40 9.36 22.88 9.17
C PRO A 40 10.05 22.21 8.00
N SER A 41 9.64 20.97 7.73
CA SER A 41 10.24 20.21 6.64
C SER A 41 9.98 20.85 5.27
N SER A 42 8.92 21.65 5.14
CA SER A 42 8.64 22.32 3.88
C SER A 42 9.67 23.39 3.56
N ALA A 43 10.44 23.84 4.54
CA ALA A 43 11.49 24.82 4.33
C ALA A 43 12.87 24.17 4.15
N VAL A 44 12.91 22.86 3.98
CA VAL A 44 14.16 22.11 3.88
C VAL A 44 14.21 21.42 2.52
N TYR A 45 15.37 21.52 1.87
CA TYR A 45 15.61 20.80 0.62
C TYR A 45 16.10 19.39 0.92
N ILE A 46 17.41 19.19 0.98
CA ILE A 46 17.97 17.91 1.39
C ILE A 46 18.11 17.92 2.91
N ASP A 47 17.49 16.96 3.57
CA ASP A 47 17.43 16.92 5.02
C ASP A 47 18.52 15.98 5.53
N LEU A 48 19.59 16.56 6.08
CA LEU A 48 20.67 15.79 6.69
C LEU A 48 20.64 15.86 8.21
N LEU A 49 19.48 16.16 8.79
CA LEU A 49 19.39 16.31 10.24
C LEU A 49 19.71 15.00 10.96
N THR A 50 19.26 13.88 10.41
CA THR A 50 19.50 12.59 11.05
C THR A 50 19.27 11.47 10.05
N ASP A 51 19.87 10.32 10.33
CA ASP A 51 19.61 9.08 9.63
C ASP A 51 18.61 8.21 10.36
N SER A 52 17.85 8.79 11.30
CA SER A 52 16.96 8.04 12.18
C SER A 52 15.52 8.19 11.68
N GLY A 53 14.95 7.08 11.23
CA GLY A 53 13.55 7.07 10.82
C GLY A 53 13.25 7.73 9.50
N THR A 54 14.27 8.17 8.76
CA THR A 54 14.08 8.79 7.45
C THR A 54 14.43 7.85 6.31
N ASN A 55 14.72 6.58 6.61
CA ASN A 55 15.19 5.65 5.60
C ASN A 55 14.08 5.28 4.63
N ALA A 56 14.48 4.91 3.42
CA ALA A 56 13.56 4.38 2.42
C ALA A 56 13.49 2.87 2.55
N MET A 57 12.29 2.34 2.71
CA MET A 57 12.10 0.91 2.86
C MET A 57 12.04 0.22 1.51
N SER A 58 12.20 -1.10 1.53
CA SER A 58 12.09 -1.92 0.32
C SER A 58 10.64 -2.35 0.12
N ASP A 59 10.37 -2.85 -1.09
CA ASP A 59 9.04 -3.35 -1.39
C ASP A 59 8.68 -4.55 -0.52
N HIS A 60 9.67 -5.37 -0.16
N HIS A 60 9.68 -5.38 -0.16
CA HIS A 60 9.40 -6.49 0.74
CA HIS A 60 9.43 -6.49 0.74
C HIS A 60 9.06 -6.00 2.14
C HIS A 60 9.04 -5.99 2.13
N GLN A 61 9.61 -4.86 2.56
CA GLN A 61 9.25 -4.31 3.87
C GLN A 61 7.81 -3.82 3.87
N TRP A 62 7.42 -3.07 2.83
CA TRP A 62 6.05 -2.60 2.75
C TRP A 62 5.07 -3.76 2.64
N ALA A 63 5.39 -4.77 1.83
CA ALA A 63 4.53 -5.95 1.73
C ALA A 63 4.40 -6.65 3.08
N ALA A 64 5.48 -6.67 3.87
CA ALA A 64 5.40 -7.25 5.20
C ALA A 64 4.50 -6.43 6.11
N MET A 65 4.51 -5.09 5.95
CA MET A 65 3.67 -4.25 6.78
C MET A 65 2.19 -4.53 6.56
N ILE A 66 1.78 -4.71 5.30
N ILE A 66 1.79 -4.70 5.29
CA ILE A 66 0.35 -4.79 5.06
CA ILE A 66 0.39 -4.85 4.93
C ILE A 66 -0.22 -6.17 5.42
C ILE A 66 -0.18 -6.13 5.51
N THR A 67 0.63 -7.19 5.60
CA THR A 67 0.20 -8.45 6.18
C THR A 67 0.52 -8.54 7.67
N GLY A 68 0.85 -7.42 8.31
CA GLY A 68 1.21 -7.45 9.71
C GLY A 68 0.03 -7.78 10.59
N ASP A 69 0.30 -8.52 11.66
CA ASP A 69 -0.71 -8.93 12.62
C ASP A 69 -0.84 -7.87 13.71
N GLU A 70 -1.94 -7.13 13.69
CA GLU A 70 -2.18 -6.05 14.64
C GLU A 70 -2.83 -6.54 15.93
N ALA A 71 -2.65 -7.80 16.30
CA ALA A 71 -3.23 -8.32 17.52
C ALA A 71 -2.54 -7.70 18.73
N TYR A 72 -3.34 -7.43 19.78
CA TYR A 72 -2.80 -6.76 20.96
C TYR A 72 -1.87 -7.67 21.74
N ALA A 73 -2.20 -8.95 21.83
CA ALA A 73 -1.40 -9.91 22.59
C ALA A 73 -1.02 -11.07 21.68
N GLY A 74 0.28 -11.38 21.63
CA GLY A 74 0.76 -12.50 20.86
C GLY A 74 0.69 -12.32 19.36
N SER A 75 1.08 -11.14 18.87
CA SER A 75 1.14 -10.91 17.44
C SER A 75 2.12 -11.88 16.78
N ARG A 76 1.73 -12.40 15.61
CA ARG A 76 2.62 -13.31 14.89
C ARG A 76 3.97 -12.67 14.61
N ASN A 77 3.97 -11.38 14.26
CA ASN A 77 5.22 -10.68 13.98
C ASN A 77 6.12 -10.58 15.20
N TYR A 78 5.56 -10.65 16.40
CA TYR A 78 6.39 -10.67 17.61
C TYR A 78 7.25 -11.93 17.65
N TYR A 79 6.67 -13.08 17.32
CA TYR A 79 7.43 -14.33 17.31
C TYR A 79 8.42 -14.36 16.16
N ASP A 80 8.07 -13.77 15.01
CA ASP A 80 9.04 -13.60 13.94
C ASP A 80 10.22 -12.73 14.39
N LEU A 81 9.92 -11.70 15.17
CA LEU A 81 10.99 -10.85 15.71
C LEU A 81 11.84 -11.59 16.72
N LYS A 82 11.20 -12.40 17.57
CA LYS A 82 11.95 -13.16 18.57
C LYS A 82 12.89 -14.16 17.93
N ASP A 83 12.43 -14.83 16.87
CA ASP A 83 13.29 -15.79 16.19
C ASP A 83 14.38 -15.09 15.38
N LYS A 84 14.12 -13.87 14.91
CA LYS A 84 15.14 -13.14 14.16
C LYS A 84 16.28 -12.69 15.07
N ALA A 85 15.97 -12.29 16.30
CA ALA A 85 17.02 -11.88 17.22
C ALA A 85 17.86 -13.08 17.66
N LYS A 86 17.22 -14.24 17.85
CA LYS A 86 17.97 -15.45 18.16
C LYS A 86 18.88 -15.86 17.00
N GLU A 87 18.47 -15.57 15.77
CA GLU A 87 19.30 -15.90 14.62
C GLU A 87 20.53 -15.02 14.55
N LEU A 88 20.35 -13.70 14.66
CA LEU A 88 21.46 -12.77 14.50
C LEU A 88 22.33 -12.69 15.74
N PHE A 89 21.73 -12.42 16.90
CA PHE A 89 22.48 -12.12 18.10
C PHE A 89 22.65 -13.33 19.03
N ASN A 90 21.94 -14.42 18.78
CA ASN A 90 21.93 -15.59 19.66
C ASN A 90 21.42 -15.22 21.05
N TYR A 91 20.50 -14.27 21.12
CA TYR A 91 19.86 -13.87 22.37
C TYR A 91 18.49 -14.51 22.47
N ASP A 92 18.11 -14.93 23.68
CA ASP A 92 16.92 -15.75 23.89
C ASP A 92 15.67 -14.95 24.25
N TYR A 93 15.80 -13.68 24.61
CA TYR A 93 14.67 -12.88 25.05
C TYR A 93 14.63 -11.57 24.29
N ILE A 94 13.40 -11.10 23.97
CA ILE A 94 13.22 -9.82 23.30
C ILE A 94 12.06 -9.08 23.95
N ILE A 95 12.13 -7.75 23.89
CA ILE A 95 11.05 -6.87 24.29
C ILE A 95 10.99 -5.74 23.28
N PRO A 96 9.96 -5.67 22.44
CA PRO A 96 9.88 -4.57 21.47
C PRO A 96 9.65 -3.24 22.16
N ALA A 97 10.17 -2.19 21.54
CA ALA A 97 10.00 -0.83 22.02
C ALA A 97 9.67 0.08 20.84
N HIS A 98 9.11 1.25 21.13
CA HIS A 98 8.64 2.10 20.05
C HIS A 98 9.81 2.77 19.33
N GLN A 99 10.91 3.01 20.01
CA GLN A 99 12.17 3.42 19.38
C GLN A 99 13.29 3.29 20.40
N GLY A 100 14.45 3.90 20.09
CA GLY A 100 15.65 3.64 20.87
C GLY A 100 15.56 4.16 22.29
N ARG A 101 15.11 5.39 22.47
CA ARG A 101 15.01 5.94 23.81
C ARG A 101 13.92 5.27 24.64
N GLY A 102 12.96 4.59 23.98
CA GLY A 102 12.03 3.76 24.71
C GLY A 102 12.67 2.48 25.20
N ALA A 103 13.58 1.90 24.40
CA ALA A 103 14.30 0.72 24.83
C ALA A 103 15.17 1.02 26.04
N GLU A 104 15.87 2.15 26.04
CA GLU A 104 16.71 2.50 27.18
C GLU A 104 15.87 2.77 28.41
N ASN A 105 14.68 3.37 28.22
CA ASN A 105 13.79 3.61 29.35
C ASN A 105 13.25 2.31 29.92
N ILE A 106 13.27 1.22 29.15
CA ILE A 106 12.88 -0.08 29.67
C ILE A 106 14.02 -0.70 30.50
N LEU A 107 15.22 -0.72 29.92
CA LEU A 107 16.33 -1.49 30.48
C LEU A 107 17.12 -0.73 31.54
N PHE A 108 17.50 0.52 31.27
CA PHE A 108 18.44 1.21 32.17
C PHE A 108 17.92 1.34 33.60
N PRO A 109 16.68 1.77 33.85
CA PRO A 109 16.21 1.79 35.25
C PRO A 109 16.17 0.41 35.89
N VAL A 110 15.83 -0.61 35.11
CA VAL A 110 15.84 -1.98 35.62
C VAL A 110 17.25 -2.39 36.02
N LEU A 111 18.24 -2.03 35.19
CA LEU A 111 19.62 -2.35 35.51
C LEU A 111 20.10 -1.61 36.75
N LEU A 112 19.57 -0.42 37.01
CA LEU A 112 19.95 0.33 38.20
C LEU A 112 19.37 -0.32 39.46
N LYS A 113 18.07 -0.64 39.45
CA LYS A 113 17.45 -1.28 40.61
C LYS A 113 18.04 -2.66 40.86
N TYR A 114 18.37 -3.39 39.79
CA TYR A 114 19.00 -4.70 39.96
C TYR A 114 20.38 -4.58 40.59
N LYS A 115 21.16 -3.57 40.16
CA LYS A 115 22.47 -3.35 40.77
C LYS A 115 22.34 -2.81 42.19
N GLN A 116 21.26 -2.08 42.48
CA GLN A 116 21.07 -1.50 43.80
C GLN A 116 20.61 -2.51 44.84
N LYS A 117 20.36 -3.76 44.45
CA LYS A 117 20.12 -4.80 45.44
C LYS A 117 21.36 -5.00 46.30
N GLU A 118 21.14 -5.52 47.51
CA GLU A 118 22.19 -5.73 48.50
C GLU A 118 22.83 -4.42 48.97
N GLY A 119 22.17 -3.29 48.70
CA GLY A 119 22.62 -2.01 49.22
C GLY A 119 23.88 -1.45 48.61
N LYS A 120 24.23 -1.88 47.40
CA LYS A 120 25.40 -1.35 46.71
C LYS A 120 24.96 -0.30 45.70
N ALA A 121 25.93 0.22 44.94
CA ALA A 121 25.70 1.26 43.92
C ALA A 121 25.07 2.50 44.53
N LYS A 122 25.67 2.98 45.63
CA LYS A 122 25.20 4.22 46.25
C LYS A 122 25.57 5.44 45.41
N ASN A 123 26.61 5.35 44.60
CA ASN A 123 26.98 6.39 43.65
C ASN A 123 27.10 5.75 42.27
N PRO A 124 25.97 5.43 41.65
CA PRO A 124 26.02 4.62 40.42
C PRO A 124 26.52 5.40 39.22
N VAL A 125 27.19 4.69 38.31
CA VAL A 125 27.74 5.27 37.10
C VAL A 125 27.56 4.30 35.93
N PHE A 126 27.35 4.85 34.75
CA PHE A 126 27.39 4.11 33.50
C PHE A 126 28.67 4.46 32.75
N ILE A 127 29.28 3.48 32.12
CA ILE A 127 30.54 3.66 31.41
C ILE A 127 30.34 3.25 29.96
N SER A 128 30.73 4.13 29.04
CA SER A 128 30.59 3.87 27.62
C SER A 128 31.77 4.50 26.90
N ASN A 129 32.06 4.00 25.69
CA ASN A 129 32.97 4.71 24.81
C ASN A 129 32.47 6.12 24.56
N PHE A 130 31.17 6.28 24.36
CA PHE A 130 30.52 7.59 24.40
C PHE A 130 29.01 7.44 24.44
N HIS A 131 28.38 7.88 25.53
CA HIS A 131 26.92 7.93 25.58
C HIS A 131 26.42 8.99 24.61
N PHE A 132 25.46 8.63 23.76
CA PHE A 132 24.83 9.65 22.95
C PHE A 132 23.81 10.42 23.79
N ASP A 133 23.31 11.53 23.22
CA ASP A 133 22.58 12.50 24.03
C ASP A 133 21.36 11.88 24.70
N THR A 134 20.60 11.06 23.98
CA THR A 134 19.44 10.42 24.59
CA THR A 134 19.44 10.40 24.56
C THR A 134 19.85 9.32 25.56
N THR A 135 20.95 8.62 25.27
CA THR A 135 21.42 7.58 26.18
C THR A 135 21.95 8.19 27.47
N ALA A 136 22.75 9.25 27.37
CA ALA A 136 23.27 9.91 28.56
C ALA A 136 22.17 10.60 29.35
N ALA A 137 21.10 11.03 28.69
CA ALA A 137 20.01 11.68 29.40
C ALA A 137 19.29 10.69 30.31
N HIS A 138 19.05 9.46 29.84
CA HIS A 138 18.39 8.46 30.67
C HIS A 138 19.30 8.00 31.81
N VAL A 139 20.61 7.99 31.59
CA VAL A 139 21.55 7.70 32.67
C VAL A 139 21.43 8.74 33.77
N GLU A 140 21.36 10.01 33.39
CA GLU A 140 21.30 11.09 34.36
C GLU A 140 19.90 11.30 34.91
N LEU A 141 18.86 10.96 34.14
CA LEU A 141 17.49 11.07 34.64
C LEU A 141 17.21 10.08 35.76
N ASN A 142 18.02 9.02 35.89
CA ASN A 142 17.89 8.07 36.96
C ASN A 142 18.90 8.29 38.09
N GLY A 143 19.61 9.42 38.06
CA GLY A 143 20.55 9.75 39.11
C GLY A 143 21.92 9.14 38.99
N CYS A 144 22.40 8.89 37.77
CA CYS A 144 23.70 8.30 37.55
C CYS A 144 24.60 9.24 36.75
N LYS A 145 25.88 8.93 36.73
CA LYS A 145 26.87 9.71 35.98
C LYS A 145 27.19 9.00 34.68
N ALA A 146 27.21 9.76 33.58
CA ALA A 146 27.47 9.21 32.25
C ALA A 146 28.94 9.48 31.93
N ILE A 147 29.76 8.43 32.03
CA ILE A 147 31.20 8.53 31.81
C ILE A 147 31.53 8.05 30.40
N ASN A 148 32.23 8.89 29.65
CA ASN A 148 32.63 8.59 28.29
C ASN A 148 34.14 8.44 28.22
N ILE A 149 34.61 7.32 27.65
CA ILE A 149 36.03 7.02 27.63
C ILE A 149 36.45 6.55 26.23
N VAL A 150 36.09 7.32 25.21
CA VAL A 150 36.51 6.97 23.84
C VAL A 150 38.02 7.10 23.73
N THR A 151 38.59 6.33 22.80
CA THR A 151 40.03 6.37 22.58
C THR A 151 40.46 7.79 22.18
N GLU A 152 41.67 8.16 22.61
CA GLU A 152 42.17 9.50 22.34
C GLU A 152 42.35 9.75 20.84
N LYS A 153 42.59 8.68 20.06
CA LYS A 153 42.81 8.82 18.63
C LYS A 153 41.58 9.32 17.90
N ALA A 154 40.42 9.39 18.55
CA ALA A 154 39.25 9.99 17.93
C ALA A 154 39.33 11.51 17.91
N PHE A 155 40.11 12.11 18.81
CA PHE A 155 40.22 13.56 18.90
C PHE A 155 41.15 14.14 17.84
N ASP A 156 41.98 13.31 17.21
CA ASP A 156 42.83 13.75 16.10
C ASP A 156 42.04 13.50 14.82
N SER A 157 41.37 14.54 14.33
CA SER A 157 40.38 14.37 13.27
C SER A 157 41.04 13.97 11.95
N GLU A 158 42.17 14.56 11.61
CA GLU A 158 42.76 14.34 10.29
C GLU A 158 43.66 13.13 10.22
N THR A 159 44.09 12.59 11.35
CA THR A 159 44.96 11.41 11.37
C THR A 159 44.12 10.15 11.27
N TYR A 160 44.46 9.28 10.32
CA TYR A 160 43.69 8.07 10.09
C TYR A 160 43.93 7.05 11.19
N ASP A 161 42.85 6.39 11.61
CA ASP A 161 42.94 5.21 12.45
C ASP A 161 41.77 4.29 12.12
N ASP A 162 41.97 2.99 12.30
CA ASP A 162 40.95 2.02 11.92
C ASP A 162 39.77 2.02 12.87
N TRP A 163 39.99 2.31 14.15
CA TRP A 163 38.99 2.12 15.19
C TRP A 163 38.92 3.37 16.07
N LYS A 164 38.44 4.47 15.51
CA LYS A 164 38.30 5.70 16.29
C LYS A 164 37.15 5.64 17.29
N GLY A 165 36.36 4.57 17.31
CA GLY A 165 35.32 4.42 18.30
C GLY A 165 35.65 3.49 19.44
N ASP A 166 36.88 3.00 19.51
CA ASP A 166 37.26 2.03 20.53
C ASP A 166 37.20 2.63 21.93
N PHE A 167 36.94 1.75 22.90
CA PHE A 167 37.12 2.13 24.30
C PHE A 167 38.57 2.45 24.58
N ASP A 168 38.80 3.32 25.56
CA ASP A 168 40.13 3.53 26.11
C ASP A 168 40.30 2.52 27.23
N ILE A 169 40.95 1.39 26.92
CA ILE A 169 41.07 0.30 27.90
C ILE A 169 41.75 0.79 29.17
N LYS A 170 42.73 1.68 29.03
CA LYS A 170 43.38 2.24 30.20
C LYS A 170 42.38 3.01 31.07
N LYS A 171 41.57 3.87 30.45
CA LYS A 171 40.58 4.61 31.22
C LYS A 171 39.52 3.71 31.83
N LEU A 172 39.20 2.59 31.17
CA LEU A 172 38.18 1.69 31.69
C LEU A 172 38.60 1.11 33.03
N LYS A 173 39.81 0.56 33.11
CA LYS A 173 40.29 -0.01 34.37
C LYS A 173 40.44 1.07 35.43
N GLU A 174 40.76 2.30 35.02
CA GLU A 174 40.91 3.39 35.99
C GLU A 174 39.56 3.78 36.59
N ASN A 175 38.52 3.86 35.75
CA ASN A 175 37.19 4.17 36.27
C ASN A 175 36.66 3.04 37.16
N ILE A 176 36.99 1.79 36.82
CA ILE A 176 36.59 0.67 37.67
C ILE A 176 37.27 0.76 39.02
N ALA A 177 38.53 1.19 39.05
CA ALA A 177 39.24 1.30 40.32
C ALA A 177 38.79 2.53 41.10
N GLN A 178 38.36 3.59 40.41
CA GLN A 178 37.97 4.81 41.10
C GLN A 178 36.58 4.70 41.71
N HIS A 179 35.62 4.15 40.96
CA HIS A 179 34.25 4.04 41.44
C HIS A 179 33.92 2.69 42.07
N GLY A 180 34.68 1.65 41.76
CA GLY A 180 34.36 0.32 42.26
C GLY A 180 33.35 -0.39 41.37
N ALA A 181 33.50 -1.70 41.22
CA ALA A 181 32.58 -2.45 40.38
C ALA A 181 31.15 -2.42 40.93
N ASP A 182 31.01 -2.27 42.25
CA ASP A 182 29.68 -2.22 42.85
C ASP A 182 28.90 -0.97 42.46
N ASN A 183 29.58 0.07 41.99
CA ASN A 183 28.92 1.30 41.56
C ASN A 183 28.77 1.39 40.04
N ILE A 184 29.33 0.45 39.29
CA ILE A 184 29.25 0.46 37.84
C ILE A 184 28.03 -0.36 37.43
N VAL A 185 26.93 0.33 37.13
CA VAL A 185 25.68 -0.35 36.79
C VAL A 185 25.87 -1.20 35.52
N ALA A 186 26.31 -0.57 34.45
CA ALA A 186 26.49 -1.27 33.19
C ALA A 186 27.56 -0.57 32.36
N ILE A 187 28.17 -1.34 31.47
CA ILE A 187 29.04 -0.81 30.43
C ILE A 187 28.24 -0.81 29.13
N VAL A 188 28.20 0.33 28.45
CA VAL A 188 27.36 0.52 27.27
C VAL A 188 28.29 0.60 26.06
N SER A 189 28.34 -0.46 25.28
CA SER A 189 29.14 -0.49 24.06
C SER A 189 28.31 0.08 22.92
N THR A 190 28.69 1.26 22.42
CA THR A 190 27.98 1.92 21.33
C THR A 190 28.66 1.54 20.02
N VAL A 191 27.89 0.93 19.11
CA VAL A 191 28.40 0.50 17.81
C VAL A 191 27.40 0.93 16.74
N THR A 192 27.83 1.80 15.84
CA THR A 192 29.12 2.47 15.91
C THR A 192 29.07 3.59 16.94
N CYS A 193 30.22 4.12 17.31
CA CYS A 193 30.28 5.24 18.24
C CYS A 193 29.80 6.50 17.53
N ASN A 194 28.57 6.91 17.84
CA ASN A 194 27.95 8.02 17.12
C ASN A 194 28.64 9.34 17.44
N SER A 195 28.93 9.59 18.72
CA SER A 195 29.53 10.86 19.12
C SER A 195 30.94 11.02 18.56
N ALA A 196 31.67 9.92 18.37
CA ALA A 196 33.02 10.01 17.80
C ALA A 196 33.02 10.20 16.30
N GLY A 197 31.87 10.16 15.65
CA GLY A 197 31.78 10.35 14.22
C GLY A 197 31.34 9.13 13.46
N GLY A 198 30.49 8.32 14.08
CA GLY A 198 30.10 7.05 13.49
C GLY A 198 31.23 6.07 13.31
N GLN A 199 32.30 6.21 14.10
CA GLN A 199 33.50 5.42 13.94
C GLN A 199 33.32 4.03 14.54
N PRO A 200 33.91 3.01 13.94
CA PRO A 200 33.66 1.63 14.37
C PRO A 200 34.44 1.27 15.63
N VAL A 201 34.06 0.13 16.21
CA VAL A 201 34.73 -0.46 17.36
C VAL A 201 35.25 -1.83 16.95
N SER A 202 36.54 -2.06 17.15
CA SER A 202 37.15 -3.32 16.74
C SER A 202 36.58 -4.48 17.54
N MET A 203 36.73 -5.68 16.99
CA MET A 203 36.27 -6.87 17.68
C MET A 203 37.08 -7.13 18.94
N SER A 204 38.41 -7.01 18.83
CA SER A 204 39.26 -7.23 20.00
C SER A 204 39.01 -6.21 21.10
N ASN A 205 38.54 -5.01 20.72
CA ASN A 205 38.17 -4.03 21.74
C ASN A 205 36.89 -4.42 22.44
N LEU A 206 35.89 -4.89 21.68
CA LEU A 206 34.65 -5.37 22.30
C LEU A 206 34.92 -6.59 23.17
N LYS A 207 35.82 -7.47 22.74
CA LYS A 207 36.14 -8.66 23.53
C LYS A 207 36.83 -8.29 24.83
N GLU A 208 37.83 -7.41 24.76
CA GLU A 208 38.58 -7.03 25.96
C GLU A 208 37.70 -6.27 26.94
N VAL A 209 36.82 -5.40 26.45
CA VAL A 209 35.90 -4.70 27.33
C VAL A 209 34.96 -5.68 28.03
N TYR A 210 34.47 -6.67 27.28
CA TYR A 210 33.55 -7.65 27.87
C TYR A 210 34.26 -8.53 28.88
N GLU A 211 35.51 -8.93 28.59
CA GLU A 211 36.24 -9.79 29.52
C GLU A 211 36.57 -9.05 30.81
N ILE A 212 36.85 -7.75 30.71
CA ILE A 212 37.11 -6.96 31.92
C ILE A 212 35.82 -6.82 32.73
N ALA A 213 34.69 -6.63 32.05
CA ALA A 213 33.42 -6.54 32.76
C ALA A 213 33.03 -7.87 33.40
N LYS A 214 33.35 -8.98 32.71
CA LYS A 214 33.08 -10.30 33.29
C LYS A 214 33.95 -10.56 34.52
N GLN A 215 35.14 -9.95 34.56
CA GLN A 215 36.00 -10.10 35.74
C GLN A 215 35.34 -9.49 36.97
N HIS A 216 34.65 -8.36 36.81
CA HIS A 216 34.07 -7.63 37.93
C HIS A 216 32.57 -7.85 38.07
N GLY A 217 32.01 -8.80 37.32
CA GLY A 217 30.58 -9.04 37.39
C GLY A 217 29.74 -7.85 36.95
N ILE A 218 30.14 -7.20 35.87
CA ILE A 218 29.48 -6.00 35.38
C ILE A 218 28.64 -6.37 34.16
N PHE A 219 27.40 -5.86 34.13
CA PHE A 219 26.50 -6.10 33.01
C PHE A 219 26.91 -5.21 31.83
N VAL A 220 26.85 -5.79 30.62
CA VAL A 220 27.25 -5.10 29.40
C VAL A 220 26.05 -5.01 28.47
N VAL A 221 25.72 -3.80 28.04
CA VAL A 221 24.65 -3.55 27.08
C VAL A 221 25.28 -3.01 25.81
N MET A 222 24.82 -3.51 24.66
CA MET A 222 25.32 -3.10 23.36
C MET A 222 24.32 -2.12 22.75
N ASP A 223 24.64 -0.83 22.78
CA ASP A 223 23.85 0.16 22.07
C ASP A 223 23.98 -0.12 20.58
N SER A 224 22.93 -0.69 19.97
CA SER A 224 23.03 -1.37 18.69
C SER A 224 22.29 -0.65 17.56
N ALA A 225 22.24 0.69 17.61
CA ALA A 225 21.55 1.43 16.56
C ALA A 225 22.20 1.19 15.20
N ARG A 226 23.53 1.23 15.15
CA ARG A 226 24.24 1.08 13.88
C ARG A 226 25.24 -0.07 13.93
N PHE A 227 24.75 -1.26 14.30
CA PHE A 227 25.62 -2.42 14.46
C PHE A 227 25.99 -3.06 13.14
N CYS A 228 25.15 -2.94 12.11
CA CYS A 228 25.49 -3.49 10.80
C CYS A 228 26.64 -2.70 10.17
N GLU A 229 26.56 -1.37 10.23
CA GLU A 229 27.66 -0.55 9.74
C GLU A 229 28.94 -0.80 10.53
N ASN A 230 28.81 -1.11 11.82
CA ASN A 230 29.99 -1.48 12.60
C ASN A 230 30.53 -2.82 12.13
N ALA A 231 29.65 -3.77 11.80
CA ALA A 231 30.09 -5.07 11.34
C ALA A 231 30.80 -4.97 9.99
N TYR A 232 30.36 -4.05 9.12
CA TYR A 232 31.02 -3.88 7.84
C TYR A 232 32.47 -3.44 8.01
N PHE A 233 32.70 -2.47 8.90
CA PHE A 233 34.06 -2.00 9.14
C PHE A 233 34.94 -3.12 9.70
N ILE A 234 34.37 -3.97 10.57
CA ILE A 234 35.14 -5.07 11.13
C ILE A 234 35.56 -6.04 10.02
N LYS A 235 34.67 -6.29 9.06
CA LYS A 235 35.07 -7.11 7.92
C LYS A 235 36.09 -6.39 7.05
N ALA A 236 36.00 -5.07 6.93
CA ALA A 236 36.86 -4.35 6.02
C ALA A 236 38.25 -4.08 6.61
N ARG A 237 38.32 -3.82 7.92
CA ARG A 237 39.54 -3.36 8.54
C ARG A 237 40.23 -4.40 9.41
N ASP A 238 39.55 -5.50 9.76
CA ASP A 238 40.17 -6.58 10.52
C ASP A 238 40.53 -7.71 9.59
N PRO A 239 41.80 -8.07 9.44
CA PRO A 239 42.16 -9.19 8.55
C PRO A 239 41.60 -10.52 9.00
N LYS A 240 41.20 -10.65 10.27
CA LYS A 240 40.67 -11.90 10.78
C LYS A 240 39.29 -12.22 10.21
N TYR A 241 38.50 -11.19 9.91
CA TYR A 241 37.16 -11.36 9.35
C TYR A 241 37.10 -10.98 7.87
N LYS A 242 38.19 -11.24 7.13
CA LYS A 242 38.24 -10.82 5.74
C LYS A 242 37.33 -11.68 4.87
N ASN A 243 37.27 -12.98 5.15
CA ASN A 243 36.44 -13.91 4.38
C ASN A 243 35.19 -14.33 5.16
N ALA A 244 34.73 -13.48 6.08
CA ALA A 244 33.56 -13.78 6.89
C ALA A 244 32.36 -12.98 6.40
N THR A 245 31.17 -13.57 6.54
CA THR A 245 29.96 -12.86 6.20
C THR A 245 29.66 -11.80 7.26
N ILE A 246 28.82 -10.84 6.88
CA ILE A 246 28.42 -9.80 7.83
C ILE A 246 27.71 -10.41 9.03
N LYS A 247 26.84 -11.40 8.78
CA LYS A 247 26.16 -12.08 9.88
C LYS A 247 27.16 -12.77 10.80
N GLU A 248 28.19 -13.41 10.23
CA GLU A 248 29.20 -14.04 11.06
C GLU A 248 29.92 -13.01 11.93
N VAL A 249 30.11 -11.81 11.41
CA VAL A 249 30.71 -10.74 12.21
C VAL A 249 29.74 -10.28 13.29
N ILE A 250 28.46 -10.17 12.96
CA ILE A 250 27.45 -9.77 13.94
C ILE A 250 27.34 -10.82 15.04
N PHE A 251 27.41 -12.10 14.66
CA PHE A 251 27.31 -13.18 15.64
C PHE A 251 28.45 -13.12 16.66
N ASP A 252 29.64 -12.72 16.20
CA ASP A 252 30.78 -12.62 17.11
C ASP A 252 30.75 -11.36 17.95
N MET A 253 30.21 -10.26 17.42
CA MET A 253 30.11 -9.03 18.20
C MET A 253 29.32 -9.24 19.48
N TYR A 254 28.20 -9.96 19.39
CA TYR A 254 27.28 -10.09 20.51
C TYR A 254 27.60 -11.28 21.41
N LYS A 255 28.71 -11.99 21.16
CA LYS A 255 29.29 -12.81 22.21
C LYS A 255 29.91 -11.97 23.31
N TYR A 256 30.07 -10.66 23.08
CA TYR A 256 30.70 -9.75 24.01
C TYR A 256 29.71 -8.73 24.55
N ALA A 257 28.50 -9.20 24.86
CA ALA A 257 27.49 -8.38 25.50
C ALA A 257 26.48 -9.31 26.15
N ASP A 258 25.78 -8.79 27.16
CA ASP A 258 24.72 -9.53 27.84
C ASP A 258 23.32 -9.08 27.44
N ALA A 259 23.20 -7.94 26.75
CA ALA A 259 21.92 -7.42 26.31
C ALA A 259 22.20 -6.34 25.27
N LEU A 260 21.14 -5.89 24.60
CA LEU A 260 21.26 -4.83 23.62
C LEU A 260 20.05 -3.92 23.71
N THR A 261 20.29 -2.63 23.47
CA THR A 261 19.23 -1.63 23.26
C THR A 261 19.51 -1.01 21.90
N MET A 262 18.62 -1.26 20.94
CA MET A 262 18.83 -0.82 19.57
CA MET A 262 18.81 -0.86 19.56
C MET A 262 17.68 0.06 19.12
N SER A 263 18.01 1.09 18.35
CA SER A 263 17.02 1.94 17.71
C SER A 263 16.85 1.40 16.30
N ALA A 264 15.73 0.71 16.06
CA ALA A 264 15.51 0.09 14.76
C ALA A 264 15.34 1.11 13.66
N LYS A 265 15.28 2.40 14.01
CA LYS A 265 15.16 3.48 13.05
C LYS A 265 16.48 3.78 12.33
N LYS A 266 17.53 2.99 12.58
CA LYS A 266 18.80 3.21 11.90
C LYS A 266 19.11 2.09 10.92
N ASP A 267 19.99 1.17 11.31
CA ASP A 267 20.43 0.11 10.41
C ASP A 267 19.31 -0.84 9.98
N PRO A 268 18.30 -1.18 10.82
CA PRO A 268 17.21 -2.01 10.32
C PRO A 268 16.31 -1.35 9.28
N LEU A 269 16.66 -0.14 8.84
CA LEU A 269 16.03 0.50 7.68
C LEU A 269 14.53 0.74 7.91
N LEU A 270 14.20 1.41 9.01
CA LEU A 270 12.81 1.64 9.39
C LEU A 270 12.54 3.13 9.58
N ASN A 271 11.27 3.46 9.73
CA ASN A 271 10.82 4.80 10.09
C ASN A 271 10.44 4.92 11.55
N ILE A 272 10.23 3.79 12.24
CA ILE A 272 9.93 3.78 13.67
C ILE A 272 10.29 2.40 14.18
N GLY A 273 10.52 2.29 15.48
CA GLY A 273 10.81 0.99 16.06
C GLY A 273 12.05 0.93 16.92
N GLY A 274 11.97 0.16 18.00
CA GLY A 274 13.11 -0.12 18.86
C GLY A 274 13.08 -1.56 19.30
N LEU A 275 14.10 -1.95 20.06
CA LEU A 275 14.19 -3.34 20.49
C LEU A 275 15.11 -3.45 21.69
N VAL A 276 14.68 -4.25 22.67
CA VAL A 276 15.52 -4.74 23.74
C VAL A 276 15.67 -6.25 23.55
N ALA A 277 16.89 -6.74 23.62
CA ALA A 277 17.16 -8.17 23.57
C ALA A 277 18.14 -8.53 24.66
N ILE A 278 17.91 -9.65 25.32
CA ILE A 278 18.69 -10.06 26.48
C ILE A 278 19.23 -11.47 26.23
N ARG A 279 20.52 -11.66 26.53
CA ARG A 279 21.21 -12.89 26.15
C ARG A 279 20.62 -14.11 26.87
N ASP A 280 20.72 -14.13 28.19
CA ASP A 280 20.24 -15.29 28.94
C ASP A 280 19.74 -14.96 30.35
N ASN A 281 19.83 -13.71 30.80
CA ASN A 281 19.40 -13.34 32.14
C ASN A 281 17.88 -13.19 32.14
N GLU A 282 17.18 -14.22 32.63
CA GLU A 282 15.72 -14.18 32.65
C GLU A 282 15.20 -13.21 33.69
N GLU A 283 15.93 -13.03 34.79
CA GLU A 283 15.49 -12.10 35.83
C GLU A 283 15.49 -10.66 35.32
N ILE A 284 16.55 -10.27 34.60
CA ILE A 284 16.59 -8.95 33.99
C ILE A 284 15.48 -8.83 32.94
N PHE A 285 15.24 -9.91 32.20
CA PHE A 285 14.16 -9.90 31.22
C PHE A 285 12.81 -9.74 31.88
N THR A 286 12.61 -10.42 33.01
CA THR A 286 11.32 -10.34 33.72
C THR A 286 11.08 -8.93 34.26
N LEU A 287 12.09 -8.35 34.91
CA LEU A 287 11.95 -7.00 35.43
C LEU A 287 11.74 -5.99 34.31
N ALA A 288 12.43 -6.16 33.19
CA ALA A 288 12.26 -5.25 32.06
C ALA A 288 10.86 -5.36 31.47
N ARG A 289 10.26 -6.55 31.49
CA ARG A 289 8.88 -6.69 31.05
C ARG A 289 7.92 -5.92 31.95
N GLN A 290 8.13 -6.00 33.26
CA GLN A 290 7.25 -5.31 34.21
C GLN A 290 7.30 -3.80 34.05
N ARG A 291 8.40 -3.26 33.51
CA ARG A 291 8.48 -1.83 33.23
C ARG A 291 7.97 -1.50 31.83
N CYS A 292 8.08 -2.43 30.89
CA CYS A 292 7.63 -2.17 29.52
C CYS A 292 6.13 -1.91 29.46
N VAL A 293 5.35 -2.59 30.31
CA VAL A 293 3.89 -2.52 30.24
C VAL A 293 3.38 -1.12 30.56
N PRO A 294 3.75 -0.51 31.70
CA PRO A 294 3.25 0.86 31.97
C PRO A 294 3.87 1.93 31.10
N MET A 295 5.08 1.72 30.58
CA MET A 295 5.81 2.74 29.84
C MET A 295 5.60 2.66 28.32
N GLU A 296 5.78 1.49 27.72
CA GLU A 296 5.67 1.34 26.27
C GLU A 296 4.37 0.68 25.85
N GLY A 297 4.03 -0.45 26.45
CA GLY A 297 2.85 -1.19 26.09
C GLY A 297 3.04 -2.65 26.45
N PHE A 298 2.09 -3.48 26.01
CA PHE A 298 2.18 -4.91 26.30
C PHE A 298 3.47 -5.48 25.72
N VAL A 299 3.95 -6.56 26.34
CA VAL A 299 5.30 -7.07 26.07
C VAL A 299 5.46 -7.72 24.71
N THR A 300 4.39 -7.84 23.92
CA THR A 300 4.50 -8.43 22.58
C THR A 300 4.33 -7.41 21.46
N TYR A 301 4.11 -6.13 21.79
CA TYR A 301 4.20 -5.07 20.78
C TYR A 301 4.96 -3.84 21.26
N GLY A 302 4.91 -3.48 22.55
CA GLY A 302 5.80 -2.47 23.10
C GLY A 302 5.72 -1.10 22.47
N GLY A 303 4.51 -0.65 22.17
CA GLY A 303 4.32 0.64 21.53
C GLY A 303 4.51 0.67 20.04
N LEU A 304 4.52 -0.48 19.38
CA LEU A 304 4.63 -0.57 17.93
C LEU A 304 3.36 -1.18 17.35
N ALA A 305 2.94 -0.67 16.20
CA ALA A 305 1.94 -1.38 15.42
C ALA A 305 2.52 -2.72 14.96
N GLY A 306 1.64 -3.70 14.77
CA GLY A 306 2.09 -5.01 14.31
C GLY A 306 2.83 -4.93 12.99
N ARG A 307 2.42 -3.99 12.12
CA ARG A 307 3.08 -3.82 10.83
C ARG A 307 4.53 -3.36 11.00
N ASP A 308 4.82 -2.61 12.05
CA ASP A 308 6.19 -2.12 12.26
C ASP A 308 7.11 -3.21 12.78
N MET A 309 6.60 -4.13 13.60
CA MET A 309 7.39 -5.31 13.93
C MET A 309 7.63 -6.16 12.69
N ALA A 310 6.64 -6.21 11.78
CA ALA A 310 6.82 -6.95 10.54
C ALA A 310 7.88 -6.32 9.66
N ALA A 311 7.83 -4.99 9.50
CA ALA A 311 8.87 -4.30 8.74
C ALA A 311 10.24 -4.45 9.39
N MET A 312 10.28 -4.55 10.72
CA MET A 312 11.55 -4.71 11.43
C MET A 312 12.16 -6.08 11.16
N VAL A 313 11.33 -7.13 11.13
CA VAL A 313 11.83 -8.47 10.83
C VAL A 313 12.51 -8.49 9.48
N GLN A 314 11.89 -7.87 8.47
CA GLN A 314 12.49 -7.83 7.15
C GLN A 314 13.71 -6.90 7.12
N GLY A 315 13.58 -5.73 7.75
CA GLY A 315 14.67 -4.77 7.71
C GLY A 315 15.93 -5.23 8.41
N LEU A 316 15.79 -6.05 9.46
CA LEU A 316 16.95 -6.61 10.12
C LEU A 316 17.75 -7.50 9.17
N GLU A 317 17.08 -8.16 8.23
CA GLU A 317 17.78 -8.97 7.24
C GLU A 317 18.45 -8.11 6.17
N GLU A 318 17.72 -7.09 5.69
CA GLU A 318 18.27 -6.24 4.63
C GLU A 318 19.43 -5.39 5.13
N GLY A 319 19.42 -5.00 6.39
CA GLY A 319 20.48 -4.17 6.93
C GLY A 319 21.82 -4.85 7.00
N THR A 320 21.84 -6.19 6.95
CA THR A 320 23.07 -6.94 7.03
C THR A 320 23.60 -7.35 5.66
N GLU A 321 22.95 -6.97 4.58
CA GLU A 321 23.37 -7.40 3.24
C GLU A 321 24.61 -6.60 2.83
N GLU A 322 25.69 -7.32 2.52
CA GLU A 322 26.99 -6.68 2.32
C GLU A 322 26.96 -5.73 1.12
N GLU A 323 26.26 -6.10 0.05
CA GLU A 323 26.20 -5.23 -1.13
C GLU A 323 25.56 -3.90 -0.78
N TYR A 324 24.54 -3.92 0.08
CA TYR A 324 23.92 -2.67 0.52
C TYR A 324 24.87 -1.88 1.41
N LEU A 325 25.50 -2.54 2.38
CA LEU A 325 26.41 -1.84 3.29
C LEU A 325 27.57 -1.21 2.53
N HIS A 326 28.05 -1.88 1.49
CA HIS A 326 29.14 -1.33 0.68
C HIS A 326 28.73 -0.04 0.00
N TYR A 327 27.51 -0.01 -0.55
CA TYR A 327 27.03 1.21 -1.21
C TYR A 327 26.74 2.31 -0.19
N ARG A 328 26.03 1.96 0.88
CA ARG A 328 25.65 2.94 1.90
C ARG A 328 26.88 3.64 2.47
N ILE A 329 27.79 2.85 3.06
CA ILE A 329 29.00 3.42 3.64
C ILE A 329 29.87 4.02 2.55
N GLY A 330 29.87 3.43 1.36
CA GLY A 330 30.62 4.00 0.25
C GLY A 330 30.11 5.34 -0.20
N GLN A 331 28.79 5.59 -0.03
CA GLN A 331 28.24 6.89 -0.38
C GLN A 331 28.71 7.96 0.61
N VAL A 332 28.67 7.65 1.90
CA VAL A 332 29.17 8.59 2.90
C VAL A 332 30.66 8.85 2.68
N LYS A 333 31.41 7.81 2.34
CA LYS A 333 32.82 7.99 2.00
C LYS A 333 32.99 8.91 0.80
N TYR A 334 32.04 8.88 -0.14
CA TYR A 334 32.14 9.74 -1.32
C TYR A 334 31.93 11.20 -0.95
N LEU A 335 30.97 11.49 -0.07
CA LEU A 335 30.75 12.86 0.35
C LEU A 335 31.93 13.40 1.15
N GLY A 336 32.51 12.56 2.01
CA GLY A 336 33.66 13.01 2.79
C GLY A 336 34.89 13.24 1.93
N ASP A 337 35.16 12.32 0.99
CA ASP A 337 36.32 12.48 0.12
C ASP A 337 36.20 13.73 -0.75
N ARG A 338 35.00 14.03 -1.23
CA ARG A 338 34.81 15.24 -2.01
C ARG A 338 35.12 16.48 -1.17
N LEU A 339 34.72 16.49 0.10
CA LEU A 339 35.03 17.61 0.98
C LEU A 339 36.51 17.61 1.35
N ARG A 340 37.06 16.44 1.66
CA ARG A 340 38.46 16.35 2.06
C ARG A 340 39.39 16.79 0.92
N GLU A 341 39.06 16.42 -0.31
CA GLU A 341 39.87 16.83 -1.45
C GLU A 341 39.77 18.32 -1.72
N ALA A 342 38.74 18.99 -1.20
CA ALA A 342 38.58 20.43 -1.40
C ALA A 342 39.13 21.25 -0.25
N GLY A 343 39.66 20.62 0.80
CA GLY A 343 40.25 21.34 1.91
C GLY A 343 39.38 21.48 3.13
N ILE A 344 38.20 20.87 3.16
CA ILE A 344 37.33 20.92 4.33
C ILE A 344 37.79 19.83 5.30
N PRO A 345 38.16 20.19 6.53
CA PRO A 345 38.59 19.17 7.49
C PRO A 345 37.40 18.35 7.99
N ILE A 346 37.55 17.03 7.97
CA ILE A 346 36.53 16.11 8.41
C ILE A 346 37.16 15.06 9.31
N GLN A 347 36.29 14.34 10.04
CA GLN A 347 36.73 13.18 10.81
C GLN A 347 37.12 12.07 9.84
N TYR A 348 38.42 11.76 9.77
CA TYR A 348 38.95 10.83 8.80
C TYR A 348 39.44 9.57 9.49
N PRO A 349 39.00 8.37 9.07
CA PRO A 349 38.10 8.14 7.93
C PRO A 349 36.64 8.43 8.27
N THR A 350 35.80 8.49 7.23
CA THR A 350 34.38 8.71 7.43
C THR A 350 33.74 7.52 8.15
N GLY A 351 32.68 7.80 8.89
CA GLY A 351 31.95 6.77 9.60
C GLY A 351 30.96 6.04 8.70
N GLY A 352 30.01 5.37 9.35
CA GLY A 352 29.06 4.55 8.63
C GLY A 352 27.85 5.29 8.12
N HIS A 353 27.44 6.37 8.81
CA HIS A 353 26.16 7.01 8.53
C HIS A 353 26.24 8.50 8.24
N ALA A 354 27.39 9.14 8.39
CA ALA A 354 27.45 10.59 8.24
C ALA A 354 28.89 11.04 8.05
N VAL A 355 29.04 12.26 7.56
CA VAL A 355 30.32 12.95 7.49
C VAL A 355 30.33 14.01 8.60
N PHE A 356 31.43 14.08 9.35
CA PHE A 356 31.56 14.98 10.49
C PHE A 356 32.57 16.06 10.15
N VAL A 357 32.08 17.26 9.88
CA VAL A 357 32.96 18.39 9.53
C VAL A 357 33.52 18.99 10.81
N ASP A 358 34.84 18.94 10.97
CA ASP A 358 35.51 19.50 12.14
C ASP A 358 35.45 21.02 12.05
N CYS A 359 34.56 21.62 12.82
CA CYS A 359 34.39 23.07 12.82
C CYS A 359 35.34 23.78 13.79
N LYS A 360 36.19 23.03 14.51
CA LYS A 360 37.26 23.69 15.26
C LYS A 360 38.28 24.29 14.31
N LYS A 361 38.69 23.53 13.29
CA LYS A 361 39.64 24.04 12.30
C LYS A 361 38.96 24.95 11.29
N LEU A 362 37.66 24.77 11.05
CA LEU A 362 36.97 25.53 10.02
C LEU A 362 36.69 26.97 10.48
N VAL A 363 36.19 27.13 11.69
CA VAL A 363 35.89 28.46 12.23
C VAL A 363 36.57 28.62 13.59
N PRO A 364 37.88 28.79 13.63
CA PRO A 364 38.58 28.89 14.93
C PRO A 364 38.28 30.18 15.70
N GLN A 365 37.70 31.19 15.07
CA GLN A 365 37.42 32.46 15.73
C GLN A 365 36.23 32.39 16.70
N ILE A 366 35.46 31.30 16.67
CA ILE A 366 34.32 31.12 17.56
C ILE A 366 34.72 30.13 18.65
N PRO A 367 34.64 30.51 19.93
CA PRO A 367 34.89 29.54 21.00
C PRO A 367 33.86 28.43 21.00
N GLY A 368 34.25 27.28 21.57
CA GLY A 368 33.38 26.13 21.60
C GLY A 368 32.10 26.36 22.38
N ASP A 369 32.17 27.16 23.45
CA ASP A 369 30.99 27.47 24.25
C ASP A 369 29.96 28.30 23.49
N GLN A 370 30.34 28.89 22.35
CA GLN A 370 29.43 29.63 21.50
C GLN A 370 28.95 28.81 20.31
N PHE A 371 29.27 27.51 20.29
CA PHE A 371 28.79 26.55 19.30
C PHE A 371 29.20 26.98 17.88
N PRO A 372 30.48 26.87 17.54
CA PRO A 372 30.90 27.23 16.17
C PRO A 372 30.28 26.35 15.10
N ALA A 373 30.13 25.05 15.38
CA ALA A 373 29.53 24.15 14.41
C ALA A 373 28.10 24.57 14.10
N GLN A 374 27.39 25.14 15.07
CA GLN A 374 26.02 25.59 14.81
C GLN A 374 26.00 26.80 13.88
N ALA A 375 27.00 27.68 13.99
CA ALA A 375 27.09 28.81 13.08
C ALA A 375 27.34 28.36 11.65
N VAL A 376 28.09 27.28 11.46
CA VAL A 376 28.34 26.76 10.13
C VAL A 376 27.07 26.13 9.55
N ILE A 377 26.30 25.44 10.39
CA ILE A 377 25.07 24.80 9.92
C ILE A 377 24.08 25.85 9.44
N ASN A 378 23.89 26.90 10.24
CA ASN A 378 22.96 27.96 9.86
C ASN A 378 23.41 28.62 8.56
N ALA A 379 24.73 28.77 8.39
CA ALA A 379 25.24 29.34 7.14
C ALA A 379 24.99 28.40 5.96
N LEU A 380 25.17 27.10 6.18
CA LEU A 380 24.91 26.15 5.09
C LEU A 380 23.43 26.14 4.70
N TYR A 381 22.54 26.20 5.70
CA TYR A 381 21.11 26.19 5.39
C TYR A 381 20.71 27.43 4.60
N LEU A 382 21.11 28.62 5.08
CA LEU A 382 20.76 29.84 4.37
C LEU A 382 21.39 29.87 2.99
N GLU A 383 22.45 29.11 2.78
CA GLU A 383 23.13 29.13 1.49
C GLU A 383 22.52 28.14 0.51
N SER A 384 22.07 26.99 1.00
CA SER A 384 21.67 25.90 0.11
C SER A 384 20.34 25.25 0.46
N GLY A 385 19.79 25.47 1.64
CA GLY A 385 18.60 24.74 2.04
C GLY A 385 18.86 23.34 2.55
N VAL A 386 20.12 22.93 2.67
CA VAL A 386 20.46 21.67 3.31
C VAL A 386 20.47 21.88 4.82
N ARG A 387 19.85 20.96 5.55
CA ARG A 387 19.75 21.06 7.00
C ARG A 387 20.63 20.00 7.64
N ALA A 388 21.62 20.43 8.41
CA ALA A 388 22.49 19.53 9.15
C ALA A 388 22.27 19.73 10.65
N VAL A 389 23.02 18.98 11.45
CA VAL A 389 22.85 18.97 12.91
C VAL A 389 24.23 19.08 13.57
N GLU A 390 24.23 19.60 14.79
CA GLU A 390 25.45 19.87 15.53
C GLU A 390 25.76 18.72 16.48
N ILE A 391 27.02 18.31 16.52
CA ILE A 391 27.50 17.32 17.46
C ILE A 391 28.72 17.88 18.18
N GLY A 392 28.49 18.80 19.11
CA GLY A 392 29.57 19.46 19.83
C GLY A 392 29.13 19.93 21.18
N SER A 393 29.53 21.15 21.55
CA SER A 393 29.19 21.69 22.87
C SER A 393 27.69 21.91 23.01
N PHE A 394 27.00 22.21 21.92
CA PHE A 394 25.56 22.39 21.96
C PHE A 394 24.87 21.11 22.43
N LEU A 395 25.15 19.99 21.76
CA LEU A 395 24.50 18.72 22.08
C LEU A 395 24.96 18.15 23.41
N LEU A 396 26.24 18.37 23.79
CA LEU A 396 26.74 17.80 25.03
C LEU A 396 26.00 18.33 26.25
N GLY A 397 25.48 19.55 26.16
CA GLY A 397 24.76 20.09 27.29
C GLY A 397 25.67 20.41 28.45
N ARG A 398 25.07 20.50 29.64
CA ARG A 398 25.76 20.85 30.86
C ARG A 398 25.91 19.63 31.77
N ASP A 399 26.94 19.66 32.60
CA ASP A 399 27.15 18.60 33.58
C ASP A 399 26.10 18.71 34.68
N PRO A 400 25.32 17.65 34.94
CA PRO A 400 24.27 17.75 35.97
C PRO A 400 24.80 18.11 37.35
N ALA A 401 26.07 17.87 37.64
CA ALA A 401 26.62 18.21 38.95
C ALA A 401 27.01 19.68 39.02
N THR A 402 27.89 20.12 38.10
CA THR A 402 28.36 21.50 38.12
C THR A 402 27.32 22.46 37.60
N GLY A 403 26.54 22.05 36.59
CA GLY A 403 25.61 22.95 35.95
C GLY A 403 26.19 23.82 34.87
N GLU A 404 27.46 23.60 34.52
CA GLU A 404 28.15 24.38 33.51
C GLU A 404 28.47 23.52 32.30
N GLN A 405 29.06 24.14 31.28
CA GLN A 405 29.29 23.48 30.00
C GLN A 405 30.18 22.25 30.17
N LYS A 406 29.70 21.11 29.68
CA LYS A 406 30.52 19.91 29.61
C LYS A 406 31.69 20.12 28.66
N HIS A 407 32.86 19.60 29.04
CA HIS A 407 34.05 19.77 28.22
C HIS A 407 33.89 19.00 26.91
N ALA A 408 33.94 19.72 25.80
CA ALA A 408 33.78 19.13 24.47
C ALA A 408 35.13 19.07 23.78
N ASP A 409 35.57 17.87 23.43
CA ASP A 409 36.81 17.71 22.69
C ASP A 409 36.60 17.88 21.19
N MET A 410 35.44 17.49 20.68
CA MET A 410 35.12 17.54 19.27
C MET A 410 33.98 18.51 19.02
N GLU A 411 34.15 19.41 18.06
CA GLU A 411 33.10 20.31 17.60
C GLU A 411 32.78 19.95 16.15
N PHE A 412 31.65 19.28 15.95
CA PHE A 412 31.32 18.68 14.68
C PHE A 412 30.03 19.23 14.09
N MET A 413 30.03 19.39 12.78
CA MET A 413 28.80 19.51 12.00
C MET A 413 28.56 18.15 11.35
N ARG A 414 27.40 17.56 11.62
CA ARG A 414 27.09 16.21 11.15
C ARG A 414 26.23 16.29 9.90
N LEU A 415 26.74 15.74 8.81
CA LEU A 415 25.98 15.62 7.56
C LEU A 415 25.43 14.19 7.52
N THR A 416 24.31 13.99 8.22
CA THR A 416 23.74 12.66 8.39
C THR A 416 22.99 12.24 7.13
N ILE A 417 23.25 11.02 6.66
CA ILE A 417 22.72 10.53 5.40
C ILE A 417 21.70 9.43 5.71
N ALA A 418 20.44 9.69 5.36
CA ALA A 418 19.43 8.64 5.43
C ALA A 418 19.77 7.53 4.44
N ARG A 419 19.30 6.32 4.74
CA ARG A 419 19.68 5.14 3.99
C ARG A 419 18.78 4.95 2.77
N ARG A 420 19.41 4.81 1.59
CA ARG A 420 18.74 4.53 0.32
C ARG A 420 17.78 5.63 -0.09
N VAL A 421 18.05 6.87 0.34
CA VAL A 421 17.15 7.98 0.11
C VAL A 421 17.70 8.96 -0.93
N TYR A 422 18.97 9.34 -0.78
CA TYR A 422 19.59 10.31 -1.66
C TYR A 422 20.63 9.63 -2.54
N THR A 423 20.88 10.22 -3.71
CA THR A 423 21.87 9.72 -4.66
C THR A 423 23.18 10.46 -4.49
N ASN A 424 24.22 9.96 -5.17
CA ASN A 424 25.51 10.64 -5.14
C ASN A 424 25.45 11.99 -5.83
N ASP A 425 24.43 12.23 -6.68
CA ASP A 425 24.22 13.57 -7.22
C ASP A 425 23.71 14.51 -6.15
N HIS A 426 22.88 14.00 -5.22
CA HIS A 426 22.50 14.79 -4.05
C HIS A 426 23.73 15.10 -3.20
N MET A 427 24.64 14.13 -3.06
CA MET A 427 25.87 14.36 -2.32
C MET A 427 26.68 15.49 -2.94
N ASP A 428 26.76 15.51 -4.28
CA ASP A 428 27.51 16.57 -4.95
C ASP A 428 26.91 17.94 -4.66
N TYR A 429 25.58 18.01 -4.58
CA TYR A 429 24.94 19.28 -4.21
C TYR A 429 25.36 19.72 -2.82
N ILE A 430 25.35 18.79 -1.86
CA ILE A 430 25.77 19.11 -0.50
C ILE A 430 27.22 19.56 -0.48
N ALA A 431 28.11 18.77 -1.09
CA ALA A 431 29.52 19.11 -1.09
C ALA A 431 29.78 20.44 -1.77
N ASP A 432 29.19 20.65 -2.95
CA ASP A 432 29.45 21.88 -3.69
C ASP A 432 28.89 23.10 -2.97
N ALA A 433 27.83 22.93 -2.19
CA ALA A 433 27.29 24.04 -1.40
C ALA A 433 28.22 24.41 -0.26
N LEU A 434 28.81 23.41 0.39
CA LEU A 434 29.70 23.69 1.51
C LEU A 434 31.06 24.22 1.03
N ILE A 435 31.57 23.67 -0.08
CA ILE A 435 32.82 24.16 -0.64
C ILE A 435 32.71 25.61 -1.04
N GLY A 436 31.53 26.04 -1.51
CA GLY A 436 31.31 27.42 -1.88
C GLY A 436 31.33 28.41 -0.74
N LEU A 437 31.52 27.95 0.50
CA LEU A 437 31.55 28.82 1.67
C LEU A 437 32.94 28.94 2.27
N LYS A 438 33.99 28.68 1.48
CA LYS A 438 35.35 28.73 2.03
C LYS A 438 35.78 30.15 2.36
N GLU A 439 35.25 31.14 1.65
CA GLU A 439 35.61 32.53 1.87
C GLU A 439 34.73 33.22 2.92
N LYS A 440 33.73 32.53 3.45
CA LYS A 440 32.81 33.10 4.43
C LYS A 440 32.98 32.50 5.82
N PHE A 441 33.87 31.53 6.00
CA PHE A 441 34.02 30.87 7.29
C PHE A 441 34.59 31.82 8.34
N ALA A 442 35.55 32.67 7.95
CA ALA A 442 36.16 33.59 8.90
C ALA A 442 35.21 34.69 9.35
N THR A 443 34.08 34.88 8.67
CA THR A 443 33.13 35.93 9.02
C THR A 443 32.07 35.48 10.02
N LEU A 444 31.90 34.18 10.22
CA LEU A 444 30.81 33.68 11.05
C LEU A 444 31.11 33.91 12.53
N LYS A 445 30.04 34.13 13.29
CA LYS A 445 30.12 34.30 14.73
C LYS A 445 29.09 33.40 15.40
N GLY A 446 29.34 33.08 16.67
CA GLY A 446 28.57 32.08 17.36
C GLY A 446 27.19 32.54 17.76
N LEU A 447 26.55 31.71 18.58
CA LEU A 447 25.18 31.91 19.04
C LEU A 447 25.15 31.96 20.56
N GLU A 448 24.12 32.63 21.10
CA GLU A 448 23.90 32.70 22.53
C GLU A 448 22.46 32.31 22.85
N PHE A 449 22.26 31.79 24.05
CA PHE A 449 20.98 31.22 24.43
C PHE A 449 19.92 32.29 24.65
N GLU A 450 18.73 32.03 24.11
CA GLU A 450 17.53 32.80 24.41
C GLU A 450 16.48 32.01 25.16
N TYR A 451 16.38 30.71 24.89
CA TYR A 451 15.54 29.79 25.67
C TYR A 451 16.29 28.46 25.75
N GLU A 452 16.58 27.99 26.96
CA GLU A 452 17.39 26.79 27.13
C GLU A 452 16.64 25.76 27.96
N PRO A 453 16.34 24.58 27.42
CA PRO A 453 15.77 23.52 28.25
C PRO A 453 16.82 22.93 29.17
N PRO A 454 16.43 22.42 30.34
CA PRO A 454 17.43 21.85 31.25
C PRO A 454 17.95 20.49 30.82
N VAL A 455 17.21 19.75 30.00
CA VAL A 455 17.60 18.41 29.56
C VAL A 455 17.43 18.33 28.05
N LEU A 456 18.46 17.85 27.36
CA LEU A 456 18.47 17.76 25.90
C LEU A 456 18.10 19.10 25.27
N ARG A 457 18.95 20.10 25.55
CA ARG A 457 18.63 21.48 25.24
C ARG A 457 18.58 21.75 23.74
N HIS A 458 19.44 21.10 22.96
CA HIS A 458 19.60 21.45 21.55
C HIS A 458 18.35 21.20 20.71
N PHE A 459 17.45 20.31 21.16
CA PHE A 459 16.31 19.94 20.32
C PHE A 459 15.33 21.09 20.17
N THR A 460 15.08 21.84 21.24
CA THR A 460 14.07 22.89 21.22
C THR A 460 14.60 24.26 21.60
N ALA A 461 15.89 24.41 21.87
CA ALA A 461 16.42 25.70 22.29
C ALA A 461 16.29 26.72 21.16
N ARG A 462 16.08 27.98 21.55
CA ARG A 462 16.04 29.09 20.62
C ARG A 462 17.30 29.93 20.84
N LEU A 463 18.09 30.09 19.79
CA LEU A 463 19.39 30.74 19.88
C LEU A 463 19.32 32.17 19.36
N LYS A 464 20.31 32.95 19.79
CA LYS A 464 20.47 34.34 19.38
C LYS A 464 21.86 34.50 18.79
N PRO A 465 22.00 35.04 17.58
CA PRO A 465 23.34 35.19 17.00
C PRO A 465 24.13 36.25 17.74
N ILE A 466 25.31 35.86 18.23
CA ILE A 466 26.21 36.78 18.90
C ILE A 466 26.69 37.80 17.86
N GLU A 467 25.79 38.67 17.44
CA GLU A 467 26.09 39.66 16.41
C GLU A 467 27.05 40.71 16.95
N ALA B 2 -33.38 -7.89 19.53
CA ALA B 2 -32.06 -7.51 19.05
C ALA B 2 -32.14 -6.99 17.61
N LYS B 3 -31.64 -5.77 17.39
CA LYS B 3 -31.73 -5.11 16.10
C LYS B 3 -30.33 -4.97 15.49
N ARG B 4 -30.24 -5.28 14.20
CA ARG B 4 -29.00 -5.17 13.45
C ARG B 4 -28.99 -3.87 12.64
N ILE B 5 -27.84 -3.20 12.62
CA ILE B 5 -27.66 -1.96 11.89
C ILE B 5 -26.67 -2.21 10.76
N VAL B 6 -27.03 -1.78 9.55
CA VAL B 6 -26.22 -2.06 8.37
C VAL B 6 -24.96 -1.20 8.39
N GLU B 7 -23.87 -1.76 7.87
CA GLU B 7 -22.60 -1.04 7.80
C GLU B 7 -22.72 0.16 6.86
N PRO B 8 -22.34 1.37 7.30
CA PRO B 8 -22.34 2.52 6.40
C PRO B 8 -21.10 2.55 5.51
N PHE B 9 -20.59 1.36 5.20
CA PHE B 9 -19.41 1.20 4.37
C PHE B 9 -19.45 -0.20 3.76
N ARG B 10 -18.50 -0.48 2.87
CA ARG B 10 -18.32 -1.81 2.34
C ARG B 10 -16.87 -2.24 2.50
N ILE B 11 -16.65 -3.54 2.42
CA ILE B 11 -15.34 -4.12 2.71
C ILE B 11 -14.43 -3.94 1.50
N LYS B 12 -13.19 -3.50 1.77
CA LYS B 12 -12.19 -3.33 0.72
C LYS B 12 -11.03 -4.31 0.84
N MET B 13 -10.63 -4.69 2.05
N MET B 13 -10.64 -4.71 2.05
CA MET B 13 -9.57 -5.66 2.25
CA MET B 13 -9.57 -5.67 2.24
C MET B 13 -9.96 -6.56 3.42
C MET B 13 -9.91 -6.55 3.44
N VAL B 14 -9.63 -7.86 3.30
CA VAL B 14 -9.97 -8.83 4.32
C VAL B 14 -8.71 -9.49 4.86
N GLU B 15 -8.85 -10.09 6.04
CA GLU B 15 -7.79 -10.85 6.70
C GLU B 15 -8.38 -12.15 7.21
N LYS B 16 -7.77 -13.27 6.87
CA LYS B 16 -8.29 -14.57 7.25
C LYS B 16 -8.25 -14.76 8.76
N ILE B 17 -9.33 -15.31 9.31
CA ILE B 17 -9.34 -15.79 10.69
C ILE B 17 -9.62 -17.28 10.67
N ARG B 18 -9.35 -17.93 11.81
CA ARG B 18 -9.34 -19.38 11.87
C ARG B 18 -9.74 -19.84 13.27
N VAL B 19 -10.50 -20.93 13.33
CA VAL B 19 -10.92 -21.52 14.60
C VAL B 19 -9.92 -22.61 14.97
N PRO B 20 -9.18 -22.46 16.07
CA PRO B 20 -8.30 -23.56 16.50
C PRO B 20 -9.11 -24.71 17.08
N SER B 21 -8.49 -25.90 17.05
CA SER B 21 -9.16 -27.08 17.58
C SER B 21 -9.24 -27.01 19.11
N ARG B 22 -10.10 -27.86 19.67
CA ARG B 22 -10.29 -27.90 21.11
C ARG B 22 -8.99 -28.22 21.83
N GLU B 23 -8.29 -29.27 21.39
CA GLU B 23 -7.03 -29.64 22.02
C GLU B 23 -5.98 -28.54 21.89
N GLU B 24 -6.00 -27.80 20.79
CA GLU B 24 -5.08 -26.67 20.64
C GLU B 24 -5.34 -25.61 21.69
N ARG B 25 -6.61 -25.33 21.98
CA ARG B 25 -6.95 -24.25 22.91
C ARG B 25 -6.58 -24.61 24.34
N GLU B 26 -6.83 -25.85 24.75
CA GLU B 26 -6.52 -26.26 26.12
C GLU B 26 -5.02 -26.27 26.36
N ALA B 27 -4.25 -26.80 25.40
CA ALA B 27 -2.80 -26.80 25.55
C ALA B 27 -2.23 -25.40 25.51
N ALA B 28 -2.83 -24.52 24.69
CA ALA B 28 -2.35 -23.14 24.63
C ALA B 28 -2.65 -22.38 25.91
N LEU B 29 -3.80 -22.64 26.52
CA LEU B 29 -4.13 -21.98 27.78
C LEU B 29 -3.25 -22.48 28.91
N LYS B 30 -3.02 -23.80 28.97
CA LYS B 30 -2.10 -24.35 29.96
C LYS B 30 -0.68 -23.81 29.74
N GLU B 31 -0.30 -23.60 28.48
CA GLU B 31 0.99 -22.99 28.20
C GLU B 31 1.03 -21.53 28.62
N ALA B 32 -0.09 -20.83 28.47
CA ALA B 32 -0.18 -19.40 28.78
C ALA B 32 -0.39 -19.13 30.27
N GLY B 33 -0.16 -20.11 31.13
CA GLY B 33 -0.42 -19.92 32.55
C GLY B 33 -1.86 -19.57 32.88
N TYR B 34 -2.80 -19.99 32.02
CA TYR B 34 -4.22 -19.69 32.19
C TYR B 34 -4.47 -18.18 32.20
N ASN B 35 -3.71 -17.45 31.40
CA ASN B 35 -3.90 -16.03 31.19
C ASN B 35 -4.01 -15.79 29.68
N PRO B 36 -5.18 -15.41 29.17
CA PRO B 36 -5.31 -15.22 27.70
C PRO B 36 -4.36 -14.18 27.13
N PHE B 37 -3.89 -13.23 27.93
CA PHE B 37 -2.88 -12.29 27.45
C PHE B 37 -1.64 -13.01 26.94
N LEU B 38 -1.29 -14.14 27.53
CA LEU B 38 -0.12 -14.91 27.15
C LEU B 38 -0.40 -15.91 26.03
N LEU B 39 -1.60 -15.87 25.44
CA LEU B 39 -1.90 -16.70 24.29
C LEU B 39 -1.35 -16.05 23.02
N PRO B 40 -0.88 -16.87 22.07
CA PRO B 40 -0.54 -16.33 20.75
C PRO B 40 -1.81 -16.10 19.93
N SER B 41 -1.72 -15.13 19.01
CA SER B 41 -2.88 -14.80 18.17
C SER B 41 -3.27 -15.97 17.28
N SER B 42 -2.32 -16.84 16.95
CA SER B 42 -2.64 -18.01 16.13
C SER B 42 -3.59 -18.97 16.83
N ALA B 43 -3.73 -18.85 18.15
CA ALA B 43 -4.62 -19.71 18.92
C ALA B 43 -5.93 -19.01 19.29
N VAL B 44 -6.25 -17.90 18.62
CA VAL B 44 -7.46 -17.13 18.90
C VAL B 44 -8.26 -17.04 17.61
N TYR B 45 -9.56 -17.30 17.71
CA TYR B 45 -10.45 -17.18 16.56
C TYR B 45 -10.93 -15.73 16.42
N ILE B 46 -11.86 -15.32 17.28
CA ILE B 46 -12.31 -13.94 17.34
C ILE B 46 -11.68 -13.32 18.58
N ASP B 47 -10.94 -12.23 18.38
CA ASP B 47 -10.19 -11.59 19.46
C ASP B 47 -10.98 -10.42 20.00
N LEU B 48 -11.54 -10.58 21.20
CA LEU B 48 -12.27 -9.52 21.88
C LEU B 48 -11.49 -8.99 23.08
N LEU B 49 -10.16 -9.14 23.06
CA LEU B 49 -9.34 -8.74 24.20
C LEU B 49 -9.35 -7.23 24.41
N THR B 50 -9.42 -6.46 23.32
CA THR B 50 -9.39 -5.01 23.41
C THR B 50 -9.91 -4.41 22.12
N ASP B 51 -10.36 -3.15 22.21
CA ASP B 51 -10.67 -2.33 21.06
C ASP B 51 -9.53 -1.38 20.70
N SER B 52 -8.34 -1.62 21.24
CA SER B 52 -7.21 -0.71 21.12
C SER B 52 -6.25 -1.22 20.06
N GLY B 53 -6.08 -0.43 18.99
CA GLY B 53 -5.10 -0.75 17.97
C GLY B 53 -5.49 -1.86 17.02
N THR B 54 -6.61 -2.54 17.25
CA THR B 54 -7.06 -3.63 16.39
C THR B 54 -8.09 -3.16 15.36
N ASN B 55 -8.30 -1.86 15.23
CA ASN B 55 -9.33 -1.35 14.33
C ASN B 55 -8.92 -1.51 12.87
N ALA B 56 -9.92 -1.46 12.00
CA ALA B 56 -9.72 -1.47 10.55
C ALA B 56 -9.79 -0.04 10.03
N MET B 57 -8.82 0.33 9.21
CA MET B 57 -8.75 1.68 8.68
C MET B 57 -9.45 1.78 7.34
N SER B 58 -9.79 3.00 6.95
CA SER B 58 -10.39 3.23 5.65
C SER B 58 -9.30 3.30 4.58
N ASP B 59 -9.74 3.38 3.32
CA ASP B 59 -8.80 3.58 2.23
C ASP B 59 -8.16 4.96 2.30
N HIS B 60 -8.89 5.96 2.79
CA HIS B 60 -8.31 7.29 2.95
C HIS B 60 -7.20 7.29 4.00
N GLN B 61 -7.37 6.50 5.05
CA GLN B 61 -6.34 6.42 6.09
C GLN B 61 -5.06 5.78 5.55
N TRP B 62 -5.20 4.73 4.73
CA TRP B 62 -4.02 4.13 4.11
C TRP B 62 -3.39 5.07 3.09
N ALA B 63 -4.22 5.82 2.37
CA ALA B 63 -3.68 6.81 1.44
C ALA B 63 -2.92 7.91 2.17
N ALA B 64 -3.43 8.34 3.32
CA ALA B 64 -2.72 9.33 4.12
C ALA B 64 -1.37 8.81 4.58
N MET B 65 -1.30 7.51 4.92
N MET B 65 -1.30 7.51 4.92
CA MET B 65 -0.04 6.94 5.38
CA MET B 65 -0.04 6.94 5.38
C MET B 65 0.99 6.91 4.27
C MET B 65 0.99 6.89 4.26
N ILE B 66 0.55 6.59 3.04
CA ILE B 66 1.50 6.43 1.93
C ILE B 66 2.22 7.74 1.62
N THR B 67 1.55 8.88 1.80
CA THR B 67 2.16 10.18 1.56
C THR B 67 2.61 10.86 2.84
N GLY B 68 2.77 10.11 3.92
CA GLY B 68 3.14 10.71 5.20
C GLY B 68 4.58 11.20 5.20
N ASP B 69 4.77 12.39 5.77
CA ASP B 69 6.10 13.01 5.83
C ASP B 69 6.88 12.41 7.00
N GLU B 70 7.95 11.69 6.68
CA GLU B 70 8.77 11.03 7.69
C GLU B 70 9.92 11.90 8.18
N ALA B 71 9.84 13.21 8.01
CA ALA B 71 10.89 14.10 8.49
C ALA B 71 11.00 14.04 10.01
N TYR B 72 12.22 14.06 10.51
CA TYR B 72 12.43 13.97 11.96
C TYR B 72 11.90 15.21 12.66
N ALA B 73 12.05 16.38 12.06
CA ALA B 73 11.61 17.64 12.66
C ALA B 73 10.78 18.43 11.65
N GLY B 74 9.61 18.87 12.08
CA GLY B 74 8.77 19.69 11.23
C GLY B 74 7.96 18.93 10.20
N SER B 75 7.61 17.67 10.48
CA SER B 75 6.81 16.88 9.57
C SER B 75 5.54 17.64 9.18
N ARG B 76 5.22 17.59 7.89
CA ARG B 76 4.00 18.23 7.39
C ARG B 76 2.76 17.72 8.11
N ASN B 77 2.76 16.45 8.52
CA ASN B 77 1.61 15.88 9.20
C ASN B 77 1.48 16.34 10.64
N TYR B 78 2.58 16.79 11.27
CA TYR B 78 2.47 17.36 12.61
C TYR B 78 1.60 18.61 12.60
N TYR B 79 1.82 19.50 11.62
CA TYR B 79 1.04 20.72 11.56
C TYR B 79 -0.41 20.43 11.18
N ASP B 80 -0.66 19.41 10.36
CA ASP B 80 -2.03 18.97 10.12
C ASP B 80 -2.67 18.47 11.42
N LEU B 81 -1.93 17.70 12.20
CA LEU B 81 -2.43 17.24 13.49
C LEU B 81 -2.68 18.40 14.44
N LYS B 82 -1.90 19.47 14.31
CA LYS B 82 -2.09 20.64 15.16
C LYS B 82 -3.35 21.40 14.78
N ASP B 83 -3.58 21.61 13.49
CA ASP B 83 -4.79 22.29 13.04
C ASP B 83 -6.03 21.46 13.31
N LYS B 84 -5.91 20.13 13.31
CA LYS B 84 -7.06 19.27 13.59
C LYS B 84 -7.49 19.39 15.04
N ALA B 85 -6.52 19.44 15.97
CA ALA B 85 -6.87 19.60 17.38
C ALA B 85 -7.51 20.95 17.65
N LYS B 86 -7.01 22.01 16.99
CA LYS B 86 -7.65 23.31 17.09
C LYS B 86 -9.06 23.29 16.52
N GLU B 87 -9.29 22.47 15.50
CA GLU B 87 -10.63 22.34 14.94
C GLU B 87 -11.56 21.60 15.91
N LEU B 88 -11.14 20.43 16.38
CA LEU B 88 -12.03 19.58 17.15
C LEU B 88 -12.21 20.11 18.58
N PHE B 89 -11.10 20.46 19.24
CA PHE B 89 -11.13 20.75 20.66
C PHE B 89 -10.94 22.22 20.99
N ASN B 90 -10.60 23.06 20.02
CA ASN B 90 -10.28 24.47 20.23
C ASN B 90 -9.06 24.63 21.14
N TYR B 91 -8.17 23.63 21.15
CA TYR B 91 -6.94 23.69 21.91
C TYR B 91 -5.79 24.16 21.01
N ASP B 92 -4.86 24.91 21.59
CA ASP B 92 -3.84 25.61 20.82
C ASP B 92 -2.49 24.90 20.80
N TYR B 93 -2.31 23.85 21.59
CA TYR B 93 -1.01 23.18 21.68
C TYR B 93 -1.20 21.68 21.63
N ILE B 94 -0.31 20.99 20.90
CA ILE B 94 -0.37 19.54 20.79
C ILE B 94 1.03 18.97 20.99
N ILE B 95 1.07 17.75 21.52
CA ILE B 95 2.29 16.94 21.58
C ILE B 95 1.92 15.51 21.22
N PRO B 96 2.35 15.00 20.06
CA PRO B 96 2.05 13.61 19.74
C PRO B 96 2.80 12.65 20.64
N ALA B 97 2.19 11.48 20.87
CA ALA B 97 2.79 10.42 21.65
C ALA B 97 2.52 9.10 20.95
N HIS B 98 3.30 8.08 21.29
CA HIS B 98 3.20 6.81 20.57
C HIS B 98 1.92 6.06 20.91
N GLN B 99 1.38 6.26 22.13
CA GLN B 99 0.03 5.83 22.47
C GLN B 99 -0.46 6.50 23.74
N GLY B 100 -1.52 5.95 24.35
CA GLY B 100 -2.17 6.63 25.45
C GLY B 100 -1.30 6.74 26.68
N ARG B 101 -0.70 5.62 27.11
CA ARG B 101 0.13 5.65 28.31
C ARG B 101 1.37 6.50 28.13
N GLY B 102 1.84 6.64 26.88
CA GLY B 102 2.91 7.59 26.62
C GLY B 102 2.45 9.02 26.80
N ALA B 103 1.21 9.31 26.42
CA ALA B 103 0.67 10.65 26.61
C ALA B 103 0.55 10.99 28.09
N GLU B 104 0.12 10.03 28.91
CA GLU B 104 0.00 10.29 30.34
C GLU B 104 1.37 10.34 31.01
N ASN B 105 2.34 9.60 30.48
CA ASN B 105 3.70 9.70 31.01
C ASN B 105 4.32 11.05 30.74
N ILE B 106 3.86 11.75 29.71
CA ILE B 106 4.36 13.09 29.42
C ILE B 106 3.72 14.13 30.36
N LEU B 107 2.39 14.12 30.45
CA LEU B 107 1.63 15.19 31.09
C LEU B 107 1.50 15.02 32.61
N PHE B 108 1.28 13.80 33.10
CA PHE B 108 1.01 13.63 34.54
C PHE B 108 2.19 14.01 35.42
N PRO B 109 3.43 13.55 35.16
CA PRO B 109 4.55 14.03 35.99
C PRO B 109 4.76 15.54 35.89
N VAL B 110 4.45 16.13 34.73
CA VAL B 110 4.54 17.57 34.58
C VAL B 110 3.54 18.28 35.48
N LEU B 111 2.31 17.76 35.55
CA LEU B 111 1.29 18.38 36.39
C LEU B 111 1.63 18.23 37.88
N LEU B 112 2.38 17.19 38.24
CA LEU B 112 2.80 17.04 39.63
C LEU B 112 3.94 18.00 39.98
N LYS B 113 4.97 18.06 39.12
CA LYS B 113 6.08 18.98 39.38
C LYS B 113 5.62 20.43 39.32
N TYR B 114 4.59 20.72 38.53
CA TYR B 114 4.09 22.09 38.44
C TYR B 114 3.38 22.50 39.73
N LYS B 115 2.58 21.60 40.29
CA LYS B 115 1.91 21.89 41.55
C LYS B 115 2.91 21.93 42.70
N GLN B 116 3.90 21.02 42.69
CA GLN B 116 4.90 21.00 43.75
C GLN B 116 5.75 22.26 43.77
N LYS B 117 6.02 22.86 42.61
CA LYS B 117 6.95 23.98 42.56
C LYS B 117 6.46 25.16 43.37
N GLU B 118 5.14 25.28 43.58
CA GLU B 118 4.57 26.36 44.38
C GLU B 118 4.14 25.88 45.76
N GLY B 119 4.84 24.88 46.31
CA GLY B 119 4.62 24.42 47.67
C GLY B 119 3.37 23.60 47.90
N LYS B 120 2.64 23.25 46.85
CA LYS B 120 1.43 22.46 46.99
C LYS B 120 1.75 21.00 46.70
N ALA B 121 0.71 20.17 46.68
CA ALA B 121 0.84 18.74 46.36
C ALA B 121 1.80 18.03 47.33
N LYS B 122 1.73 18.39 48.61
CA LYS B 122 2.54 17.72 49.61
C LYS B 122 2.12 16.26 49.76
N ASN B 123 0.81 15.99 49.70
CA ASN B 123 0.26 14.64 49.76
C ASN B 123 -0.64 14.48 48.55
N PRO B 124 -0.06 14.27 47.37
CA PRO B 124 -0.80 14.47 46.12
C PRO B 124 -1.74 13.33 45.77
N VAL B 125 -2.89 13.68 45.21
CA VAL B 125 -3.89 12.72 44.75
C VAL B 125 -4.41 13.15 43.40
N PHE B 126 -4.90 12.18 42.63
CA PHE B 126 -5.64 12.41 41.40
C PHE B 126 -7.07 11.96 41.59
N ILE B 127 -8.02 12.74 41.07
CA ILE B 127 -9.44 12.43 41.20
C ILE B 127 -10.01 12.19 39.81
N SER B 128 -10.79 11.12 39.66
CA SER B 128 -11.39 10.77 38.39
C SER B 128 -12.71 10.08 38.66
N ASN B 129 -13.61 10.14 37.66
CA ASN B 129 -14.79 9.27 37.71
C ASN B 129 -14.35 7.82 37.79
N PHE B 130 -13.32 7.45 37.02
CA PHE B 130 -12.59 6.21 37.25
C PHE B 130 -11.28 6.26 36.47
N HIS B 131 -10.18 5.96 37.14
CA HIS B 131 -8.89 5.79 36.47
C HIS B 131 -8.82 4.39 35.87
N PHE B 132 -8.39 4.30 34.62
CA PHE B 132 -8.15 2.98 34.05
C PHE B 132 -6.79 2.46 34.52
N ASP B 133 -6.54 1.18 34.27
CA ASP B 133 -5.40 0.49 34.88
C ASP B 133 -4.07 1.16 34.50
N THR B 134 -3.94 1.58 33.24
CA THR B 134 -2.72 2.27 32.82
C THR B 134 -2.67 3.68 33.37
N THR B 135 -3.82 4.35 33.45
CA THR B 135 -3.86 5.72 33.96
C THR B 135 -3.53 5.77 35.45
N ALA B 136 -4.13 4.87 36.23
CA ALA B 136 -3.85 4.81 37.66
C ALA B 136 -2.42 4.37 37.93
N ALA B 137 -1.83 3.56 37.06
CA ALA B 137 -0.45 3.11 37.28
C ALA B 137 0.52 4.28 37.24
N HIS B 138 0.33 5.21 36.29
CA HIS B 138 1.17 6.39 36.23
C HIS B 138 0.95 7.30 37.43
N VAL B 139 -0.28 7.35 37.95
CA VAL B 139 -0.54 8.12 39.15
C VAL B 139 0.22 7.55 40.33
N GLU B 140 0.19 6.22 40.48
CA GLU B 140 0.85 5.58 41.61
C GLU B 140 2.37 5.55 41.44
N LEU B 141 2.85 5.47 40.20
CA LEU B 141 4.29 5.48 39.96
C LEU B 141 4.92 6.81 40.36
N ASN B 142 4.19 7.92 40.19
CA ASN B 142 4.69 9.23 40.56
C ASN B 142 4.43 9.57 42.03
N GLY B 143 3.93 8.62 42.81
CA GLY B 143 3.76 8.82 44.23
C GLY B 143 2.45 9.44 44.66
N CYS B 144 1.39 9.29 43.87
CA CYS B 144 0.10 9.87 44.19
C CYS B 144 -0.92 8.76 44.45
N LYS B 145 -2.07 9.17 44.97
CA LYS B 145 -3.19 8.26 45.20
C LYS B 145 -4.24 8.48 44.11
N ALA B 146 -4.67 7.39 43.50
CA ALA B 146 -5.69 7.44 42.46
C ALA B 146 -7.07 7.20 43.10
N ILE B 147 -7.94 8.19 43.02
CA ILE B 147 -9.26 8.16 43.66
C ILE B 147 -10.32 8.12 42.57
N ASN B 148 -11.19 7.11 42.64
CA ASN B 148 -12.24 6.88 41.66
C ASN B 148 -13.59 7.13 42.31
N ILE B 149 -14.37 8.04 41.74
CA ILE B 149 -15.64 8.45 42.36
C ILE B 149 -16.78 8.36 41.36
N VAL B 150 -16.91 7.24 40.66
CA VAL B 150 -18.00 7.08 39.70
C VAL B 150 -19.33 7.02 40.44
N THR B 151 -20.40 7.35 39.73
CA THR B 151 -21.74 7.35 40.32
C THR B 151 -22.14 5.93 40.75
N GLU B 152 -22.95 5.87 41.81
CA GLU B 152 -23.39 4.58 42.33
C GLU B 152 -24.17 3.78 41.29
N LYS B 153 -24.81 4.47 40.34
CA LYS B 153 -25.62 3.80 39.33
C LYS B 153 -24.80 2.86 38.45
N ALA B 154 -23.49 3.07 38.33
CA ALA B 154 -22.65 2.15 37.56
C ALA B 154 -22.59 0.77 38.21
N PHE B 155 -22.95 0.66 39.48
CA PHE B 155 -22.91 -0.62 40.17
C PHE B 155 -24.24 -1.37 40.12
N ASP B 156 -25.33 -0.68 39.75
CA ASP B 156 -26.62 -1.32 39.51
C ASP B 156 -26.67 -1.69 38.03
N SER B 157 -26.11 -2.85 37.71
CA SER B 157 -25.78 -3.18 36.33
C SER B 157 -27.04 -3.41 35.49
N GLU B 158 -28.03 -4.10 36.04
CA GLU B 158 -29.23 -4.44 35.26
C GLU B 158 -30.18 -3.27 35.07
N THR B 159 -30.10 -2.25 35.94
CA THR B 159 -31.04 -1.14 35.91
C THR B 159 -30.55 -0.09 34.91
N TYR B 160 -31.40 0.28 33.96
CA TYR B 160 -31.03 1.26 32.96
C TYR B 160 -30.77 2.61 33.60
N ASP B 161 -29.77 3.33 33.06
CA ASP B 161 -29.58 4.74 33.36
C ASP B 161 -28.82 5.35 32.20
N ASP B 162 -29.07 6.65 31.97
CA ASP B 162 -28.47 7.32 30.82
C ASP B 162 -26.97 7.52 30.98
N TRP B 163 -26.52 7.88 32.19
CA TRP B 163 -25.15 8.35 32.42
C TRP B 163 -24.50 7.57 33.56
N LYS B 164 -24.18 6.29 33.30
CA LYS B 164 -23.51 5.48 34.31
C LYS B 164 -22.03 5.79 34.45
N GLY B 165 -21.50 6.74 33.69
CA GLY B 165 -20.12 7.15 33.81
C GLY B 165 -19.90 8.48 34.51
N ASP B 166 -20.95 9.07 35.06
CA ASP B 166 -20.86 10.40 35.66
C ASP B 166 -19.96 10.40 36.89
N PHE B 167 -19.36 11.57 37.15
CA PHE B 167 -18.75 11.83 38.44
C PHE B 167 -19.83 11.84 39.52
N ASP B 168 -19.53 11.22 40.66
CA ASP B 168 -20.33 11.42 41.86
C ASP B 168 -19.93 12.78 42.44
N ILE B 169 -20.76 13.79 42.18
CA ILE B 169 -20.39 15.15 42.55
C ILE B 169 -20.30 15.32 44.05
N LYS B 170 -21.10 14.55 44.81
CA LYS B 170 -21.00 14.60 46.26
C LYS B 170 -19.64 14.10 46.74
N LYS B 171 -19.16 12.99 46.17
CA LYS B 171 -17.85 12.48 46.54
C LYS B 171 -16.73 13.41 46.07
N LEU B 172 -16.94 14.11 44.96
CA LEU B 172 -15.94 15.07 44.49
C LEU B 172 -15.72 16.18 45.52
N LYS B 173 -16.81 16.81 45.97
CA LYS B 173 -16.69 17.85 46.98
C LYS B 173 -16.16 17.31 48.29
N GLU B 174 -16.49 16.07 48.63
CA GLU B 174 -15.99 15.48 49.87
C GLU B 174 -14.50 15.21 49.78
N ASN B 175 -14.03 14.69 48.65
CA ASN B 175 -12.60 14.42 48.50
C ASN B 175 -11.79 15.71 48.42
N ILE B 176 -12.38 16.78 47.90
CA ILE B 176 -11.68 18.06 47.84
C ILE B 176 -11.45 18.60 49.24
N ALA B 177 -12.47 18.52 50.10
CA ALA B 177 -12.32 19.03 51.46
C ALA B 177 -11.43 18.14 52.31
N GLN B 178 -11.49 16.82 52.08
CA GLN B 178 -10.72 15.88 52.90
C GLN B 178 -9.23 15.99 52.60
N HIS B 179 -8.86 16.16 51.33
CA HIS B 179 -7.46 16.24 50.94
C HIS B 179 -6.97 17.67 50.79
N GLY B 180 -7.85 18.61 50.49
CA GLY B 180 -7.43 19.97 50.18
C GLY B 180 -7.19 20.15 48.70
N ALA B 181 -7.64 21.27 48.14
CA ALA B 181 -7.44 21.53 46.72
C ALA B 181 -5.96 21.62 46.37
N ASP B 182 -5.11 21.96 47.34
CA ASP B 182 -3.67 22.04 47.09
C ASP B 182 -3.06 20.66 46.85
N ASN B 183 -3.70 19.59 47.33
CA ASN B 183 -3.17 18.24 47.16
C ASN B 183 -3.78 17.50 45.98
N ILE B 184 -4.73 18.11 45.27
CA ILE B 184 -5.34 17.48 44.11
C ILE B 184 -4.57 17.96 42.89
N VAL B 185 -3.70 17.09 42.36
CA VAL B 185 -2.87 17.47 41.22
C VAL B 185 -3.74 17.77 40.01
N ALA B 186 -4.70 16.90 39.72
CA ALA B 186 -5.56 17.07 38.56
C ALA B 186 -6.83 16.25 38.75
N ILE B 187 -7.87 16.67 38.04
CA ILE B 187 -9.09 15.88 37.88
C ILE B 187 -9.08 15.29 36.48
N VAL B 188 -9.29 13.98 36.39
CA VAL B 188 -9.24 13.26 35.12
C VAL B 188 -10.66 12.83 34.78
N SER B 189 -11.21 13.41 33.72
CA SER B 189 -12.53 13.04 33.22
C SER B 189 -12.35 12.01 32.11
N THR B 190 -12.72 10.76 32.39
CA THR B 190 -12.56 9.67 31.43
C THR B 190 -13.84 9.52 30.63
N VAL B 191 -13.75 9.74 29.32
CA VAL B 191 -14.90 9.72 28.42
C VAL B 191 -14.57 8.80 27.24
N THR B 192 -15.31 7.70 27.12
CA THR B 192 -16.29 7.26 28.09
C THR B 192 -15.60 6.64 29.29
N CYS B 193 -16.36 6.28 30.32
CA CYS B 193 -15.78 5.68 31.51
C CYS B 193 -15.57 4.21 31.23
N ASN B 194 -14.31 3.82 30.98
CA ASN B 194 -14.01 2.46 30.56
C ASN B 194 -14.23 1.47 31.70
N SER B 195 -13.88 1.84 32.93
CA SER B 195 -14.01 0.89 34.04
C SER B 195 -15.47 0.66 34.41
N ALA B 196 -16.34 1.63 34.16
CA ALA B 196 -17.76 1.49 34.44
C ALA B 196 -18.52 0.78 33.34
N GLY B 197 -17.85 0.37 32.26
CA GLY B 197 -18.50 -0.34 31.18
C GLY B 197 -18.60 0.45 29.90
N GLY B 198 -17.63 1.35 29.68
CA GLY B 198 -17.71 2.24 28.53
C GLY B 198 -18.88 3.18 28.57
N GLN B 199 -19.38 3.50 29.77
CA GLN B 199 -20.58 4.28 29.95
C GLN B 199 -20.30 5.77 29.85
N PRO B 200 -21.24 6.54 29.31
CA PRO B 200 -20.97 7.95 29.01
C PRO B 200 -21.02 8.84 30.23
N VAL B 201 -20.41 10.01 30.09
CA VAL B 201 -20.49 11.10 31.04
C VAL B 201 -21.33 12.19 30.40
N SER B 202 -22.31 12.70 31.16
CA SER B 202 -23.21 13.71 30.61
C SER B 202 -22.49 15.04 30.44
N MET B 203 -23.04 15.88 29.56
CA MET B 203 -22.48 17.21 29.34
C MET B 203 -22.65 18.08 30.58
N SER B 204 -23.80 17.98 31.26
CA SER B 204 -24.00 18.75 32.47
C SER B 204 -23.11 18.26 33.60
N ASN B 205 -22.75 16.98 33.60
CA ASN B 205 -21.85 16.46 34.63
C ASN B 205 -20.43 16.97 34.40
N LEU B 206 -19.95 16.91 33.16
CA LEU B 206 -18.63 17.46 32.83
C LEU B 206 -18.56 18.94 33.16
N LYS B 207 -19.63 19.69 32.88
CA LYS B 207 -19.64 21.12 33.14
C LYS B 207 -19.53 21.40 34.64
N GLU B 208 -20.35 20.72 35.45
CA GLU B 208 -20.33 20.98 36.89
C GLU B 208 -19.00 20.55 37.51
N VAL B 209 -18.40 19.48 37.00
CA VAL B 209 -17.10 19.05 37.50
C VAL B 209 -16.03 20.09 37.19
N TYR B 210 -16.06 20.67 35.99
CA TYR B 210 -15.08 21.68 35.63
C TYR B 210 -15.26 22.94 36.46
N GLU B 211 -16.51 23.40 36.60
CA GLU B 211 -16.77 24.60 37.39
C GLU B 211 -16.33 24.43 38.83
N ILE B 212 -16.50 23.23 39.38
CA ILE B 212 -16.02 22.95 40.73
C ILE B 212 -14.50 23.03 40.77
N ALA B 213 -13.83 22.50 39.75
CA ALA B 213 -12.37 22.55 39.72
C ALA B 213 -11.86 23.98 39.61
N LYS B 214 -12.56 24.82 38.84
CA LYS B 214 -12.11 26.20 38.66
C LYS B 214 -12.28 27.01 39.94
N GLN B 215 -13.27 26.68 40.78
CA GLN B 215 -13.39 27.35 42.07
C GLN B 215 -12.17 27.07 42.95
N HIS B 216 -11.57 25.89 42.81
CA HIS B 216 -10.45 25.48 43.66
C HIS B 216 -9.11 25.54 42.93
N GLY B 217 -9.07 26.02 41.69
CA GLY B 217 -7.83 26.05 40.94
C GLY B 217 -7.25 24.69 40.63
N ILE B 218 -8.09 23.72 40.29
CA ILE B 218 -7.66 22.35 40.02
C ILE B 218 -7.61 22.13 38.51
N PHE B 219 -6.53 21.52 38.03
CA PHE B 219 -6.36 21.23 36.63
C PHE B 219 -7.25 20.05 36.23
N VAL B 220 -7.82 20.12 35.03
CA VAL B 220 -8.74 19.10 34.54
C VAL B 220 -8.19 18.53 33.24
N VAL B 221 -7.91 17.22 33.24
CA VAL B 221 -7.44 16.52 32.06
C VAL B 221 -8.54 15.58 31.59
N MET B 222 -8.88 15.66 30.30
CA MET B 222 -9.90 14.80 29.71
C MET B 222 -9.22 13.57 29.11
N ASP B 223 -9.33 12.43 29.79
CA ASP B 223 -8.90 11.16 29.21
C ASP B 223 -9.82 10.85 28.03
N SER B 224 -9.29 10.99 26.82
CA SER B 224 -10.10 11.13 25.62
C SER B 224 -9.99 9.94 24.66
N ALA B 225 -9.71 8.75 25.19
CA ALA B 225 -9.53 7.60 24.32
C ALA B 225 -10.80 7.30 23.53
N ARG B 226 -11.96 7.41 24.18
CA ARG B 226 -13.23 7.12 23.52
C ARG B 226 -14.16 8.32 23.58
N PHE B 227 -13.66 9.49 23.19
CA PHE B 227 -14.43 10.72 23.33
C PHE B 227 -15.56 10.81 22.32
N CYS B 228 -15.38 10.24 21.13
CA CYS B 228 -16.44 10.30 20.12
C CYS B 228 -17.64 9.45 20.53
N GLU B 229 -17.38 8.27 21.10
CA GLU B 229 -18.47 7.43 21.58
C GLU B 229 -19.22 8.12 22.73
N ASN B 230 -18.51 8.92 23.53
CA ASN B 230 -19.19 9.71 24.55
C ASN B 230 -20.04 10.80 23.93
N ALA B 231 -19.54 11.44 22.86
CA ALA B 231 -20.27 12.53 22.23
C ALA B 231 -21.54 12.01 21.56
N TYR B 232 -21.51 10.79 21.02
CA TYR B 232 -22.73 10.22 20.45
C TYR B 232 -23.80 10.03 21.51
N PHE B 233 -23.42 9.48 22.66
CA PHE B 233 -24.38 9.24 23.74
C PHE B 233 -24.99 10.56 24.23
N ILE B 234 -24.19 11.62 24.26
CA ILE B 234 -24.74 12.93 24.63
C ILE B 234 -25.77 13.39 23.61
N LYS B 235 -25.50 13.17 22.32
CA LYS B 235 -26.48 13.52 21.31
C LYS B 235 -27.71 12.63 21.39
N ALA B 236 -27.52 11.34 21.69
CA ALA B 236 -28.63 10.40 21.70
C ALA B 236 -29.50 10.52 22.95
N ARG B 237 -28.97 11.05 24.05
CA ARG B 237 -29.69 11.03 25.32
C ARG B 237 -29.92 12.39 25.95
N ASP B 238 -29.09 13.40 25.64
CA ASP B 238 -29.30 14.73 26.17
C ASP B 238 -30.24 15.50 25.24
N PRO B 239 -31.39 15.96 25.72
CA PRO B 239 -32.30 16.72 24.84
C PRO B 239 -31.73 18.03 24.35
N LYS B 240 -30.73 18.59 25.02
CA LYS B 240 -30.16 19.87 24.61
C LYS B 240 -29.40 19.75 23.30
N TYR B 241 -28.81 18.59 23.01
CA TYR B 241 -28.02 18.38 21.81
C TYR B 241 -28.69 17.42 20.84
N LYS B 242 -30.03 17.46 20.75
CA LYS B 242 -30.75 16.57 19.87
C LYS B 242 -30.47 16.89 18.41
N ASN B 243 -30.37 18.17 18.07
CA ASN B 243 -30.15 18.62 16.70
C ASN B 243 -28.78 19.28 16.53
N ALA B 244 -27.78 18.71 17.18
CA ALA B 244 -26.41 19.17 17.06
C ALA B 244 -25.56 18.11 16.38
N THR B 245 -24.55 18.56 15.62
CA THR B 245 -23.62 17.62 15.03
C THR B 245 -22.73 17.01 16.11
N ILE B 246 -22.08 15.90 15.77
CA ILE B 246 -21.17 15.27 16.71
C ILE B 246 -20.00 16.20 17.02
N LYS B 247 -19.53 16.94 16.03
CA LYS B 247 -18.44 17.88 16.25
C LYS B 247 -18.85 19.00 17.18
N GLU B 248 -20.11 19.44 17.12
CA GLU B 248 -20.60 20.47 18.03
C GLU B 248 -20.64 19.96 19.47
N VAL B 249 -21.00 18.68 19.64
CA VAL B 249 -20.98 18.08 20.99
C VAL B 249 -19.55 17.97 21.49
N ILE B 250 -18.61 17.60 20.60
CA ILE B 250 -17.21 17.51 20.98
C ILE B 250 -16.66 18.87 21.36
N PHE B 251 -17.03 19.90 20.60
CA PHE B 251 -16.55 21.26 20.88
C PHE B 251 -17.01 21.72 22.25
N ASP B 252 -18.26 21.42 22.63
CA ASP B 252 -18.76 21.80 23.95
C ASP B 252 -18.14 20.95 25.05
N MET B 253 -17.85 19.67 24.76
CA MET B 253 -17.27 18.80 25.78
C MET B 253 -15.95 19.36 26.29
N TYR B 254 -15.10 19.85 25.40
CA TYR B 254 -13.76 20.27 25.75
C TYR B 254 -13.67 21.74 26.15
N LYS B 255 -14.82 22.39 26.37
CA LYS B 255 -14.84 23.62 27.15
C LYS B 255 -14.70 23.33 28.65
N TYR B 256 -14.84 22.07 29.05
CA TYR B 256 -14.83 21.66 30.45
C TYR B 256 -13.60 20.80 30.75
N ALA B 257 -12.48 21.16 30.13
CA ALA B 257 -11.18 20.58 30.46
C ALA B 257 -10.11 21.61 30.13
N ASP B 258 -8.92 21.40 30.69
CA ASP B 258 -7.78 22.24 30.38
C ASP B 258 -6.75 21.54 29.49
N ALA B 259 -6.83 20.23 29.36
CA ALA B 259 -5.92 19.45 28.52
C ALA B 259 -6.56 18.08 28.33
N LEU B 260 -6.02 17.33 27.37
CA LEU B 260 -6.50 15.99 27.13
C LEU B 260 -5.33 15.04 26.94
N THR B 261 -5.54 13.78 27.33
CA THR B 261 -4.62 12.69 27.05
C THR B 261 -5.39 11.62 26.29
N MET B 262 -5.03 11.40 25.03
CA MET B 262 -5.81 10.58 24.12
C MET B 262 -5.00 9.40 23.64
N SER B 263 -5.55 8.19 23.79
CA SER B 263 -5.05 7.02 23.10
C SER B 263 -5.76 6.97 21.75
N ALA B 264 -5.05 7.39 20.69
CA ALA B 264 -5.66 7.40 19.37
C ALA B 264 -5.89 6.01 18.80
N LYS B 265 -5.48 4.96 19.53
CA LYS B 265 -5.74 3.58 19.13
C LYS B 265 -7.20 3.17 19.30
N LYS B 266 -8.05 4.05 19.82
CA LYS B 266 -9.46 3.72 19.97
C LYS B 266 -10.31 4.47 18.95
N ASP B 267 -10.99 5.53 19.40
CA ASP B 267 -11.95 6.22 18.55
C ASP B 267 -11.35 6.81 17.28
N PRO B 268 -10.09 7.30 17.25
CA PRO B 268 -9.54 7.77 15.95
C PRO B 268 -9.22 6.65 14.97
N LEU B 269 -9.64 5.42 15.26
CA LEU B 269 -9.59 4.31 14.30
C LEU B 269 -8.17 4.02 13.84
N LEU B 270 -7.25 3.87 14.79
CA LEU B 270 -5.84 3.67 14.48
C LEU B 270 -5.35 2.34 15.04
N ASN B 271 -4.18 1.93 14.55
CA ASN B 271 -3.47 0.76 15.07
C ASN B 271 -2.38 1.15 16.05
N ILE B 272 -2.05 2.44 16.14
CA ILE B 272 -1.03 2.95 17.04
C ILE B 272 -1.18 4.47 17.07
N GLY B 273 -0.84 5.09 18.19
CA GLY B 273 -0.87 6.54 18.27
C GLY B 273 -1.47 7.11 19.54
N GLY B 274 -0.89 8.21 20.02
CA GLY B 274 -1.42 8.92 21.16
C GLY B 274 -1.30 10.42 20.94
N LEU B 275 -1.86 11.18 21.86
CA LEU B 275 -1.89 12.63 21.70
C LEU B 275 -2.02 13.31 23.05
N VAL B 276 -1.27 14.40 23.21
CA VAL B 276 -1.47 15.35 24.30
C VAL B 276 -1.86 16.68 23.68
N ALA B 277 -2.97 17.26 24.13
CA ALA B 277 -3.40 18.57 23.67
C ALA B 277 -3.68 19.45 24.87
N ILE B 278 -3.23 20.69 24.81
CA ILE B 278 -3.34 21.63 25.91
C ILE B 278 -4.10 22.87 25.43
N ARG B 279 -5.03 23.33 26.25
CA ARG B 279 -5.97 24.36 25.82
C ARG B 279 -5.29 25.70 25.59
N ASP B 280 -4.56 26.19 26.60
CA ASP B 280 -3.98 27.53 26.49
C ASP B 280 -2.80 27.76 27.43
N ASN B 281 -2.50 26.78 28.29
CA ASN B 281 -1.43 26.95 29.27
C ASN B 281 -0.10 26.67 28.59
N GLU B 282 0.55 27.74 28.12
CA GLU B 282 1.82 27.60 27.41
C GLU B 282 2.93 27.11 28.33
N GLU B 283 2.88 27.48 29.61
CA GLU B 283 3.91 27.01 30.54
C GLU B 283 3.84 25.49 30.70
N ILE B 284 2.63 24.96 30.93
CA ILE B 284 2.45 23.50 30.99
C ILE B 284 2.84 22.86 29.66
N PHE B 285 2.58 23.54 28.54
CA PHE B 285 2.97 23.01 27.25
C PHE B 285 4.48 22.90 27.12
N THR B 286 5.21 23.90 27.63
CA THR B 286 6.67 23.88 27.50
C THR B 286 7.28 22.79 28.36
N LEU B 287 6.84 22.67 29.62
CA LEU B 287 7.33 21.60 30.48
C LEU B 287 7.02 20.23 29.90
N ALA B 288 5.84 20.08 29.28
CA ALA B 288 5.49 18.80 28.71
C ALA B 288 6.37 18.46 27.52
N ARG B 289 6.72 19.47 26.71
CA ARG B 289 7.65 19.24 25.60
C ARG B 289 9.02 18.82 26.12
N GLN B 290 9.49 19.43 27.21
CA GLN B 290 10.80 19.09 27.75
C GLN B 290 10.86 17.65 28.21
N ARG B 291 9.74 17.10 28.70
CA ARG B 291 9.72 15.70 29.09
C ARG B 291 9.49 14.78 27.88
N CYS B 292 8.79 15.27 26.86
CA CYS B 292 8.52 14.43 25.68
C CYS B 292 9.82 14.05 24.96
N VAL B 293 10.79 14.95 24.94
CA VAL B 293 12.00 14.71 24.13
C VAL B 293 12.77 13.47 24.57
N PRO B 294 13.10 13.28 25.86
CA PRO B 294 13.82 12.06 26.24
C PRO B 294 12.93 10.83 26.36
N MET B 295 11.62 10.99 26.59
CA MET B 295 10.77 9.83 26.83
C MET B 295 10.15 9.27 25.56
N GLU B 296 9.66 10.11 24.66
CA GLU B 296 8.94 9.67 23.48
C GLU B 296 9.68 9.93 22.18
N GLY B 297 10.27 11.11 22.03
CA GLY B 297 10.90 11.50 20.79
C GLY B 297 10.80 13.00 20.62
N PHE B 298 11.23 13.47 19.45
CA PHE B 298 11.18 14.91 19.19
C PHE B 298 9.73 15.40 19.19
N VAL B 299 9.57 16.70 19.45
CA VAL B 299 8.26 17.27 19.74
C VAL B 299 7.32 17.31 18.54
N THR B 300 7.80 17.00 17.33
CA THR B 300 6.95 17.03 16.14
C THR B 300 6.62 15.64 15.63
N TYR B 301 7.04 14.59 16.32
CA TYR B 301 6.55 13.23 16.03
C TYR B 301 6.28 12.40 17.26
N GLY B 302 6.99 12.59 18.37
CA GLY B 302 6.65 11.98 19.64
C GLY B 302 6.59 10.48 19.66
N GLY B 303 7.53 9.80 19.00
CA GLY B 303 7.54 8.36 18.96
C GLY B 303 6.62 7.75 17.93
N LEU B 304 6.07 8.55 17.03
CA LEU B 304 5.22 8.06 15.95
C LEU B 304 5.90 8.29 14.61
N ALA B 305 5.73 7.34 13.70
CA ALA B 305 6.13 7.55 12.32
C ALA B 305 5.24 8.62 11.69
N GLY B 306 5.78 9.31 10.68
CA GLY B 306 5.01 10.35 10.02
C GLY B 306 3.71 9.83 9.43
N ARG B 307 3.72 8.60 8.91
CA ARG B 307 2.50 8.02 8.36
C ARG B 307 1.41 7.85 9.41
N ASP B 308 1.80 7.58 10.66
CA ASP B 308 0.82 7.36 11.71
C ASP B 308 0.20 8.68 12.19
N MET B 309 0.93 9.79 12.11
CA MET B 309 0.30 11.08 12.35
C MET B 309 -0.63 11.45 11.20
N ALA B 310 -0.27 11.07 9.97
CA ALA B 310 -1.14 11.30 8.82
C ALA B 310 -2.44 10.50 8.95
N ALA B 311 -2.35 9.24 9.36
CA ALA B 311 -3.56 8.45 9.58
C ALA B 311 -4.38 9.00 10.74
N MET B 312 -3.72 9.59 11.73
CA MET B 312 -4.44 10.13 12.87
C MET B 312 -5.30 11.32 12.47
N VAL B 313 -4.77 12.20 11.61
CA VAL B 313 -5.54 13.35 11.15
C VAL B 313 -6.81 12.89 10.44
N GLN B 314 -6.69 11.86 9.60
CA GLN B 314 -7.86 11.35 8.90
C GLN B 314 -8.78 10.58 9.84
N GLY B 315 -8.21 9.77 10.71
CA GLY B 315 -9.03 8.98 11.63
C GLY B 315 -9.79 9.85 12.63
N LEU B 316 -9.19 10.95 13.06
CA LEU B 316 -9.89 11.89 13.93
C LEU B 316 -11.15 12.43 13.28
N GLU B 317 -11.13 12.57 11.95
CA GLU B 317 -12.33 13.02 11.23
C GLU B 317 -13.35 11.90 11.09
N GLU B 318 -12.91 10.71 10.67
CA GLU B 318 -13.83 9.60 10.45
C GLU B 318 -14.50 9.18 11.76
N GLY B 319 -13.77 9.25 12.88
CA GLY B 319 -14.31 8.86 14.16
C GLY B 319 -15.43 9.74 14.66
N THR B 320 -15.66 10.89 14.04
CA THR B 320 -16.71 11.81 14.42
C THR B 320 -17.95 11.72 13.54
N GLU B 321 -17.95 10.86 12.53
CA GLU B 321 -19.08 10.75 11.62
C GLU B 321 -20.22 10.02 12.30
N GLU B 322 -21.37 10.69 12.44
CA GLU B 322 -22.49 10.14 13.20
C GLU B 322 -23.00 8.85 12.60
N GLU B 323 -22.93 8.69 11.28
CA GLU B 323 -23.40 7.46 10.65
C GLU B 323 -22.55 6.27 11.08
N TYR B 324 -21.23 6.45 11.15
CA TYR B 324 -20.36 5.37 11.61
C TYR B 324 -20.58 5.06 13.09
N LEU B 325 -20.66 6.10 13.93
CA LEU B 325 -20.86 5.88 15.36
C LEU B 325 -22.17 5.17 15.65
N HIS B 326 -23.21 5.47 14.86
CA HIS B 326 -24.49 4.80 15.07
C HIS B 326 -24.37 3.30 14.80
N TYR B 327 -23.66 2.93 13.74
CA TYR B 327 -23.45 1.51 13.44
C TYR B 327 -22.56 0.86 14.50
N ARG B 328 -21.46 1.52 14.86
CA ARG B 328 -20.51 0.95 15.80
C ARG B 328 -21.17 0.65 17.14
N ILE B 329 -21.79 1.67 17.75
CA ILE B 329 -22.42 1.48 19.04
C ILE B 329 -23.63 0.57 18.92
N GLY B 330 -24.34 0.62 17.79
CA GLY B 330 -25.43 -0.32 17.56
C GLY B 330 -24.98 -1.76 17.48
N GLN B 331 -23.77 -2.01 16.97
CA GLN B 331 -23.25 -3.37 16.95
C GLN B 331 -22.95 -3.87 18.36
N VAL B 332 -22.41 -3.01 19.22
CA VAL B 332 -22.22 -3.37 20.61
C VAL B 332 -23.57 -3.58 21.29
N LYS B 333 -24.55 -2.71 21.00
CA LYS B 333 -25.89 -2.88 21.54
C LYS B 333 -26.53 -4.17 21.06
N TYR B 334 -26.24 -4.59 19.83
CA TYR B 334 -26.81 -5.83 19.32
C TYR B 334 -26.25 -7.04 20.05
N LEU B 335 -24.93 -7.07 20.26
CA LEU B 335 -24.34 -8.18 21.01
C LEU B 335 -24.86 -8.21 22.44
N GLY B 336 -24.96 -7.05 23.09
CA GLY B 336 -25.50 -7.02 24.44
C GLY B 336 -26.94 -7.46 24.50
N ASP B 337 -27.74 -7.08 23.50
CA ASP B 337 -29.15 -7.49 23.47
C ASP B 337 -29.28 -9.00 23.34
N ARG B 338 -28.49 -9.61 22.44
CA ARG B 338 -28.53 -11.06 22.28
C ARG B 338 -28.24 -11.78 23.60
N LEU B 339 -27.26 -11.27 24.37
CA LEU B 339 -26.97 -11.86 25.67
C LEU B 339 -28.07 -11.56 26.68
N ARG B 340 -28.59 -10.33 26.66
CA ARG B 340 -29.64 -9.94 27.60
C ARG B 340 -30.93 -10.69 27.33
N GLU B 341 -31.23 -10.98 26.06
CA GLU B 341 -32.42 -11.75 25.74
C GLU B 341 -32.36 -13.15 26.33
N ALA B 342 -31.16 -13.67 26.57
CA ALA B 342 -30.99 -15.02 27.10
C ALA B 342 -30.75 -15.02 28.61
N GLY B 343 -30.91 -13.89 29.28
CA GLY B 343 -30.77 -13.83 30.72
C GLY B 343 -29.38 -13.55 31.24
N ILE B 344 -28.40 -13.38 30.35
CA ILE B 344 -27.04 -13.07 30.76
C ILE B 344 -27.01 -11.67 31.36
N PRO B 345 -26.63 -11.53 32.64
CA PRO B 345 -26.57 -10.19 33.24
C PRO B 345 -25.43 -9.37 32.65
N ILE B 346 -25.78 -8.20 32.10
CA ILE B 346 -24.81 -7.30 31.51
C ILE B 346 -25.05 -5.90 32.04
N GLN B 347 -24.01 -5.06 31.94
CA GLN B 347 -24.16 -3.64 32.22
C GLN B 347 -25.12 -3.04 31.21
N TYR B 348 -26.31 -2.65 31.66
CA TYR B 348 -27.36 -2.15 30.79
C TYR B 348 -27.61 -0.68 31.08
N PRO B 349 -27.58 0.20 30.07
CA PRO B 349 -27.38 -0.11 28.66
C PRO B 349 -25.92 -0.38 28.30
N THR B 350 -25.70 -0.96 27.13
CA THR B 350 -24.34 -1.24 26.68
C THR B 350 -23.58 0.06 26.43
N GLY B 351 -22.27 0.02 26.68
CA GLY B 351 -21.41 1.15 26.41
C GLY B 351 -21.14 1.30 24.92
N GLY B 352 -20.13 2.11 24.62
CA GLY B 352 -19.84 2.46 23.25
C GLY B 352 -18.93 1.47 22.53
N HIS B 353 -18.12 0.73 23.28
CA HIS B 353 -17.08 -0.08 22.67
C HIS B 353 -17.08 -1.54 23.08
N ALA B 354 -17.86 -1.94 24.09
CA ALA B 354 -17.76 -3.30 24.59
C ALA B 354 -19.01 -3.66 25.37
N VAL B 355 -19.25 -4.95 25.48
CA VAL B 355 -20.31 -5.50 26.33
C VAL B 355 -19.66 -6.05 27.59
N PHE B 356 -20.16 -5.61 28.75
CA PHE B 356 -19.61 -5.99 30.04
C PHE B 356 -20.56 -6.96 30.71
N VAL B 357 -20.12 -8.21 30.87
CA VAL B 357 -20.94 -9.26 31.46
C VAL B 357 -20.69 -9.26 32.97
N ASP B 358 -21.76 -9.03 33.74
CA ASP B 358 -21.68 -9.02 35.20
C ASP B 358 -21.40 -10.41 35.72
N CYS B 359 -20.13 -10.77 35.88
CA CYS B 359 -19.77 -12.08 36.40
C CYS B 359 -19.94 -12.19 37.91
N LYS B 360 -20.12 -11.08 38.61
CA LYS B 360 -20.54 -11.14 40.00
C LYS B 360 -21.89 -11.84 40.13
N LYS B 361 -22.83 -11.50 39.24
CA LYS B 361 -24.14 -12.13 39.20
C LYS B 361 -24.14 -13.43 38.40
N LEU B 362 -23.15 -13.62 37.53
CA LEU B 362 -23.13 -14.81 36.69
C LEU B 362 -22.62 -16.02 37.45
N VAL B 363 -21.45 -15.90 38.08
CA VAL B 363 -20.87 -16.99 38.86
C VAL B 363 -20.72 -16.55 40.31
N PRO B 364 -21.77 -16.70 41.13
CA PRO B 364 -21.68 -16.24 42.52
C PRO B 364 -20.76 -17.09 43.40
N GLN B 365 -20.56 -18.36 43.08
CA GLN B 365 -19.79 -19.26 43.95
C GLN B 365 -18.30 -18.94 43.96
N ILE B 366 -17.83 -18.04 43.10
CA ILE B 366 -16.43 -17.62 43.09
C ILE B 366 -16.37 -16.23 43.73
N PRO B 367 -15.72 -16.06 44.88
CA PRO B 367 -15.55 -14.72 45.43
C PRO B 367 -14.68 -13.86 44.52
N GLY B 368 -14.90 -12.55 44.58
CA GLY B 368 -14.15 -11.62 43.75
C GLY B 368 -12.65 -11.69 43.94
N ASP B 369 -12.19 -12.16 45.10
N ASP B 369 -12.19 -12.15 45.11
CA ASP B 369 -10.76 -12.27 45.37
CA ASP B 369 -10.77 -12.28 45.37
C ASP B 369 -10.10 -13.37 44.55
C ASP B 369 -10.11 -13.31 44.45
N GLN B 370 -10.87 -14.25 43.91
CA GLN B 370 -10.35 -15.30 43.05
C GLN B 370 -10.66 -15.06 41.59
N PHE B 371 -11.08 -13.84 41.23
CA PHE B 371 -11.32 -13.40 39.86
C PHE B 371 -12.38 -14.27 39.20
N PRO B 372 -13.65 -14.09 39.53
CA PRO B 372 -14.69 -14.92 38.91
C PRO B 372 -14.87 -14.64 37.43
N ALA B 373 -14.67 -13.38 37.00
CA ALA B 373 -14.80 -13.07 35.58
C ALA B 373 -13.72 -13.73 34.76
N GLN B 374 -12.51 -13.87 35.30
CA GLN B 374 -11.45 -14.58 34.60
C GLN B 374 -11.79 -16.05 34.41
N ALA B 375 -12.54 -16.63 35.36
CA ALA B 375 -12.98 -18.01 35.20
C ALA B 375 -13.98 -18.15 34.06
N VAL B 376 -14.86 -17.15 33.90
CA VAL B 376 -15.82 -17.18 32.80
C VAL B 376 -15.10 -16.99 31.47
N ILE B 377 -14.05 -16.17 31.44
CA ILE B 377 -13.32 -15.92 30.20
C ILE B 377 -12.59 -17.18 29.74
N ASN B 378 -11.88 -17.84 30.65
CA ASN B 378 -11.18 -19.07 30.29
C ASN B 378 -12.16 -20.14 29.82
N ALA B 379 -13.34 -20.20 30.44
CA ALA B 379 -14.35 -21.15 29.99
C ALA B 379 -14.87 -20.80 28.61
N LEU B 380 -15.08 -19.51 28.33
CA LEU B 380 -15.55 -19.10 27.02
C LEU B 380 -14.49 -19.34 25.96
N TYR B 381 -13.22 -19.17 26.30
CA TYR B 381 -12.16 -19.39 25.31
C TYR B 381 -12.02 -20.86 24.95
N LEU B 382 -11.98 -21.74 25.95
CA LEU B 382 -11.88 -23.17 25.68
C LEU B 382 -13.09 -23.70 24.92
N GLU B 383 -14.23 -23.01 25.01
CA GLU B 383 -15.44 -23.47 24.35
C GLU B 383 -15.47 -23.07 22.88
N SER B 384 -14.96 -21.89 22.55
CA SER B 384 -15.14 -21.35 21.20
C SER B 384 -13.90 -20.68 20.61
N GLY B 385 -12.82 -20.51 21.37
CA GLY B 385 -11.66 -19.80 20.87
C GLY B 385 -11.78 -18.29 20.87
N VAL B 386 -12.77 -17.74 21.57
CA VAL B 386 -12.93 -16.30 21.68
C VAL B 386 -12.19 -15.83 22.93
N ARG B 387 -11.33 -14.83 22.75
CA ARG B 387 -10.52 -14.30 23.84
C ARG B 387 -11.13 -13.00 24.36
N ALA B 388 -11.46 -12.98 25.64
CA ALA B 388 -11.98 -11.80 26.32
C ALA B 388 -11.04 -11.40 27.45
N VAL B 389 -11.32 -10.26 28.08
CA VAL B 389 -10.46 -9.70 29.10
C VAL B 389 -11.28 -9.41 30.35
N GLU B 390 -10.62 -9.51 31.50
CA GLU B 390 -11.28 -9.31 32.79
C GLU B 390 -11.15 -7.85 33.23
N ILE B 391 -12.25 -7.30 33.75
CA ILE B 391 -12.24 -5.98 34.37
C ILE B 391 -12.84 -6.09 35.76
N GLY B 392 -12.02 -6.46 36.73
CA GLY B 392 -12.46 -6.62 38.10
C GLY B 392 -11.32 -6.60 39.08
N SER B 393 -11.28 -7.58 39.99
CA SER B 393 -10.21 -7.62 40.99
C SER B 393 -8.87 -7.94 40.35
N PHE B 394 -8.86 -8.73 39.27
CA PHE B 394 -7.61 -9.01 38.58
C PHE B 394 -6.98 -7.73 38.04
N LEU B 395 -7.79 -6.87 37.43
CA LEU B 395 -7.28 -5.63 36.84
C LEU B 395 -7.03 -4.56 37.89
N LEU B 396 -7.87 -4.49 38.93
CA LEU B 396 -7.68 -3.46 39.96
C LEU B 396 -6.39 -3.68 40.75
N GLY B 397 -5.97 -4.94 40.91
CA GLY B 397 -4.68 -5.20 41.52
C GLY B 397 -4.69 -4.95 43.03
N ARG B 398 -3.50 -4.66 43.55
CA ARG B 398 -3.32 -4.43 44.98
C ARG B 398 -3.13 -2.95 45.27
N ASP B 399 -3.72 -2.49 46.35
CA ASP B 399 -3.57 -1.09 46.74
C ASP B 399 -2.13 -0.83 47.17
N PRO B 400 -1.48 0.22 46.65
CA PRO B 400 -0.06 0.42 46.96
C PRO B 400 0.21 0.73 48.43
N ALA B 401 -0.77 1.30 49.14
CA ALA B 401 -0.55 1.67 50.53
C ALA B 401 -0.56 0.45 51.45
N THR B 402 -1.49 -0.48 51.25
CA THR B 402 -1.63 -1.64 52.09
C THR B 402 -1.04 -2.91 51.48
N GLY B 403 -0.75 -2.92 50.18
CA GLY B 403 -0.30 -4.14 49.53
C GLY B 403 -1.36 -5.22 49.45
N GLU B 404 -2.62 -4.88 49.66
CA GLU B 404 -3.71 -5.83 49.67
C GLU B 404 -4.65 -5.58 48.48
N GLN B 405 -5.51 -6.56 48.25
CA GLN B 405 -6.44 -6.52 47.12
C GLN B 405 -7.34 -5.28 47.19
N LYS B 406 -7.31 -4.49 46.12
CA LYS B 406 -8.22 -3.35 46.04
C LYS B 406 -9.67 -3.83 46.00
N HIS B 407 -10.51 -3.17 46.77
CA HIS B 407 -11.93 -3.52 46.82
C HIS B 407 -12.57 -3.30 45.45
N ALA B 408 -13.06 -4.38 44.85
CA ALA B 408 -13.69 -4.33 43.54
C ALA B 408 -15.21 -4.28 43.71
N ASP B 409 -15.81 -3.18 43.27
CA ASP B 409 -17.27 -3.05 43.33
C ASP B 409 -17.96 -3.81 42.22
N MET B 410 -17.26 -4.13 41.13
CA MET B 410 -17.85 -4.85 40.01
C MET B 410 -16.86 -5.84 39.44
N GLU B 411 -17.35 -7.03 39.09
CA GLU B 411 -16.59 -8.05 38.39
C GLU B 411 -17.15 -8.17 36.98
N PHE B 412 -16.39 -7.69 36.00
CA PHE B 412 -16.85 -7.62 34.61
C PHE B 412 -16.00 -8.51 33.73
N MET B 413 -16.65 -9.22 32.81
CA MET B 413 -16.00 -9.77 31.63
C MET B 413 -16.30 -8.84 30.46
N ARG B 414 -15.26 -8.34 29.81
CA ARG B 414 -15.40 -7.35 28.76
C ARG B 414 -15.29 -8.04 27.40
N LEU B 415 -16.35 -7.96 26.61
CA LEU B 415 -16.35 -8.41 25.22
C LEU B 415 -16.07 -7.17 24.37
N THR B 416 -14.79 -6.89 24.15
CA THR B 416 -14.35 -5.65 23.53
C THR B 416 -14.36 -5.80 22.01
N ILE B 417 -15.00 -4.84 21.33
CA ILE B 417 -15.25 -4.94 19.90
C ILE B 417 -14.36 -3.93 19.18
N ALA B 418 -13.47 -4.42 18.33
CA ALA B 418 -12.71 -3.54 17.45
C ALA B 418 -13.65 -2.85 16.47
N ARG B 419 -13.19 -1.72 15.93
CA ARG B 419 -14.03 -0.86 15.10
C ARG B 419 -13.91 -1.27 13.65
N ARG B 420 -15.07 -1.54 13.01
CA ARG B 420 -15.18 -1.85 11.59
C ARG B 420 -14.42 -3.12 11.21
N VAL B 421 -14.37 -4.09 12.11
CA VAL B 421 -13.61 -5.32 11.91
C VAL B 421 -14.51 -6.54 11.78
N TYR B 422 -15.45 -6.70 12.71
CA TYR B 422 -16.32 -7.87 12.75
C TYR B 422 -17.73 -7.51 12.31
N THR B 423 -18.42 -8.50 11.75
CA THR B 423 -19.81 -8.32 11.34
C THR B 423 -20.74 -8.75 12.47
N ASN B 424 -22.04 -8.45 12.30
CA ASN B 424 -23.02 -8.92 13.26
C ASN B 424 -23.17 -10.43 13.25
N ASP B 425 -22.69 -11.10 12.19
CA ASP B 425 -22.65 -12.56 12.20
C ASP B 425 -21.54 -13.08 13.09
N HIS B 426 -20.42 -12.35 13.18
CA HIS B 426 -19.44 -12.64 14.22
C HIS B 426 -20.03 -12.44 15.60
N MET B 427 -20.82 -11.38 15.78
CA MET B 427 -21.50 -11.14 17.05
C MET B 427 -22.41 -12.32 17.41
N ASP B 428 -23.11 -12.88 16.42
CA ASP B 428 -23.98 -14.02 16.69
C ASP B 428 -23.18 -15.21 17.19
N TYR B 429 -22.03 -15.48 16.58
CA TYR B 429 -21.18 -16.58 17.05
C TYR B 429 -20.75 -16.37 18.49
N ILE B 430 -20.37 -15.13 18.84
CA ILE B 430 -19.97 -14.83 20.22
C ILE B 430 -21.12 -15.09 21.18
N ALA B 431 -22.29 -14.53 20.87
CA ALA B 431 -23.45 -14.68 21.74
C ALA B 431 -23.84 -16.14 21.89
N ASP B 432 -23.94 -16.86 20.76
CA ASP B 432 -24.28 -18.28 20.84
C ASP B 432 -23.28 -19.05 21.67
N ALA B 433 -22.00 -18.67 21.61
CA ALA B 433 -20.97 -19.36 22.37
C ALA B 433 -21.15 -19.16 23.87
N LEU B 434 -21.35 -17.91 24.29
CA LEU B 434 -21.50 -17.62 25.71
C LEU B 434 -22.80 -18.18 26.26
N ILE B 435 -23.89 -18.09 25.48
CA ILE B 435 -25.17 -18.65 25.89
C ILE B 435 -25.06 -20.16 26.09
N GLY B 436 -24.21 -20.82 25.30
CA GLY B 436 -24.03 -22.26 25.42
C GLY B 436 -23.32 -22.72 26.69
N LEU B 437 -22.91 -21.79 27.56
CA LEU B 437 -22.24 -22.13 28.81
C LEU B 437 -23.14 -21.92 30.02
N LYS B 438 -24.46 -22.01 29.83
CA LYS B 438 -25.39 -21.76 30.93
C LYS B 438 -25.29 -22.84 32.00
N GLU B 439 -25.32 -24.11 31.59
CA GLU B 439 -25.32 -25.21 32.54
C GLU B 439 -23.96 -25.43 33.21
N LYS B 440 -22.91 -24.76 32.74
CA LYS B 440 -21.58 -24.93 33.31
C LYS B 440 -21.11 -23.73 34.13
N PHE B 441 -21.94 -22.71 34.29
CA PHE B 441 -21.54 -21.54 35.07
C PHE B 441 -21.38 -21.89 36.55
N ALA B 442 -22.36 -22.59 37.11
CA ALA B 442 -22.33 -22.95 38.53
C ALA B 442 -21.18 -23.90 38.88
N THR B 443 -20.50 -24.46 37.89
CA THR B 443 -19.42 -25.42 38.13
C THR B 443 -18.03 -24.79 38.00
N LEU B 444 -17.94 -23.51 37.64
CA LEU B 444 -16.64 -22.88 37.47
C LEU B 444 -16.01 -22.61 38.83
N LYS B 445 -14.68 -22.40 38.80
CA LYS B 445 -13.92 -22.19 40.02
C LYS B 445 -12.88 -21.10 39.78
N GLY B 446 -12.46 -20.47 40.87
CA GLY B 446 -11.52 -19.37 40.82
C GLY B 446 -10.11 -19.81 40.47
N LEU B 447 -9.19 -18.86 40.57
CA LEU B 447 -7.79 -19.08 40.21
C LEU B 447 -6.88 -18.47 41.26
N GLU B 448 -5.71 -19.10 41.43
CA GLU B 448 -4.64 -18.62 42.30
C GLU B 448 -3.51 -18.05 41.45
N PHE B 449 -2.61 -17.34 42.12
CA PHE B 449 -1.47 -16.73 41.45
C PHE B 449 -0.30 -17.71 41.41
N GLU B 450 0.24 -17.93 40.21
CA GLU B 450 1.48 -18.67 40.06
C GLU B 450 2.68 -17.72 39.95
N TYR B 451 2.46 -16.54 39.40
CA TYR B 451 3.47 -15.50 39.31
C TYR B 451 2.74 -14.17 39.20
N GLU B 452 2.93 -13.29 40.18
CA GLU B 452 2.22 -12.03 40.24
C GLU B 452 3.19 -10.86 40.10
N PRO B 453 3.09 -10.07 39.04
CA PRO B 453 3.91 -8.86 38.92
C PRO B 453 3.48 -7.81 39.93
N PRO B 454 4.40 -6.92 40.33
CA PRO B 454 4.02 -5.88 41.29
C PRO B 454 3.23 -4.71 40.70
N VAL B 455 3.32 -4.49 39.40
CA VAL B 455 2.63 -3.38 38.73
C VAL B 455 1.95 -3.92 37.47
N LEU B 456 0.65 -3.66 37.35
CA LEU B 456 -0.15 -4.11 36.21
C LEU B 456 -0.04 -5.62 36.04
N ARG B 457 -0.57 -6.32 37.05
CA ARG B 457 -0.33 -7.76 37.16
C ARG B 457 -1.08 -8.54 36.10
N HIS B 458 -2.29 -8.10 35.75
CA HIS B 458 -3.17 -8.90 34.88
C HIS B 458 -2.60 -9.10 33.48
N PHE B 459 -1.61 -8.31 33.08
CA PHE B 459 -1.05 -8.44 31.73
C PHE B 459 -0.16 -9.66 31.58
N THR B 460 0.69 -9.94 32.55
CA THR B 460 1.67 -11.01 32.43
C THR B 460 1.62 -12.02 33.56
N ALA B 461 0.59 -11.99 34.40
CA ALA B 461 0.49 -12.93 35.50
C ALA B 461 0.12 -14.32 35.00
N ARG B 462 0.81 -15.33 35.50
CA ARG B 462 0.47 -16.72 35.26
C ARG B 462 -0.36 -17.23 36.42
N LEU B 463 -1.45 -17.94 36.11
CA LEU B 463 -2.43 -18.32 37.10
C LEU B 463 -2.48 -19.83 37.27
N LYS B 464 -3.14 -20.26 38.34
CA LYS B 464 -3.33 -21.67 38.67
C LYS B 464 -4.79 -21.87 39.00
N PRO B 465 -5.51 -22.74 38.30
CA PRO B 465 -6.92 -22.98 38.64
C PRO B 465 -7.04 -23.57 40.04
N ILE B 466 -7.86 -22.92 40.86
CA ILE B 466 -8.08 -23.39 42.22
C ILE B 466 -8.78 -24.73 42.19
N GLU B 467 -8.13 -25.76 42.71
CA GLU B 467 -8.67 -27.11 42.70
C GLU B 467 -9.95 -27.20 43.53
N ALA C 2 29.80 15.84 -20.27
CA ALA C 2 28.67 15.13 -19.68
C ALA C 2 28.31 15.72 -18.31
N LYS C 3 27.16 16.37 -18.25
CA LYS C 3 26.69 17.00 -17.01
C LYS C 3 25.61 16.16 -16.36
N ARG C 4 25.80 15.86 -15.08
CA ARG C 4 24.82 15.11 -14.30
CA ARG C 4 24.82 15.11 -14.30
C ARG C 4 23.81 16.08 -13.70
N ILE C 5 22.52 15.75 -13.82
CA ILE C 5 21.43 16.58 -13.31
C ILE C 5 20.81 15.87 -12.12
N VAL C 6 20.75 16.57 -10.99
CA VAL C 6 20.30 15.97 -9.74
C VAL C 6 18.79 15.70 -9.80
N GLU C 7 18.36 14.66 -9.10
CA GLU C 7 16.95 14.30 -9.08
C GLU C 7 16.13 15.39 -8.37
N PRO C 8 15.02 15.84 -8.97
CA PRO C 8 14.13 16.75 -8.24
C PRO C 8 13.20 16.00 -7.30
N PHE C 9 13.72 14.92 -6.70
CA PHE C 9 12.96 14.08 -5.78
C PHE C 9 13.96 13.26 -4.98
N ARG C 10 13.45 12.55 -3.98
CA ARG C 10 14.25 11.57 -3.26
C ARG C 10 13.55 10.21 -3.29
N ILE C 11 14.30 9.18 -2.93
CA ILE C 11 13.80 7.81 -3.01
C ILE C 11 12.94 7.51 -1.80
N LYS C 12 11.77 6.91 -2.05
CA LYS C 12 10.86 6.52 -0.98
C LYS C 12 10.72 5.02 -0.83
N MET C 13 10.90 4.25 -1.90
CA MET C 13 10.87 2.80 -1.84
C MET C 13 11.82 2.24 -2.87
N VAL C 14 12.49 1.13 -2.53
CA VAL C 14 13.48 0.52 -3.41
C VAL C 14 13.08 -0.94 -3.67
N GLU C 15 13.63 -1.49 -4.74
CA GLU C 15 13.56 -2.92 -5.02
C GLU C 15 14.92 -3.40 -5.47
N LYS C 16 15.27 -4.61 -5.06
CA LYS C 16 16.63 -5.11 -5.23
C LYS C 16 16.88 -5.58 -6.66
N ILE C 17 18.08 -5.31 -7.16
CA ILE C 17 18.55 -5.80 -8.45
C ILE C 17 19.89 -6.49 -8.23
N ARG C 18 20.15 -7.56 -8.98
CA ARG C 18 21.37 -8.33 -8.83
C ARG C 18 22.09 -8.43 -10.16
N VAL C 19 23.42 -8.65 -10.08
CA VAL C 19 24.25 -8.86 -11.25
C VAL C 19 24.46 -10.37 -11.39
N PRO C 20 23.90 -11.01 -12.41
CA PRO C 20 24.14 -12.44 -12.60
C PRO C 20 25.59 -12.71 -12.98
N SER C 21 26.00 -13.96 -12.78
CA SER C 21 27.35 -14.36 -13.17
C SER C 21 27.43 -14.45 -14.69
N ARG C 22 28.66 -14.61 -15.19
N ARG C 22 28.68 -14.57 -15.18
CA ARG C 22 28.87 -14.64 -16.63
CA ARG C 22 28.89 -14.66 -16.63
C ARG C 22 28.34 -15.93 -17.24
C ARG C 22 28.30 -15.92 -17.21
N GLU C 23 28.46 -17.06 -16.51
CA GLU C 23 27.94 -18.32 -17.02
C GLU C 23 26.42 -18.32 -17.05
N GLU C 24 25.79 -17.75 -16.02
CA GLU C 24 24.34 -17.65 -16.00
C GLU C 24 23.82 -16.86 -17.19
N ARG C 25 24.48 -15.74 -17.52
CA ARG C 25 24.05 -14.93 -18.65
C ARG C 25 24.23 -15.66 -19.97
N GLU C 26 25.34 -16.39 -20.11
CA GLU C 26 25.54 -17.18 -21.33
C GLU C 26 24.58 -18.37 -21.38
N ALA C 27 24.27 -18.96 -20.22
CA ALA C 27 23.29 -20.03 -20.19
C ALA C 27 21.89 -19.49 -20.47
N ALA C 28 21.58 -18.30 -19.96
CA ALA C 28 20.24 -17.74 -20.15
C ALA C 28 20.05 -17.25 -21.58
N LEU C 29 21.09 -16.67 -22.19
CA LEU C 29 20.96 -16.17 -23.55
C LEU C 29 20.83 -17.30 -24.55
N LYS C 30 21.60 -18.37 -24.37
CA LYS C 30 21.46 -19.53 -25.24
C LYS C 30 20.12 -20.21 -25.04
N GLU C 31 19.59 -20.19 -23.81
CA GLU C 31 18.28 -20.78 -23.56
C GLU C 31 17.17 -19.88 -24.10
N ALA C 32 17.38 -18.56 -24.12
CA ALA C 32 16.41 -17.63 -24.66
C ALA C 32 16.41 -17.56 -26.17
N GLY C 33 17.10 -18.48 -26.84
CA GLY C 33 17.21 -18.43 -28.29
C GLY C 33 18.00 -17.24 -28.80
N TYR C 34 18.94 -16.74 -28.00
CA TYR C 34 19.71 -15.55 -28.34
C TYR C 34 18.81 -14.36 -28.64
N ASN C 35 17.65 -14.33 -27.99
CA ASN C 35 16.73 -13.19 -28.06
C ASN C 35 16.54 -12.66 -26.65
N PRO C 36 17.02 -11.45 -26.35
CA PRO C 36 16.85 -10.91 -24.99
C PRO C 36 15.40 -10.82 -24.55
N PHE C 37 14.46 -10.70 -25.50
CA PHE C 37 13.04 -10.68 -25.14
C PHE C 37 12.60 -11.96 -24.44
N LEU C 38 13.33 -13.06 -24.61
CA LEU C 38 12.98 -14.34 -24.00
C LEU C 38 13.77 -14.62 -22.73
N LEU C 39 14.55 -13.65 -22.25
CA LEU C 39 15.24 -13.81 -20.98
C LEU C 39 14.28 -13.59 -19.82
N PRO C 40 14.42 -14.35 -18.73
CA PRO C 40 13.70 -13.99 -17.51
C PRO C 40 14.33 -12.78 -16.85
N SER C 41 13.50 -11.93 -16.25
CA SER C 41 14.02 -10.73 -15.60
C SER C 41 14.96 -11.05 -14.45
N SER C 42 14.88 -12.26 -13.90
CA SER C 42 15.81 -12.67 -12.86
C SER C 42 17.24 -12.72 -13.38
N ALA C 43 17.43 -12.90 -14.69
CA ALA C 43 18.74 -12.94 -15.31
C ALA C 43 19.15 -11.61 -15.93
N VAL C 44 18.53 -10.52 -15.50
CA VAL C 44 18.81 -9.19 -16.03
C VAL C 44 19.16 -8.26 -14.88
N TYR C 45 20.28 -7.55 -15.00
CA TYR C 45 20.69 -6.57 -13.99
C TYR C 45 19.94 -5.26 -14.20
N ILE C 46 20.37 -4.46 -15.17
CA ILE C 46 19.68 -3.23 -15.53
C ILE C 46 18.91 -3.49 -16.83
N ASP C 47 17.61 -3.22 -16.81
CA ASP C 47 16.74 -3.51 -17.93
C ASP C 47 16.52 -2.24 -18.74
N LEU C 48 17.12 -2.20 -19.93
CA LEU C 48 16.91 -1.10 -20.89
C LEU C 48 16.06 -1.54 -22.07
N LEU C 49 15.26 -2.60 -21.90
CA LEU C 49 14.46 -3.13 -22.99
C LEU C 49 13.42 -2.11 -23.44
N THR C 50 12.82 -1.39 -22.50
CA THR C 50 11.75 -0.46 -22.82
C THR C 50 11.63 0.56 -21.70
N ASP C 51 10.96 1.67 -22.03
CA ASP C 51 10.55 2.67 -21.06
C ASP C 51 9.04 2.60 -20.79
N SER C 52 8.39 1.50 -21.18
CA SER C 52 6.94 1.37 -21.15
C SER C 52 6.53 0.51 -19.94
N GLY C 53 5.81 1.13 -19.00
CA GLY C 53 5.27 0.42 -17.87
C GLY C 53 6.29 0.01 -16.81
N THR C 54 7.54 0.40 -16.95
CA THR C 54 8.56 0.10 -15.97
C THR C 54 8.89 1.28 -15.07
N ASN C 55 8.11 2.37 -15.16
CA ASN C 55 8.43 3.60 -14.46
C ASN C 55 8.14 3.47 -12.96
N ALA C 56 8.81 4.32 -12.18
CA ALA C 56 8.57 4.41 -10.75
C ALA C 56 7.51 5.47 -10.49
N MET C 57 6.54 5.13 -9.64
CA MET C 57 5.47 6.07 -9.34
C MET C 57 5.83 6.88 -8.09
N SER C 58 5.12 8.00 -7.92
CA SER C 58 5.30 8.81 -6.71
C SER C 58 4.46 8.22 -5.58
N ASP C 59 4.64 8.81 -4.38
CA ASP C 59 3.75 8.47 -3.28
C ASP C 59 2.33 8.94 -3.54
N HIS C 60 2.17 10.09 -4.21
N HIS C 60 2.18 10.08 -4.22
CA HIS C 60 0.83 10.55 -4.56
CA HIS C 60 0.84 10.56 -4.57
C HIS C 60 0.14 9.56 -5.50
C HIS C 60 0.14 9.60 -5.52
N GLN C 61 0.90 8.94 -6.40
CA GLN C 61 0.30 8.00 -7.35
C GLN C 61 -0.20 6.74 -6.65
N TRP C 62 0.62 6.17 -5.77
CA TRP C 62 0.19 4.99 -5.02
C TRP C 62 -0.99 5.32 -4.11
N ALA C 63 -0.99 6.53 -3.52
CA ALA C 63 -2.11 6.94 -2.69
C ALA C 63 -3.39 7.03 -3.52
N ALA C 64 -3.30 7.53 -4.74
CA ALA C 64 -4.46 7.59 -5.62
C ALA C 64 -4.99 6.19 -5.92
N MET C 65 -4.09 5.21 -6.05
CA MET C 65 -4.52 3.84 -6.31
C MET C 65 -5.30 3.27 -5.14
N ILE C 66 -4.90 3.61 -3.91
CA ILE C 66 -5.51 3.02 -2.72
C ILE C 66 -6.96 3.46 -2.56
N THR C 67 -7.28 4.70 -2.95
CA THR C 67 -8.64 5.21 -2.90
C THR C 67 -9.35 5.11 -4.24
N GLY C 68 -8.86 4.27 -5.15
CA GLY C 68 -9.47 4.16 -6.46
C GLY C 68 -10.84 3.53 -6.40
N ASP C 69 -11.74 4.01 -7.26
CA ASP C 69 -13.11 3.52 -7.32
C ASP C 69 -13.16 2.39 -8.34
N GLU C 70 -13.36 1.16 -7.86
CA GLU C 70 -13.40 -0.01 -8.72
C GLU C 70 -14.80 -0.33 -9.24
N ALA C 71 -15.68 0.66 -9.30
CA ALA C 71 -17.03 0.44 -9.80
C ALA C 71 -17.00 0.09 -11.29
N TYR C 72 -17.90 -0.80 -11.71
CA TYR C 72 -17.90 -1.23 -13.10
C TYR C 72 -18.35 -0.10 -14.03
N ALA C 73 -19.31 0.71 -13.60
CA ALA C 73 -19.85 1.80 -14.41
C ALA C 73 -19.86 3.08 -13.58
N GLY C 74 -19.32 4.16 -14.16
CA GLY C 74 -19.35 5.45 -13.50
C GLY C 74 -18.35 5.65 -12.39
N SER C 75 -17.17 5.04 -12.49
CA SER C 75 -16.13 5.25 -11.48
C SER C 75 -15.80 6.73 -11.33
N ARG C 76 -15.64 7.17 -10.08
CA ARG C 76 -15.24 8.56 -9.82
C ARG C 76 -13.96 8.90 -10.56
N ASN C 77 -13.03 7.94 -10.66
CA ASN C 77 -11.76 8.20 -11.32
C ASN C 77 -11.94 8.39 -12.83
N TYR C 78 -12.98 7.81 -13.42
CA TYR C 78 -13.25 8.05 -14.84
C TYR C 78 -13.58 9.52 -15.08
N TYR C 79 -14.44 10.10 -14.25
CA TYR C 79 -14.79 11.51 -14.42
C TYR C 79 -13.61 12.42 -14.12
N ASP C 80 -12.71 12.01 -13.22
CA ASP C 80 -11.47 12.75 -13.02
C ASP C 80 -10.61 12.72 -14.27
N LEU C 81 -10.48 11.54 -14.89
CA LEU C 81 -9.72 11.41 -16.12
C LEU C 81 -10.31 12.27 -17.23
N LYS C 82 -11.64 12.32 -17.30
CA LYS C 82 -12.29 13.14 -18.32
C LYS C 82 -11.97 14.62 -18.14
N ASP C 83 -12.04 15.10 -16.89
CA ASP C 83 -11.72 16.50 -16.63
C ASP C 83 -10.24 16.79 -16.84
N LYS C 84 -9.38 15.82 -16.56
CA LYS C 84 -7.95 16.03 -16.77
C LYS C 84 -7.62 16.22 -18.23
N ALA C 85 -8.24 15.42 -19.11
CA ALA C 85 -8.00 15.56 -20.54
C ALA C 85 -8.55 16.89 -21.06
N LYS C 86 -9.68 17.34 -20.52
CA LYS C 86 -10.20 18.65 -20.89
C LYS C 86 -9.26 19.77 -20.42
N GLU C 87 -8.58 19.56 -19.29
CA GLU C 87 -7.64 20.55 -18.79
C GLU C 87 -6.36 20.59 -19.63
N LEU C 88 -5.77 19.41 -19.86
CA LEU C 88 -4.50 19.37 -20.56
C LEU C 88 -4.68 19.59 -22.06
N PHE C 89 -5.57 18.84 -22.70
CA PHE C 89 -5.67 18.83 -24.15
C PHE C 89 -6.83 19.66 -24.69
N ASN C 90 -7.77 20.09 -23.84
CA ASN C 90 -8.98 20.78 -24.26
C ASN C 90 -9.87 19.88 -25.11
N TYR C 91 -9.77 18.57 -24.90
CA TYR C 91 -10.60 17.60 -25.61
C TYR C 91 -11.80 17.21 -24.74
N ASP C 92 -12.95 17.03 -25.39
CA ASP C 92 -14.22 16.88 -24.69
C ASP C 92 -14.63 15.43 -24.46
N TYR C 93 -13.98 14.46 -25.11
CA TYR C 93 -14.38 13.07 -25.00
C TYR C 93 -13.16 12.21 -24.70
N ILE C 94 -13.34 11.20 -23.84
CA ILE C 94 -12.29 10.25 -23.52
C ILE C 94 -12.84 8.84 -23.52
N ILE C 95 -11.96 7.89 -23.81
CA ILE C 95 -12.25 6.46 -23.63
C ILE C 95 -11.00 5.81 -23.04
N PRO C 96 -11.06 5.31 -21.81
CA PRO C 96 -9.89 4.62 -21.25
C PRO C 96 -9.64 3.30 -21.97
N ALA C 97 -8.35 3.00 -22.18
CA ALA C 97 -7.92 1.74 -22.77
C ALA C 97 -6.89 1.10 -21.84
N HIS C 98 -6.72 -0.22 -21.99
CA HIS C 98 -5.81 -0.92 -21.09
C HIS C 98 -4.35 -0.57 -21.38
N GLN C 99 -4.02 -0.25 -22.62
CA GLN C 99 -2.73 0.35 -22.94
C GLN C 99 -2.80 0.91 -24.37
N GLY C 100 -1.65 1.32 -24.89
CA GLY C 100 -1.63 2.08 -26.13
C GLY C 100 -2.16 1.31 -27.33
N ARG C 101 -1.72 0.06 -27.48
CA ARG C 101 -2.20 -0.72 -28.62
C ARG C 101 -3.67 -1.08 -28.49
N GLY C 102 -4.22 -1.07 -27.27
CA GLY C 102 -5.66 -1.16 -27.13
C GLY C 102 -6.36 0.12 -27.56
N ALA C 103 -5.75 1.27 -27.27
CA ALA C 103 -6.30 2.54 -27.73
C ALA C 103 -6.34 2.62 -29.25
N GLU C 104 -5.34 2.04 -29.91
CA GLU C 104 -5.31 2.07 -31.38
C GLU C 104 -6.33 1.09 -31.96
N ASN C 105 -6.49 -0.08 -31.33
CA ASN C 105 -7.51 -1.02 -31.76
C ASN C 105 -8.92 -0.45 -31.60
N ILE C 106 -9.10 0.52 -30.70
CA ILE C 106 -10.39 1.17 -30.54
C ILE C 106 -10.64 2.17 -31.67
N LEU C 107 -9.66 3.04 -31.93
CA LEU C 107 -9.87 4.19 -32.79
C LEU C 107 -9.60 3.94 -34.26
N PHE C 108 -8.56 3.16 -34.58
CA PHE C 108 -8.14 3.03 -35.98
C PHE C 108 -9.20 2.33 -36.84
N PRO C 109 -9.75 1.19 -36.45
CA PRO C 109 -10.81 0.59 -37.29
C PRO C 109 -12.06 1.47 -37.39
N VAL C 110 -12.32 2.30 -36.37
CA VAL C 110 -13.45 3.22 -36.46
C VAL C 110 -13.19 4.30 -37.50
N LEU C 111 -11.96 4.81 -37.56
CA LEU C 111 -11.62 5.81 -38.56
C LEU C 111 -11.65 5.24 -39.97
N LEU C 112 -11.40 3.94 -40.13
CA LEU C 112 -11.41 3.35 -41.45
C LEU C 112 -12.84 3.19 -41.97
N LYS C 113 -13.75 2.74 -41.12
CA LYS C 113 -15.14 2.61 -41.54
C LYS C 113 -15.79 3.97 -41.73
N TYR C 114 -15.37 4.96 -40.94
CA TYR C 114 -15.87 6.32 -41.14
C TYR C 114 -15.41 6.88 -42.48
N LYS C 115 -14.15 6.63 -42.84
CA LYS C 115 -13.62 7.10 -44.12
C LYS C 115 -14.27 6.36 -45.29
N GLN C 116 -14.66 5.10 -45.08
CA GLN C 116 -15.34 4.30 -46.09
C GLN C 116 -16.85 4.45 -46.05
N LYS C 117 -17.37 5.45 -45.33
CA LYS C 117 -18.81 5.58 -45.15
C LYS C 117 -19.52 5.82 -46.47
N GLU C 118 -18.94 6.65 -47.35
CA GLU C 118 -19.53 6.94 -48.64
C GLU C 118 -18.90 6.13 -49.77
N GLY C 119 -18.47 4.91 -49.47
CA GLY C 119 -17.93 4.03 -50.48
C GLY C 119 -16.55 4.38 -50.99
N LYS C 120 -15.89 5.36 -50.38
CA LYS C 120 -14.56 5.76 -50.81
C LYS C 120 -13.51 5.05 -49.98
N ALA C 121 -12.26 5.51 -50.06
CA ALA C 121 -11.12 4.86 -49.42
C ALA C 121 -10.98 3.41 -49.90
N LYS C 122 -11.01 3.25 -51.23
CA LYS C 122 -10.86 1.92 -51.82
C LYS C 122 -9.48 1.34 -51.58
N ASN C 123 -8.46 2.19 -51.49
CA ASN C 123 -7.09 1.78 -51.19
C ASN C 123 -6.62 2.61 -50.01
N PRO C 124 -7.07 2.28 -48.80
CA PRO C 124 -6.82 3.16 -47.66
C PRO C 124 -5.37 3.16 -47.23
N VAL C 125 -4.92 4.33 -46.74
CA VAL C 125 -3.55 4.52 -46.29
C VAL C 125 -3.55 5.36 -45.01
N PHE C 126 -2.54 5.14 -44.18
CA PHE C 126 -2.23 5.99 -43.05
C PHE C 126 -0.88 6.67 -43.31
N ILE C 127 -0.79 7.95 -42.96
CA ILE C 127 0.43 8.72 -43.13
C ILE C 127 0.90 9.20 -41.77
N SER C 128 2.19 9.03 -41.50
CA SER C 128 2.76 9.46 -40.23
C SER C 128 4.19 9.92 -40.46
N ASN C 129 4.71 10.70 -39.51
CA ASN C 129 6.15 10.93 -39.48
C ASN C 129 6.88 9.61 -39.29
N PHE C 130 6.34 8.75 -38.42
CA PHE C 130 6.74 7.35 -38.37
C PHE C 130 5.77 6.54 -37.52
N HIS C 131 5.20 5.49 -38.11
CA HIS C 131 4.40 4.54 -37.34
C HIS C 131 5.33 3.61 -36.58
N PHE C 132 5.13 3.51 -35.27
CA PHE C 132 5.86 2.51 -34.52
C PHE C 132 5.24 1.13 -34.77
N ASP C 133 5.91 0.09 -34.24
CA ASP C 133 5.65 -1.27 -34.71
C ASP C 133 4.21 -1.69 -34.46
N THR C 134 3.70 -1.48 -33.24
CA THR C 134 2.33 -1.89 -32.93
CA THR C 134 2.33 -1.89 -32.94
C THR C 134 1.31 -0.98 -33.61
N THR C 135 1.66 0.28 -33.84
CA THR C 135 0.75 1.19 -34.54
C THR C 135 0.62 0.79 -36.01
N ALA C 136 1.76 0.57 -36.67
CA ALA C 136 1.73 0.11 -38.07
C ALA C 136 1.09 -1.26 -38.18
N ALA C 137 1.28 -2.12 -37.18
CA ALA C 137 0.66 -3.44 -37.21
C ALA C 137 -0.86 -3.34 -37.22
N HIS C 138 -1.42 -2.38 -36.49
CA HIS C 138 -2.87 -2.19 -36.50
C HIS C 138 -3.34 -1.52 -37.78
N VAL C 139 -2.51 -0.65 -38.37
CA VAL C 139 -2.84 -0.09 -39.68
C VAL C 139 -2.93 -1.20 -40.72
N GLU C 140 -1.99 -2.14 -40.68
CA GLU C 140 -1.95 -3.23 -41.66
C GLU C 140 -2.88 -4.38 -41.32
N LEU C 141 -3.24 -4.55 -40.03
CA LEU C 141 -4.25 -5.53 -39.68
C LEU C 141 -5.62 -5.17 -40.23
N ASN C 142 -5.85 -3.90 -40.54
CA ASN C 142 -7.13 -3.44 -41.09
C ASN C 142 -7.07 -3.21 -42.59
N GLY C 143 -6.11 -3.81 -43.27
CA GLY C 143 -6.03 -3.72 -44.73
C GLY C 143 -5.61 -2.36 -45.25
N CYS C 144 -4.70 -1.69 -44.57
CA CYS C 144 -4.21 -0.38 -44.98
C CYS C 144 -2.69 -0.42 -45.10
N LYS C 145 -2.13 0.64 -45.69
CA LYS C 145 -0.69 0.81 -45.80
C LYS C 145 -0.25 1.90 -44.85
N ALA C 146 0.82 1.63 -44.11
CA ALA C 146 1.40 2.60 -43.17
C ALA C 146 2.51 3.35 -43.88
N ILE C 147 2.28 4.62 -44.18
CA ILE C 147 3.25 5.46 -44.89
C ILE C 147 4.00 6.30 -43.86
N ASN C 148 5.32 6.17 -43.84
CA ASN C 148 6.18 6.93 -42.96
C ASN C 148 6.94 7.96 -43.79
N ILE C 149 6.91 9.22 -43.36
CA ILE C 149 7.54 10.31 -44.10
C ILE C 149 8.32 11.21 -43.17
N VAL C 150 9.20 10.62 -42.36
CA VAL C 150 10.01 11.41 -41.44
C VAL C 150 10.96 12.29 -42.23
N THR C 151 11.35 13.42 -41.63
CA THR C 151 12.34 14.29 -42.25
C THR C 151 13.62 13.52 -42.52
N GLU C 152 14.24 13.81 -43.67
CA GLU C 152 15.45 13.08 -44.05
C GLU C 152 16.62 13.41 -43.14
N LYS C 153 16.57 14.53 -42.42
CA LYS C 153 17.61 14.86 -41.47
C LYS C 153 17.64 13.89 -40.28
N ALA C 154 16.66 13.01 -40.16
CA ALA C 154 16.70 11.98 -39.13
C ALA C 154 17.66 10.85 -39.49
N PHE C 155 18.01 10.72 -40.77
CA PHE C 155 18.88 9.65 -41.24
C PHE C 155 20.35 10.03 -41.17
N ASP C 156 20.67 11.24 -40.72
CA ASP C 156 22.04 11.68 -40.49
C ASP C 156 22.26 11.66 -38.98
N SER C 157 22.84 10.57 -38.48
CA SER C 157 22.89 10.34 -37.04
C SER C 157 23.71 11.40 -36.33
N GLU C 158 24.95 11.63 -36.76
CA GLU C 158 25.87 12.49 -36.02
C GLU C 158 25.58 13.97 -36.16
N THR C 159 24.94 14.38 -37.26
CA THR C 159 24.68 15.80 -37.49
C THR C 159 23.47 16.24 -36.67
N TYR C 160 23.66 17.27 -35.85
CA TYR C 160 22.60 17.77 -35.00
C TYR C 160 21.48 18.39 -35.83
N ASP C 161 20.25 18.25 -35.33
CA ASP C 161 19.12 19.03 -35.81
C ASP C 161 18.14 19.22 -34.67
N ASP C 162 17.38 20.31 -34.73
CA ASP C 162 16.44 20.62 -33.67
C ASP C 162 15.23 19.68 -33.68
N TRP C 163 14.78 19.24 -34.87
CA TRP C 163 13.53 18.52 -35.00
C TRP C 163 13.71 17.34 -35.97
N LYS C 164 14.35 16.28 -35.49
CA LYS C 164 14.52 15.08 -36.30
C LYS C 164 13.27 14.21 -36.36
N GLY C 165 12.20 14.59 -35.67
CA GLY C 165 10.93 13.90 -35.77
C GLY C 165 9.93 14.58 -36.67
N ASP C 166 10.31 15.67 -37.34
CA ASP C 166 9.39 16.43 -38.16
C ASP C 166 8.85 15.61 -39.33
N PHE C 167 7.62 15.92 -39.73
CA PHE C 167 7.11 15.45 -41.01
C PHE C 167 7.91 16.06 -42.15
N ASP C 168 8.19 15.25 -43.17
CA ASP C 168 8.70 15.76 -44.43
C ASP C 168 7.51 16.37 -45.18
N ILE C 169 7.37 17.69 -45.10
CA ILE C 169 6.18 18.35 -45.62
C ILE C 169 6.06 18.12 -47.12
N LYS C 170 7.18 18.17 -47.84
CA LYS C 170 7.13 17.91 -49.28
C LYS C 170 6.60 16.51 -49.58
N LYS C 171 7.06 15.51 -48.84
CA LYS C 171 6.56 14.15 -49.04
C LYS C 171 5.14 13.98 -48.54
N LEU C 172 4.70 14.82 -47.60
CA LEU C 172 3.29 14.79 -47.17
C LEU C 172 2.37 15.25 -48.30
N LYS C 173 2.65 16.41 -48.88
CA LYS C 173 1.81 16.91 -49.97
C LYS C 173 1.86 15.98 -51.18
N GLU C 174 3.03 15.41 -51.46
CA GLU C 174 3.13 14.48 -52.59
C GLU C 174 2.33 13.20 -52.33
N ASN C 175 2.34 12.72 -51.09
CA ASN C 175 1.55 11.53 -50.76
C ASN C 175 0.06 11.82 -50.86
N ILE C 176 -0.35 13.02 -50.46
CA ILE C 176 -1.77 13.40 -50.58
C ILE C 176 -2.19 13.38 -52.04
N ALA C 177 -1.34 13.90 -52.94
CA ALA C 177 -1.68 13.90 -54.36
C ALA C 177 -1.55 12.51 -54.97
N GLN C 178 -0.62 11.69 -54.46
CA GLN C 178 -0.40 10.36 -55.03
C GLN C 178 -1.54 9.41 -54.72
N HIS C 179 -2.08 9.47 -53.50
CA HIS C 179 -3.15 8.57 -53.09
C HIS C 179 -4.53 9.22 -53.06
N GLY C 180 -4.60 10.54 -53.14
CA GLY C 180 -5.88 11.22 -53.00
C GLY C 180 -6.30 11.35 -51.55
N ALA C 181 -6.93 12.47 -51.20
CA ALA C 181 -7.33 12.69 -49.81
C ALA C 181 -8.36 11.66 -49.36
N ASP C 182 -9.16 11.12 -50.29
CA ASP C 182 -10.20 10.17 -49.93
C ASP C 182 -9.65 8.81 -49.52
N ASN C 183 -8.38 8.53 -49.83
CA ASN C 183 -7.75 7.30 -49.39
C ASN C 183 -6.99 7.45 -48.08
N ILE C 184 -6.72 8.68 -47.65
CA ILE C 184 -5.95 8.94 -46.43
C ILE C 184 -6.92 8.92 -45.27
N VAL C 185 -6.98 7.78 -44.57
CA VAL C 185 -7.91 7.62 -43.46
C VAL C 185 -7.58 8.62 -42.35
N ALA C 186 -6.31 8.72 -42.00
CA ALA C 186 -5.88 9.66 -40.97
C ALA C 186 -4.38 9.90 -41.12
N ILE C 187 -3.93 11.01 -40.53
CA ILE C 187 -2.52 11.31 -40.38
C ILE C 187 -2.17 11.17 -38.91
N VAL C 188 -1.11 10.43 -38.61
CA VAL C 188 -0.72 10.11 -37.25
C VAL C 188 0.55 10.90 -36.92
N SER C 189 0.43 11.88 -36.04
CA SER C 189 1.57 12.64 -35.56
C SER C 189 2.08 11.98 -34.28
N THR C 190 3.21 11.29 -34.38
CA THR C 190 3.82 10.62 -33.23
C THR C 190 4.77 11.59 -32.54
N VAL C 191 4.45 11.92 -31.28
CA VAL C 191 5.23 12.87 -30.50
C VAL C 191 5.59 12.23 -29.17
N THR C 192 6.88 12.04 -28.90
CA THR C 192 7.95 12.26 -29.87
C THR C 192 7.95 11.13 -30.89
N CYS C 193 8.78 11.27 -31.93
CA CYS C 193 8.88 10.26 -32.97
C CYS C 193 9.78 9.14 -32.47
N ASN C 194 9.18 8.03 -32.06
CA ASN C 194 9.94 6.96 -31.41
C ASN C 194 10.91 6.30 -32.38
N SER C 195 10.47 6.02 -33.61
CA SER C 195 11.32 5.30 -34.56
C SER C 195 12.53 6.11 -34.98
N ALA C 196 12.41 7.44 -35.00
CA ALA C 196 13.54 8.30 -35.35
C ALA C 196 14.49 8.54 -34.19
N GLY C 197 14.26 7.91 -33.03
CA GLY C 197 15.15 8.08 -31.90
C GLY C 197 14.56 8.90 -30.78
N GLY C 198 13.23 8.85 -30.63
CA GLY C 198 12.57 9.71 -29.66
C GLY C 198 12.79 11.17 -29.91
N GLN C 199 12.93 11.57 -31.18
CA GLN C 199 13.23 12.93 -31.58
C GLN C 199 11.96 13.76 -31.66
N PRO C 200 12.04 15.04 -31.30
CA PRO C 200 10.84 15.86 -31.18
C PRO C 200 10.30 16.33 -32.53
N VAL C 201 9.04 16.74 -32.49
CA VAL C 201 8.37 17.39 -33.61
C VAL C 201 8.12 18.85 -33.22
N SER C 202 8.53 19.76 -34.09
CA SER C 202 8.38 21.18 -33.78
C SER C 202 6.91 21.59 -33.76
N MET C 203 6.63 22.68 -33.05
CA MET C 203 5.28 23.24 -33.06
C MET C 203 4.89 23.69 -34.46
N SER C 204 5.83 24.30 -35.18
CA SER C 204 5.53 24.72 -36.55
CA SER C 204 5.53 24.72 -36.55
C SER C 204 5.25 23.54 -37.46
N ASN C 205 5.92 22.41 -37.22
CA ASN C 205 5.66 21.23 -38.04
C ASN C 205 4.29 20.64 -37.75
N LEU C 206 3.96 20.47 -36.46
CA LEU C 206 2.62 20.04 -36.08
C LEU C 206 1.55 20.96 -36.65
N LYS C 207 1.81 22.27 -36.62
CA LYS C 207 0.83 23.23 -37.11
C LYS C 207 0.63 23.10 -38.62
N GLU C 208 1.71 22.96 -39.38
CA GLU C 208 1.59 22.90 -40.83
C GLU C 208 0.95 21.59 -41.28
N VAL C 209 1.29 20.47 -40.62
CA VAL C 209 0.69 19.19 -40.98
C VAL C 209 -0.81 19.23 -40.75
N TYR C 210 -1.25 19.86 -39.66
CA TYR C 210 -2.68 19.96 -39.38
C TYR C 210 -3.37 20.88 -40.38
N GLU C 211 -2.71 21.99 -40.75
CA GLU C 211 -3.31 22.91 -41.72
C GLU C 211 -3.46 22.26 -43.09
N ILE C 212 -2.45 21.49 -43.52
CA ILE C 212 -2.55 20.77 -44.79
C ILE C 212 -3.65 19.73 -44.72
N ALA C 213 -3.81 19.10 -43.56
CA ALA C 213 -4.82 18.05 -43.41
C ALA C 213 -6.22 18.61 -43.42
N LYS C 214 -6.46 19.69 -42.67
CA LYS C 214 -7.77 20.33 -42.68
C LYS C 214 -8.08 20.94 -44.05
N GLN C 215 -7.05 21.25 -44.83
CA GLN C 215 -7.27 21.69 -46.21
C GLN C 215 -7.89 20.57 -47.05
N HIS C 216 -7.54 19.32 -46.75
CA HIS C 216 -8.05 18.17 -47.48
C HIS C 216 -9.08 17.37 -46.68
N GLY C 217 -9.46 17.85 -45.50
CA GLY C 217 -10.45 17.14 -44.69
C GLY C 217 -9.97 15.81 -44.16
N ILE C 218 -8.72 15.74 -43.72
CA ILE C 218 -8.11 14.50 -43.25
C ILE C 218 -8.04 14.53 -41.73
N PHE C 219 -8.55 13.48 -41.09
CA PHE C 219 -8.49 13.36 -39.64
C PHE C 219 -7.04 13.25 -39.17
N VAL C 220 -6.74 13.90 -38.05
CA VAL C 220 -5.39 13.94 -37.50
C VAL C 220 -5.42 13.36 -36.10
N VAL C 221 -4.70 12.26 -35.90
CA VAL C 221 -4.56 11.61 -34.60
C VAL C 221 -3.14 11.84 -34.10
N MET C 222 -3.02 12.16 -32.82
CA MET C 222 -1.72 12.41 -32.18
C MET C 222 -1.35 11.20 -31.35
N ASP C 223 -0.37 10.43 -31.82
CA ASP C 223 0.22 9.35 -31.03
C ASP C 223 1.01 9.98 -29.90
N SER C 224 0.45 9.94 -28.69
CA SER C 224 0.85 10.82 -27.60
C SER C 224 1.54 10.09 -26.46
N ALA C 225 2.22 8.98 -26.75
CA ALA C 225 2.89 8.22 -25.69
C ALA C 225 3.92 9.08 -24.96
N ARG C 226 4.64 9.93 -25.69
CA ARG C 226 5.71 10.75 -25.13
C ARG C 226 5.50 12.22 -25.47
N PHE C 227 4.27 12.69 -25.22
CA PHE C 227 3.92 14.07 -25.56
C PHE C 227 4.58 15.08 -24.64
N CYS C 228 4.82 14.71 -23.37
CA CYS C 228 5.49 15.62 -22.45
C CYS C 228 6.94 15.84 -22.85
N GLU C 229 7.65 14.76 -23.20
CA GLU C 229 9.03 14.90 -23.65
C GLU C 229 9.12 15.73 -24.92
N ASN C 230 8.11 15.63 -25.79
CA ASN C 230 8.08 16.49 -26.97
C ASN C 230 7.80 17.93 -26.59
N ALA C 231 6.87 18.15 -25.64
CA ALA C 231 6.58 19.50 -25.19
C ALA C 231 7.79 20.15 -24.55
N TYR C 232 8.64 19.37 -23.87
CA TYR C 232 9.85 19.92 -23.28
C TYR C 232 10.80 20.42 -24.35
N PHE C 233 11.04 19.61 -25.39
CA PHE C 233 11.95 20.02 -26.45
C PHE C 233 11.46 21.27 -27.17
N ILE C 234 10.14 21.43 -27.31
CA ILE C 234 9.62 22.64 -27.94
C ILE C 234 9.96 23.86 -27.10
N LYS C 235 9.77 23.77 -25.78
CA LYS C 235 10.16 24.89 -24.93
C LYS C 235 11.67 25.10 -24.93
N ALA C 236 12.44 24.02 -25.05
CA ALA C 236 13.90 24.13 -25.01
C ALA C 236 14.47 24.72 -26.30
N ARG C 237 13.93 24.32 -27.45
CA ARG C 237 14.56 24.62 -28.74
C ARG C 237 13.80 25.65 -29.58
N ASP C 238 12.49 25.79 -29.40
CA ASP C 238 11.73 26.82 -30.09
C ASP C 238 11.80 28.10 -29.27
N PRO C 239 12.46 29.15 -29.75
CA PRO C 239 12.49 30.41 -28.98
C PRO C 239 11.11 30.99 -28.72
N LYS C 240 10.13 30.64 -29.54
CA LYS C 240 8.78 31.15 -29.35
C LYS C 240 8.17 30.72 -28.02
N TYR C 241 8.57 29.55 -27.52
CA TYR C 241 8.05 29.02 -26.27
C TYR C 241 9.08 29.03 -25.14
N LYS C 242 10.04 29.97 -25.21
CA LYS C 242 11.10 30.02 -24.22
C LYS C 242 10.56 30.34 -22.83
N ASN C 243 9.52 31.17 -22.76
CA ASN C 243 8.97 31.64 -21.49
C ASN C 243 7.55 31.13 -21.26
N ALA C 244 7.22 29.96 -21.79
CA ALA C 244 5.92 29.33 -21.59
C ALA C 244 6.07 28.11 -20.69
N THR C 245 4.98 27.75 -20.01
CA THR C 245 4.99 26.55 -19.21
C THR C 245 4.83 25.32 -20.10
N ILE C 246 5.14 24.16 -19.53
CA ILE C 246 4.97 22.90 -20.27
C ILE C 246 3.51 22.70 -20.66
N LYS C 247 2.60 22.99 -19.73
CA LYS C 247 1.17 22.83 -20.01
C LYS C 247 0.72 23.75 -21.13
N GLU C 248 1.27 24.98 -21.19
CA GLU C 248 0.95 25.87 -22.30
C GLU C 248 1.48 25.33 -23.62
N VAL C 249 2.60 24.61 -23.59
CA VAL C 249 3.11 23.98 -24.80
C VAL C 249 2.24 22.79 -25.18
N ILE C 250 1.83 22.00 -24.18
CA ILE C 250 0.94 20.87 -24.45
C ILE C 250 -0.40 21.36 -24.98
N PHE C 251 -0.94 22.43 -24.40
CA PHE C 251 -2.22 22.96 -24.83
C PHE C 251 -2.15 23.41 -26.30
N ASP C 252 -1.03 23.99 -26.71
CA ASP C 252 -0.89 24.44 -28.09
C ASP C 252 -0.64 23.27 -29.04
N MET C 253 0.03 22.21 -28.58
CA MET C 253 0.30 21.07 -29.43
C MET C 253 -0.99 20.44 -29.94
N TYR C 254 -2.01 20.37 -29.10
CA TYR C 254 -3.23 19.64 -29.42
C TYR C 254 -4.28 20.53 -30.07
N LYS C 255 -3.94 21.77 -30.41
CA LYS C 255 -4.71 22.49 -31.41
C LYS C 255 -4.51 21.92 -32.81
N TYR C 256 -3.53 21.04 -32.98
CA TYR C 256 -3.12 20.53 -34.29
C TYR C 256 -3.38 19.03 -34.43
N ALA C 257 -4.42 18.55 -33.76
CA ALA C 257 -4.92 17.20 -33.94
C ALA C 257 -6.41 17.19 -33.62
N ASP C 258 -7.09 16.17 -34.12
CA ASP C 258 -8.51 15.99 -33.85
C ASP C 258 -8.78 14.92 -32.81
N ALA C 259 -7.76 14.15 -32.42
CA ALA C 259 -7.91 13.08 -31.44
C ALA C 259 -6.51 12.65 -31.02
N LEU C 260 -6.44 11.76 -30.04
CA LEU C 260 -5.17 11.25 -29.60
C LEU C 260 -5.32 9.79 -29.16
N THR C 261 -4.32 8.99 -29.49
CA THR C 261 -4.09 7.71 -28.85
C THR C 261 -2.84 7.82 -27.99
N MET C 262 -2.89 7.26 -26.79
CA MET C 262 -1.82 7.44 -25.83
C MET C 262 -1.58 6.17 -25.05
N SER C 263 -0.32 5.76 -24.97
CA SER C 263 0.11 4.73 -24.03
C SER C 263 0.52 5.43 -22.74
N ALA C 264 -0.36 5.38 -21.74
CA ALA C 264 -0.07 6.00 -20.45
C ALA C 264 1.08 5.32 -19.72
N LYS C 265 1.61 4.23 -20.26
CA LYS C 265 2.76 3.54 -19.68
C LYS C 265 4.08 4.26 -19.94
N LYS C 266 4.06 5.44 -20.58
CA LYS C 266 5.28 6.18 -20.88
C LYS C 266 5.26 7.46 -20.07
N ASP C 267 4.98 8.61 -20.67
CA ASP C 267 5.10 9.87 -19.95
C ASP C 267 4.15 10.03 -18.75
N PRO C 268 2.91 9.50 -18.76
CA PRO C 268 2.08 9.61 -17.55
C PRO C 268 2.57 8.76 -16.38
N LEU C 269 3.74 8.13 -16.53
CA LEU C 269 4.46 7.51 -15.42
C LEU C 269 3.65 6.39 -14.78
N LEU C 270 3.20 5.44 -15.60
CA LEU C 270 2.39 4.33 -15.13
C LEU C 270 3.08 3.00 -15.42
N ASN C 271 2.50 1.93 -14.86
CA ASN C 271 2.89 0.57 -15.18
C ASN C 271 1.91 -0.09 -16.15
N ILE C 272 0.74 0.50 -16.34
CA ILE C 272 -0.28 -0.02 -17.25
C ILE C 272 -1.22 1.13 -17.54
N GLY C 273 -1.87 1.10 -18.70
CA GLY C 273 -2.86 2.12 -19.01
C GLY C 273 -2.73 2.75 -20.39
N GLY C 274 -3.87 3.07 -20.99
CA GLY C 274 -3.90 3.76 -22.26
C GLY C 274 -5.09 4.70 -22.29
N LEU C 275 -5.19 5.46 -23.37
CA LEU C 275 -6.21 6.51 -23.43
C LEU C 275 -6.51 6.87 -24.87
N VAL C 276 -7.80 7.05 -25.15
CA VAL C 276 -8.27 7.69 -26.37
C VAL C 276 -8.99 8.97 -25.96
N ALA C 277 -8.67 10.06 -26.63
CA ALA C 277 -9.37 11.32 -26.41
C ALA C 277 -9.71 11.94 -27.76
N ILE C 278 -10.88 12.57 -27.86
CA ILE C 278 -11.37 13.15 -29.09
C ILE C 278 -11.74 14.60 -28.84
N ARG C 279 -11.34 15.47 -29.77
CA ARG C 279 -11.50 16.90 -29.57
C ARG C 279 -12.96 17.30 -29.47
N ASP C 280 -13.74 17.04 -30.53
CA ASP C 280 -15.13 17.48 -30.55
C ASP C 280 -16.01 16.67 -31.49
N ASN C 281 -15.45 15.64 -32.13
CA ASN C 281 -16.21 14.82 -33.08
C ASN C 281 -17.01 13.78 -32.29
N GLU C 282 -18.29 14.06 -32.07
CA GLU C 282 -19.10 13.18 -31.24
C GLU C 282 -19.45 11.88 -31.97
N GLU C 283 -19.64 11.93 -33.29
CA GLU C 283 -19.97 10.72 -34.02
C GLU C 283 -18.84 9.69 -33.95
N ILE C 284 -17.60 10.15 -34.11
CA ILE C 284 -16.46 9.24 -34.00
C ILE C 284 -16.33 8.73 -32.57
N PHE C 285 -16.61 9.59 -31.59
CA PHE C 285 -16.57 9.16 -30.19
C PHE C 285 -17.58 8.04 -29.92
N THR C 286 -18.80 8.21 -30.43
CA THR C 286 -19.81 7.16 -30.24
C THR C 286 -19.40 5.86 -30.91
N LEU C 287 -18.88 5.94 -32.14
CA LEU C 287 -18.43 4.75 -32.83
C LEU C 287 -17.25 4.09 -32.12
N ALA C 288 -16.37 4.90 -31.52
CA ALA C 288 -15.24 4.35 -30.78
C ALA C 288 -15.71 3.66 -29.50
N ARG C 289 -16.74 4.20 -28.86
CA ARG C 289 -17.29 3.55 -27.66
C ARG C 289 -17.88 2.18 -28.00
N GLN C 290 -18.56 2.08 -29.14
CA GLN C 290 -19.21 0.82 -29.50
C GLN C 290 -18.21 -0.31 -29.73
N ARG C 291 -16.97 0.03 -30.09
CA ARG C 291 -15.93 -0.98 -30.28
C ARG C 291 -15.13 -1.24 -29.01
N CYS C 292 -15.03 -0.24 -28.12
CA CYS C 292 -14.33 -0.45 -26.85
C CYS C 292 -14.99 -1.55 -26.03
N VAL C 293 -16.32 -1.60 -26.02
CA VAL C 293 -17.02 -2.56 -25.17
C VAL C 293 -16.69 -4.01 -25.51
N PRO C 294 -16.74 -4.45 -26.79
CA PRO C 294 -16.36 -5.85 -27.06
C PRO C 294 -14.90 -6.15 -26.82
N MET C 295 -14.00 -5.21 -27.12
CA MET C 295 -12.57 -5.50 -27.15
C MET C 295 -11.87 -5.21 -25.83
N GLU C 296 -12.18 -4.08 -25.18
CA GLU C 296 -11.46 -3.64 -23.99
C GLU C 296 -12.27 -3.79 -22.71
N GLY C 297 -13.50 -3.30 -22.71
CA GLY C 297 -14.33 -3.30 -21.52
C GLY C 297 -15.32 -2.16 -21.61
N PHE C 298 -16.04 -1.95 -20.51
CA PHE C 298 -17.03 -0.89 -20.49
C PHE C 298 -16.35 0.47 -20.66
N VAL C 299 -17.13 1.45 -21.15
CA VAL C 299 -16.58 2.71 -21.61
C VAL C 299 -16.07 3.60 -20.49
N THR C 300 -16.34 3.27 -19.23
CA THR C 300 -15.88 4.06 -18.11
C THR C 300 -14.68 3.44 -17.39
N TYR C 301 -14.16 2.30 -17.88
CA TYR C 301 -12.89 1.78 -17.41
C TYR C 301 -12.02 1.20 -18.52
N GLY C 302 -12.59 0.60 -19.56
CA GLY C 302 -11.85 0.19 -20.74
C GLY C 302 -10.67 -0.73 -20.49
N GLY C 303 -10.89 -1.80 -19.73
CA GLY C 303 -9.83 -2.75 -19.44
C GLY C 303 -8.86 -2.30 -18.36
N LEU C 304 -9.16 -1.23 -17.63
CA LEU C 304 -8.31 -0.74 -16.55
C LEU C 304 -9.03 -0.88 -15.22
N ALA C 305 -8.29 -1.28 -14.20
CA ALA C 305 -8.80 -1.19 -12.84
C ALA C 305 -8.99 0.27 -12.47
N GLY C 306 -9.90 0.50 -11.52
CA GLY C 306 -10.14 1.87 -11.08
C GLY C 306 -8.90 2.53 -10.51
N ARG C 307 -8.08 1.76 -9.81
CA ARG C 307 -6.86 2.30 -9.23
C ARG C 307 -5.89 2.79 -10.30
N ASP C 308 -5.91 2.16 -11.47
CA ASP C 308 -5.03 2.58 -12.55
C ASP C 308 -5.52 3.83 -13.25
N MET C 309 -6.84 4.07 -13.27
CA MET C 309 -7.32 5.36 -13.75
C MET C 309 -6.98 6.46 -12.76
N ALA C 310 -7.05 6.16 -11.46
CA ALA C 310 -6.65 7.14 -10.45
C ALA C 310 -5.16 7.46 -10.57
N ALA C 311 -4.33 6.45 -10.80
CA ALA C 311 -2.90 6.69 -10.99
C ALA C 311 -2.63 7.50 -12.26
N MET C 312 -3.52 7.39 -13.26
CA MET C 312 -3.32 8.10 -14.51
C MET C 312 -3.62 9.58 -14.37
N VAL C 313 -4.65 9.93 -13.59
CA VAL C 313 -4.96 11.34 -13.36
C VAL C 313 -3.81 12.04 -12.67
N GLN C 314 -3.19 11.38 -11.69
CA GLN C 314 -2.04 11.97 -11.01
C GLN C 314 -0.79 11.92 -11.88
N GLY C 315 -0.62 10.82 -12.62
CA GLY C 315 0.55 10.69 -13.47
C GLY C 315 0.57 11.71 -14.61
N LEU C 316 -0.60 12.02 -15.17
CA LEU C 316 -0.67 13.04 -16.21
C LEU C 316 -0.24 14.40 -15.68
N GLU C 317 -0.41 14.64 -14.39
CA GLU C 317 0.03 15.90 -13.81
C GLU C 317 1.54 15.91 -13.62
N GLU C 318 2.09 14.84 -13.02
CA GLU C 318 3.51 14.80 -12.72
C GLU C 318 4.36 14.72 -13.98
N GLY C 319 3.83 14.12 -15.04
CA GLY C 319 4.57 14.03 -16.29
C GLY C 319 4.81 15.37 -16.96
N THR C 320 4.06 16.40 -16.59
CA THR C 320 4.21 17.73 -17.16
C THR C 320 5.10 18.64 -16.34
N GLU C 321 5.59 18.18 -15.19
CA GLU C 321 6.43 19.03 -14.34
C GLU C 321 7.79 19.24 -14.99
N GLU C 322 8.11 20.51 -15.26
CA GLU C 322 9.30 20.82 -16.06
C GLU C 322 10.57 20.40 -15.34
N GLU C 323 10.60 20.54 -14.00
CA GLU C 323 11.78 20.12 -13.25
C GLU C 323 12.05 18.63 -13.44
N TYR C 324 11.00 17.81 -13.40
CA TYR C 324 11.17 16.38 -13.64
C TYR C 324 11.61 16.11 -15.08
N LEU C 325 10.95 16.74 -16.05
CA LEU C 325 11.31 16.53 -17.45
C LEU C 325 12.75 16.92 -17.73
N HIS C 326 13.21 18.01 -17.10
CA HIS C 326 14.60 18.43 -17.25
C HIS C 326 15.55 17.34 -16.78
N TYR C 327 15.31 16.80 -15.58
CA TYR C 327 16.16 15.72 -15.08
C TYR C 327 16.04 14.47 -15.93
N ARG C 328 14.81 14.10 -16.29
CA ARG C 328 14.59 12.88 -17.08
C ARG C 328 15.34 12.95 -18.41
N ILE C 329 15.07 14.00 -19.19
CA ILE C 329 15.72 14.13 -20.49
C ILE C 329 17.20 14.42 -20.33
N GLY C 330 17.59 15.12 -19.26
CA GLY C 330 19.00 15.33 -18.97
C GLY C 330 19.74 14.05 -18.66
N GLN C 331 19.05 13.08 -18.04
CA GLN C 331 19.69 11.80 -17.75
C GLN C 331 19.98 11.03 -19.03
N VAL C 332 19.04 11.04 -19.97
CA VAL C 332 19.28 10.41 -21.27
C VAL C 332 20.41 11.12 -21.99
N LYS C 333 20.43 12.45 -21.92
CA LYS C 333 21.50 13.22 -22.55
C LYS C 333 22.84 12.89 -21.91
N TYR C 334 22.85 12.65 -20.60
CA TYR C 334 24.09 12.32 -19.91
C TYR C 334 24.65 10.98 -20.39
N LEU C 335 23.79 9.97 -20.50
CA LEU C 335 24.23 8.67 -21.01
C LEU C 335 24.73 8.80 -22.45
N GLY C 336 24.06 9.62 -23.26
CA GLY C 336 24.50 9.79 -24.63
C GLY C 336 25.80 10.55 -24.75
N ASP C 337 25.97 11.60 -23.93
CA ASP C 337 27.21 12.37 -23.97
C ASP C 337 28.39 11.52 -23.54
N ARG C 338 28.21 10.67 -22.53
CA ARG C 338 29.30 9.79 -22.11
C ARG C 338 29.72 8.85 -23.23
N LEU C 339 28.74 8.31 -23.97
CA LEU C 339 29.07 7.45 -25.10
C LEU C 339 29.65 8.24 -26.27
N ARG C 340 29.06 9.40 -26.56
CA ARG C 340 29.57 10.23 -27.65
C ARG C 340 30.97 10.73 -27.36
N GLU C 341 31.29 11.00 -26.10
CA GLU C 341 32.64 11.44 -25.74
C GLU C 341 33.67 10.32 -25.86
N ALA C 342 33.22 9.07 -25.94
CA ALA C 342 34.12 7.93 -26.06
C ALA C 342 34.24 7.41 -27.49
N GLY C 343 33.69 8.14 -28.46
CA GLY C 343 33.77 7.75 -29.85
C GLY C 343 32.70 6.78 -30.32
N ILE C 344 31.64 6.59 -29.54
CA ILE C 344 30.57 5.65 -29.88
C ILE C 344 29.47 6.44 -30.59
N PRO C 345 29.15 6.13 -31.85
CA PRO C 345 28.13 6.90 -32.58
C PRO C 345 26.74 6.67 -32.01
N ILE C 346 26.02 7.76 -31.78
CA ILE C 346 24.63 7.73 -31.33
C ILE C 346 23.83 8.70 -32.18
N GLN C 347 22.51 8.52 -32.17
CA GLN C 347 21.61 9.50 -32.76
C GLN C 347 21.73 10.80 -31.99
N TYR C 348 22.38 11.80 -32.58
CA TYR C 348 22.63 13.06 -31.91
C TYR C 348 21.75 14.16 -32.49
N PRO C 349 21.02 14.91 -31.66
CA PRO C 349 20.99 14.83 -30.20
C PRO C 349 20.19 13.66 -29.67
N THR C 350 20.39 13.31 -28.40
CA THR C 350 19.63 12.23 -27.79
C THR C 350 18.16 12.62 -27.65
N GLY C 351 17.28 11.65 -27.84
CA GLY C 351 15.85 11.86 -27.71
C GLY C 351 15.43 11.99 -26.26
N GLY C 352 14.12 11.86 -26.05
CA GLY C 352 13.57 12.08 -24.73
C GLY C 352 13.66 10.88 -23.81
N HIS C 353 13.65 9.66 -24.35
CA HIS C 353 13.50 8.46 -23.53
C HIS C 353 14.60 7.42 -23.71
N ALA C 354 15.53 7.58 -24.65
CA ALA C 354 16.48 6.52 -24.93
C ALA C 354 17.64 7.05 -25.73
N VAL C 355 18.81 6.44 -25.53
CA VAL C 355 19.97 6.66 -26.37
C VAL C 355 19.97 5.60 -27.46
N PHE C 356 20.09 6.04 -28.71
CA PHE C 356 20.06 5.17 -29.87
C PHE C 356 21.48 5.04 -30.41
N VAL C 357 22.08 3.86 -30.24
CA VAL C 357 23.44 3.62 -30.67
C VAL C 357 23.42 3.16 -32.12
N ASP C 358 24.04 3.96 -33.00
CA ASP C 358 24.07 3.65 -34.42
C ASP C 358 25.00 2.47 -34.69
N CYS C 359 24.44 1.26 -34.73
CA CYS C 359 25.23 0.07 -35.00
C CYS C 359 25.59 -0.10 -36.47
N LYS C 360 24.97 0.66 -37.37
CA LYS C 360 25.39 0.64 -38.76
C LYS C 360 26.83 1.15 -38.89
N LYS C 361 27.19 2.15 -38.09
CA LYS C 361 28.58 2.61 -38.02
C LYS C 361 29.43 1.77 -37.10
N LEU C 362 28.81 0.98 -36.21
CA LEU C 362 29.58 0.17 -35.27
C LEU C 362 30.02 -1.15 -35.88
N VAL C 363 29.10 -1.86 -36.54
CA VAL C 363 29.40 -3.15 -37.13
C VAL C 363 29.01 -3.15 -38.60
N PRO C 364 29.74 -2.43 -39.46
CA PRO C 364 29.41 -2.44 -40.89
C PRO C 364 29.70 -3.77 -41.57
N GLN C 365 30.32 -4.71 -40.85
CA GLN C 365 30.61 -6.03 -41.42
C GLN C 365 29.33 -6.82 -41.66
N ILE C 366 28.33 -6.67 -40.79
CA ILE C 366 27.08 -7.41 -40.89
C ILE C 366 26.09 -6.57 -41.70
N PRO C 367 25.48 -7.15 -42.75
CA PRO C 367 24.42 -6.42 -43.46
C PRO C 367 23.18 -6.25 -42.60
N GLY C 368 22.41 -5.22 -42.93
CA GLY C 368 21.20 -4.94 -42.16
C GLY C 368 20.22 -6.10 -42.12
N ASP C 369 20.23 -6.93 -43.17
CA ASP C 369 19.35 -8.10 -43.21
C ASP C 369 19.73 -9.13 -42.14
N GLN C 370 20.93 -9.07 -41.61
CA GLN C 370 21.36 -9.96 -40.54
C GLN C 370 21.32 -9.30 -39.16
N PHE C 371 20.72 -8.10 -39.06
CA PHE C 371 20.44 -7.43 -37.81
C PHE C 371 21.72 -7.16 -37.02
N PRO C 372 22.55 -6.22 -37.48
CA PRO C 372 23.84 -6.01 -36.81
C PRO C 372 23.71 -5.46 -35.40
N ALA C 373 22.67 -4.69 -35.11
CA ALA C 373 22.52 -4.14 -33.77
C ALA C 373 22.22 -5.23 -32.75
N GLN C 374 21.54 -6.30 -33.17
CA GLN C 374 21.21 -7.37 -32.23
C GLN C 374 22.46 -8.11 -31.76
N ALA C 375 23.46 -8.25 -32.63
CA ALA C 375 24.72 -8.84 -32.20
C ALA C 375 25.42 -7.97 -31.17
N VAL C 376 25.27 -6.65 -31.27
CA VAL C 376 25.85 -5.75 -30.27
C VAL C 376 25.11 -5.87 -28.94
N ILE C 377 23.79 -6.05 -29.00
CA ILE C 377 23.00 -6.20 -27.78
C ILE C 377 23.40 -7.45 -27.03
N ASN C 378 23.46 -8.58 -27.74
CA ASN C 378 23.84 -9.84 -27.11
C ASN C 378 25.23 -9.75 -26.50
N ALA C 379 26.13 -9.01 -27.15
CA ALA C 379 27.47 -8.84 -26.60
C ALA C 379 27.45 -8.01 -25.33
N LEU C 380 26.63 -6.95 -25.30
CA LEU C 380 26.57 -6.11 -24.11
C LEU C 380 25.97 -6.86 -22.92
N TYR C 381 24.95 -7.68 -23.17
CA TYR C 381 24.31 -8.42 -22.08
C TYR C 381 25.28 -9.43 -21.48
N LEU C 382 25.91 -10.25 -22.33
CA LEU C 382 26.86 -11.24 -21.84
C LEU C 382 28.04 -10.62 -21.12
N GLU C 383 28.24 -9.31 -21.25
CA GLU C 383 29.36 -8.61 -20.63
C GLU C 383 28.98 -7.89 -19.34
N SER C 384 27.72 -7.52 -19.17
CA SER C 384 27.33 -6.71 -18.01
C SER C 384 25.96 -7.03 -17.43
N GLY C 385 25.13 -7.82 -18.10
CA GLY C 385 23.79 -8.09 -17.61
C GLY C 385 22.76 -7.03 -17.96
N VAL C 386 23.11 -6.08 -18.81
CA VAL C 386 22.18 -5.05 -19.25
C VAL C 386 21.47 -5.52 -20.51
N ARG C 387 20.15 -5.43 -20.51
CA ARG C 387 19.32 -5.88 -21.62
C ARG C 387 18.80 -4.67 -22.38
N ALA C 388 19.18 -4.56 -23.65
CA ALA C 388 18.68 -3.52 -24.55
C ALA C 388 17.83 -4.16 -25.64
N VAL C 389 17.29 -3.32 -26.52
CA VAL C 389 16.41 -3.76 -27.59
C VAL C 389 16.92 -3.22 -28.92
N GLU C 390 16.62 -3.96 -29.99
CA GLU C 390 17.02 -3.59 -31.34
C GLU C 390 15.91 -2.81 -32.02
N ILE C 391 16.29 -1.71 -32.67
CA ILE C 391 15.37 -0.92 -33.50
C ILE C 391 16.06 -0.73 -34.86
N GLY C 392 15.87 -1.69 -35.75
CA GLY C 392 16.45 -1.64 -37.07
C GLY C 392 15.65 -2.46 -38.06
N SER C 393 16.34 -3.26 -38.87
CA SER C 393 15.63 -4.12 -39.82
C SER C 393 14.87 -5.23 -39.12
N PHE C 394 15.33 -5.65 -37.94
CA PHE C 394 14.63 -6.67 -37.18
C PHE C 394 13.25 -6.18 -36.74
N LEU C 395 13.19 -4.96 -36.20
CA LEU C 395 11.93 -4.41 -35.71
C LEU C 395 10.99 -4.06 -36.87
N LEU C 396 11.53 -3.55 -37.97
CA LEU C 396 10.69 -3.03 -39.05
C LEU C 396 9.85 -4.13 -39.69
N GLY C 397 10.40 -5.33 -39.81
CA GLY C 397 9.65 -6.46 -40.29
C GLY C 397 9.59 -6.55 -41.81
N ARG C 398 8.71 -7.43 -42.28
CA ARG C 398 8.48 -7.64 -43.69
C ARG C 398 7.25 -6.85 -44.15
N ASP C 399 7.25 -6.53 -45.44
CA ASP C 399 6.11 -5.84 -46.03
C ASP C 399 4.90 -6.75 -46.01
N PRO C 400 3.79 -6.34 -45.37
CA PRO C 400 2.59 -7.19 -45.40
C PRO C 400 2.11 -7.46 -46.80
N ALA C 401 2.39 -6.55 -47.73
CA ALA C 401 2.27 -6.86 -49.15
C ALA C 401 3.34 -7.87 -49.53
N THR C 402 4.53 -7.40 -49.91
CA THR C 402 5.50 -8.23 -50.61
C THR C 402 5.99 -9.43 -49.80
N GLY C 403 5.99 -9.35 -48.47
CA GLY C 403 6.51 -10.44 -47.68
C GLY C 403 8.01 -10.51 -47.62
N GLU C 404 8.70 -9.44 -47.99
CA GLU C 404 10.13 -9.29 -47.81
C GLU C 404 10.39 -8.06 -46.94
N GLN C 405 11.61 -7.96 -46.42
N GLN C 405 11.62 -7.96 -46.44
CA GLN C 405 11.89 -6.98 -45.37
CA GLN C 405 11.97 -6.94 -45.46
C GLN C 405 11.80 -5.56 -45.92
C GLN C 405 11.71 -5.54 -46.01
N LYS C 406 11.10 -4.70 -45.17
CA LYS C 406 10.98 -3.29 -45.53
C LYS C 406 12.33 -2.62 -45.40
N HIS C 407 12.56 -1.60 -46.24
CA HIS C 407 13.85 -0.92 -46.22
C HIS C 407 14.04 -0.15 -44.92
N ALA C 408 15.17 -0.37 -44.26
CA ALA C 408 15.51 0.31 -43.03
C ALA C 408 16.64 1.29 -43.30
N ASP C 409 16.36 2.58 -43.08
CA ASP C 409 17.35 3.64 -43.27
C ASP C 409 18.17 3.91 -42.01
N MET C 410 18.08 3.05 -41.00
CA MET C 410 18.84 3.21 -39.78
C MET C 410 18.81 1.91 -38.99
N GLU C 411 19.95 1.55 -38.40
CA GLU C 411 20.10 0.35 -37.59
C GLU C 411 20.53 0.78 -36.19
N PHE C 412 19.58 0.83 -35.27
CA PHE C 412 19.81 1.35 -33.93
C PHE C 412 19.78 0.25 -32.89
N MET C 413 20.60 0.42 -31.85
CA MET C 413 20.47 -0.30 -30.59
C MET C 413 19.93 0.69 -29.56
N ARG C 414 18.71 0.44 -29.08
CA ARG C 414 18.02 1.38 -28.22
C ARG C 414 18.34 1.07 -26.75
N LEU C 415 18.87 2.07 -26.05
CA LEU C 415 19.08 1.99 -24.60
C LEU C 415 17.94 2.76 -23.94
N THR C 416 16.80 2.08 -23.76
CA THR C 416 15.60 2.73 -23.27
C THR C 416 15.67 2.89 -21.75
N ILE C 417 15.32 4.08 -21.27
CA ILE C 417 15.48 4.44 -19.86
C ILE C 417 14.10 4.63 -19.25
N ALA C 418 13.78 3.78 -18.27
CA ALA C 418 12.55 3.96 -17.50
C ALA C 418 12.66 5.24 -16.67
N ARG C 419 11.49 5.78 -16.31
CA ARG C 419 11.42 7.09 -15.67
C ARG C 419 11.55 6.96 -14.16
N ARG C 420 12.52 7.70 -13.59
CA ARG C 420 12.73 7.81 -12.15
C ARG C 420 13.08 6.47 -11.51
N VAL C 421 13.74 5.60 -12.27
CA VAL C 421 14.05 4.25 -11.83
C VAL C 421 15.54 4.06 -11.56
N TYR C 422 16.39 4.57 -12.44
CA TYR C 422 17.83 4.38 -12.33
C TYR C 422 18.53 5.71 -12.10
N THR C 423 19.66 5.65 -11.38
CA THR C 423 20.45 6.82 -11.09
C THR C 423 21.51 7.04 -12.17
N ASN C 424 22.09 8.24 -12.18
CA ASN C 424 23.17 8.53 -13.10
C ASN C 424 24.38 7.64 -12.87
N ASP C 425 24.49 7.02 -11.68
CA ASP C 425 25.52 6.02 -11.47
C ASP C 425 25.20 4.73 -12.23
N HIS C 426 23.92 4.40 -12.37
CA HIS C 426 23.54 3.28 -13.23
C HIS C 426 23.91 3.56 -14.68
N MET C 427 23.73 4.80 -15.13
CA MET C 427 24.12 5.17 -16.48
C MET C 427 25.62 4.97 -16.69
N ASP C 428 26.42 5.33 -15.69
CA ASP C 428 27.86 5.11 -15.80
C ASP C 428 28.18 3.63 -15.95
N TYR C 429 27.49 2.77 -15.21
CA TYR C 429 27.67 1.33 -15.38
C TYR C 429 27.37 0.91 -16.81
N ILE C 430 26.26 1.42 -17.38
CA ILE C 430 25.89 1.09 -18.74
C ILE C 430 26.94 1.62 -19.72
N ALA C 431 27.35 2.87 -19.55
CA ALA C 431 28.33 3.47 -20.44
C ALA C 431 29.66 2.73 -20.37
N ASP C 432 30.19 2.56 -19.15
CA ASP C 432 31.49 1.90 -19.01
C ASP C 432 31.46 0.48 -19.54
N ALA C 433 30.33 -0.20 -19.40
CA ALA C 433 30.21 -1.55 -19.94
C ALA C 433 30.25 -1.55 -21.46
N LEU C 434 29.55 -0.60 -22.09
CA LEU C 434 29.54 -0.54 -23.54
C LEU C 434 30.87 -0.01 -24.08
N ILE C 435 31.48 0.95 -23.38
CA ILE C 435 32.79 1.44 -23.78
C ILE C 435 33.83 0.33 -23.72
N GLY C 436 33.70 -0.58 -22.76
CA GLY C 436 34.63 -1.70 -22.63
C GLY C 436 34.59 -2.69 -23.77
N LEU C 437 33.63 -2.56 -24.69
CA LEU C 437 33.54 -3.44 -25.85
C LEU C 437 34.11 -2.81 -27.12
N LYS C 438 34.90 -1.74 -26.99
CA LYS C 438 35.39 -1.03 -28.17
C LYS C 438 36.26 -1.90 -29.07
N GLU C 439 36.78 -3.02 -28.56
CA GLU C 439 37.67 -3.86 -29.34
C GLU C 439 36.93 -5.02 -30.03
N LYS C 440 35.83 -5.49 -29.45
CA LYS C 440 35.13 -6.66 -29.98
C LYS C 440 34.12 -6.33 -31.07
N PHE C 441 34.03 -5.07 -31.49
CA PHE C 441 33.03 -4.71 -32.49
C PHE C 441 33.34 -5.34 -33.84
N ALA C 442 34.62 -5.55 -34.16
CA ALA C 442 34.99 -6.23 -35.38
C ALA C 442 34.76 -7.74 -35.32
N THR C 443 34.52 -8.28 -34.12
CA THR C 443 34.31 -9.71 -33.95
C THR C 443 32.86 -10.14 -34.14
N LEU C 444 31.91 -9.20 -34.11
CA LEU C 444 30.51 -9.55 -34.03
C LEU C 444 30.04 -10.26 -35.30
N LYS C 445 28.94 -11.00 -35.16
CA LYS C 445 28.69 -12.17 -35.99
C LYS C 445 27.44 -12.06 -36.85
N GLY C 446 26.32 -11.60 -36.29
CA GLY C 446 25.07 -11.55 -37.01
C GLY C 446 24.16 -12.72 -36.67
N LEU C 447 22.90 -12.61 -37.11
CA LEU C 447 21.85 -13.52 -36.70
C LEU C 447 21.03 -13.98 -37.89
N GLU C 448 20.56 -15.23 -37.81
CA GLU C 448 19.64 -15.80 -38.78
C GLU C 448 18.48 -16.46 -38.06
N PHE C 449 17.30 -16.43 -38.68
CA PHE C 449 16.08 -16.87 -38.02
C PHE C 449 16.05 -18.38 -37.83
N GLU C 450 15.39 -18.79 -36.76
CA GLU C 450 15.03 -20.18 -36.48
C GLU C 450 13.53 -20.39 -36.42
N TYR C 451 12.79 -19.41 -35.89
CA TYR C 451 11.34 -19.41 -35.92
C TYR C 451 10.88 -17.96 -36.05
N GLU C 452 10.11 -17.66 -37.09
CA GLU C 452 9.72 -16.28 -37.36
C GLU C 452 8.20 -16.14 -37.32
N PRO C 453 7.65 -15.28 -36.46
CA PRO C 453 6.20 -15.04 -36.51
C PRO C 453 5.84 -14.16 -37.69
N PRO C 454 4.61 -14.25 -38.20
CA PRO C 454 4.23 -13.42 -39.35
C PRO C 454 4.02 -11.96 -38.99
N VAL C 455 3.67 -11.65 -37.74
CA VAL C 455 3.42 -10.27 -37.31
C VAL C 455 4.25 -10.01 -36.06
N LEU C 456 5.02 -8.91 -36.08
CA LEU C 456 5.87 -8.52 -34.96
C LEU C 456 6.82 -9.65 -34.58
N ARG C 457 7.75 -9.92 -35.50
CA ARG C 457 8.61 -11.09 -35.39
C ARG C 457 9.58 -10.98 -34.21
N HIS C 458 10.09 -9.78 -33.94
CA HIS C 458 11.19 -9.60 -33.00
C HIS C 458 10.87 -10.09 -31.60
N PHE C 459 9.59 -10.11 -31.23
CA PHE C 459 9.23 -10.38 -29.83
C PHE C 459 9.52 -11.82 -29.44
N THR C 460 9.01 -12.79 -30.19
CA THR C 460 9.10 -14.19 -29.81
C THR C 460 10.01 -15.01 -30.72
N ALA C 461 10.66 -14.38 -31.69
CA ALA C 461 11.49 -15.13 -32.63
C ALA C 461 12.76 -15.63 -31.94
N ARG C 462 13.01 -16.93 -32.06
CA ARG C 462 14.29 -17.50 -31.69
C ARG C 462 15.19 -17.54 -32.91
N LEU C 463 16.47 -17.22 -32.71
CA LEU C 463 17.41 -17.11 -33.82
C LEU C 463 18.71 -17.82 -33.49
N LYS C 464 19.32 -18.38 -34.52
CA LYS C 464 20.59 -19.11 -34.47
C LYS C 464 21.74 -18.16 -34.76
N PRO C 465 22.78 -18.14 -33.93
CA PRO C 465 23.93 -17.28 -34.22
C PRO C 465 24.60 -17.69 -35.52
N ILE C 466 24.94 -16.70 -36.34
CA ILE C 466 25.48 -16.94 -37.68
C ILE C 466 26.88 -17.54 -37.64
N GLU C 467 27.59 -17.37 -36.53
CA GLU C 467 28.97 -17.86 -36.36
C GLU C 467 29.12 -19.34 -36.75
N ALA D 2 -34.33 -18.38 6.08
CA ALA D 2 -33.05 -17.86 5.64
C ALA D 2 -31.98 -18.06 6.71
N LYS D 3 -30.78 -18.43 6.29
CA LYS D 3 -29.69 -18.78 7.19
C LYS D 3 -28.47 -17.93 6.89
N ARG D 4 -27.93 -17.29 7.93
CA ARG D 4 -26.74 -16.47 7.80
CA ARG D 4 -26.74 -16.47 7.80
C ARG D 4 -25.49 -17.32 8.07
N ILE D 5 -24.48 -17.12 7.24
CA ILE D 5 -23.20 -17.82 7.37
C ILE D 5 -22.12 -16.79 7.69
N VAL D 6 -21.34 -17.06 8.73
CA VAL D 6 -20.35 -16.10 9.22
C VAL D 6 -19.15 -16.08 8.28
N GLU D 7 -18.56 -14.89 8.16
CA GLU D 7 -17.39 -14.70 7.31
C GLU D 7 -16.21 -15.49 7.86
N PRO D 8 -15.47 -16.22 7.01
CA PRO D 8 -14.26 -16.89 7.48
C PRO D 8 -13.07 -15.94 7.49
N PHE D 9 -13.35 -14.67 7.76
CA PHE D 9 -12.34 -13.62 7.78
C PHE D 9 -12.90 -12.45 8.55
N ARG D 10 -12.04 -11.47 8.81
CA ARG D 10 -12.46 -10.20 9.38
C ARG D 10 -12.04 -9.07 8.45
N ILE D 11 -12.60 -7.89 8.70
CA ILE D 11 -12.37 -6.73 7.85
C ILE D 11 -11.04 -6.09 8.21
N LYS D 12 -10.28 -5.72 7.18
CA LYS D 12 -9.02 -5.01 7.37
C LYS D 12 -9.02 -3.61 6.77
N MET D 13 -9.81 -3.36 5.74
CA MET D 13 -9.94 -2.02 5.18
C MET D 13 -11.36 -1.82 4.70
N VAL D 14 -11.85 -0.59 4.82
CA VAL D 14 -13.23 -0.26 4.48
C VAL D 14 -13.26 0.90 3.50
N GLU D 15 -14.39 1.03 2.82
CA GLU D 15 -14.64 2.09 1.86
C GLU D 15 -16.06 2.61 2.07
N LYS D 16 -16.20 3.93 2.15
CA LYS D 16 -17.48 4.53 2.50
C LYS D 16 -18.47 4.45 1.35
N ILE D 17 -19.71 4.08 1.67
CA ILE D 17 -20.83 4.14 0.75
C ILE D 17 -21.91 5.02 1.37
N ARG D 18 -22.72 5.64 0.52
CA ARG D 18 -23.78 6.51 0.99
C ARG D 18 -25.06 6.22 0.21
N VAL D 19 -26.18 6.68 0.75
CA VAL D 19 -27.49 6.54 0.12
C VAL D 19 -27.84 7.89 -0.51
N PRO D 20 -27.82 8.02 -1.83
CA PRO D 20 -28.33 9.25 -2.45
C PRO D 20 -29.84 9.37 -2.27
N SER D 21 -30.30 10.62 -2.24
CA SER D 21 -31.72 10.86 -2.01
C SER D 21 -32.54 10.48 -3.24
N ARG D 22 -33.85 10.32 -3.02
CA ARG D 22 -34.76 10.03 -4.12
C ARG D 22 -34.69 11.10 -5.20
N GLU D 23 -34.51 12.36 -4.81
CA GLU D 23 -34.40 13.45 -5.77
C GLU D 23 -33.18 13.26 -6.66
N GLU D 24 -32.03 12.91 -6.07
CA GLU D 24 -30.83 12.71 -6.85
C GLU D 24 -30.98 11.54 -7.81
N ARG D 25 -31.71 10.50 -7.41
CA ARG D 25 -31.84 9.30 -8.24
C ARG D 25 -32.74 9.55 -9.43
N GLU D 26 -33.79 10.36 -9.26
CA GLU D 26 -34.69 10.65 -10.36
C GLU D 26 -34.01 11.49 -11.43
N ALA D 27 -33.27 12.51 -11.03
CA ALA D 27 -32.55 13.32 -12.00
C ALA D 27 -31.39 12.56 -12.63
N ALA D 28 -30.85 11.56 -11.92
CA ALA D 28 -29.74 10.78 -12.46
C ALA D 28 -30.22 9.79 -13.53
N LEU D 29 -31.35 9.13 -13.30
CA LEU D 29 -31.84 8.15 -14.28
C LEU D 29 -32.28 8.85 -15.56
N LYS D 30 -32.93 10.00 -15.44
CA LYS D 30 -33.30 10.78 -16.62
C LYS D 30 -32.06 11.24 -17.38
N GLU D 31 -30.99 11.57 -16.64
CA GLU D 31 -29.72 11.93 -17.28
C GLU D 31 -29.08 10.71 -17.94
N ALA D 32 -29.23 9.54 -17.31
CA ALA D 32 -28.60 8.31 -17.79
C ALA D 32 -29.39 7.62 -18.89
N GLY D 33 -30.31 8.33 -19.55
CA GLY D 33 -31.12 7.72 -20.59
C GLY D 33 -31.92 6.54 -20.12
N TYR D 34 -32.29 6.53 -18.84
CA TYR D 34 -33.01 5.43 -18.19
C TYR D 34 -32.26 4.10 -18.28
N ASN D 35 -30.94 4.17 -18.40
CA ASN D 35 -30.08 2.98 -18.36
C ASN D 35 -29.17 3.09 -17.15
N PRO D 36 -29.27 2.18 -16.18
CA PRO D 36 -28.39 2.27 -15.00
C PRO D 36 -26.91 2.15 -15.33
N PHE D 37 -26.56 1.55 -16.47
CA PHE D 37 -25.16 1.46 -16.88
C PHE D 37 -24.54 2.84 -17.09
N LEU D 38 -25.35 3.87 -17.33
CA LEU D 38 -24.87 5.22 -17.56
C LEU D 38 -24.96 6.09 -16.32
N LEU D 39 -25.13 5.48 -15.14
CA LEU D 39 -25.16 6.15 -13.85
C LEU D 39 -23.75 6.26 -13.27
N PRO D 40 -23.41 7.40 -12.66
CA PRO D 40 -22.15 7.48 -11.93
C PRO D 40 -22.26 6.78 -10.58
N SER D 41 -21.14 6.21 -10.13
CA SER D 41 -21.13 5.42 -8.90
C SER D 41 -21.50 6.26 -7.69
N SER D 42 -21.32 7.58 -7.75
CA SER D 42 -21.70 8.42 -6.62
C SER D 42 -23.21 8.42 -6.39
N ALA D 43 -24.00 8.24 -7.47
CA ALA D 43 -25.44 8.14 -7.37
C ALA D 43 -25.92 6.74 -7.04
N VAL D 44 -25.03 5.85 -6.61
CA VAL D 44 -25.36 4.46 -6.33
C VAL D 44 -24.95 4.13 -4.90
N TYR D 45 -25.86 3.50 -4.17
CA TYR D 45 -25.58 3.04 -2.80
C TYR D 45 -24.90 1.68 -2.83
N ILE D 46 -25.68 0.60 -2.83
CA ILE D 46 -25.17 -0.75 -2.95
C ILE D 46 -25.18 -1.13 -4.42
N ASP D 47 -24.00 -1.44 -4.97
CA ASP D 47 -23.85 -1.72 -6.40
C ASP D 47 -23.93 -3.22 -6.62
N LEU D 48 -25.01 -3.66 -7.28
CA LEU D 48 -25.20 -5.05 -7.66
C LEU D 48 -25.18 -5.21 -9.18
N LEU D 49 -24.50 -4.28 -9.87
CA LEU D 49 -24.43 -4.33 -11.32
C LEU D 49 -23.68 -5.57 -11.80
N THR D 50 -22.61 -5.94 -11.09
CA THR D 50 -21.79 -7.06 -11.50
C THR D 50 -20.99 -7.58 -10.32
N ASP D 51 -20.48 -8.80 -10.48
CA ASP D 51 -19.49 -9.38 -9.58
C ASP D 51 -18.10 -9.38 -10.21
N SER D 52 -17.88 -8.55 -11.22
CA SER D 52 -16.66 -8.55 -12.02
C SER D 52 -15.84 -7.31 -11.70
N GLY D 53 -14.66 -7.52 -11.12
CA GLY D 53 -13.74 -6.44 -10.83
C GLY D 53 -14.07 -5.60 -9.62
N THR D 54 -15.17 -5.89 -8.93
CA THR D 54 -15.57 -5.15 -7.74
C THR D 54 -15.25 -5.88 -6.45
N ASN D 55 -14.56 -7.01 -6.53
CA ASN D 55 -14.30 -7.82 -5.34
C ASN D 55 -13.31 -7.11 -4.41
N ALA D 56 -13.28 -7.56 -3.16
CA ALA D 56 -12.33 -7.09 -2.16
C ALA D 56 -11.22 -8.12 -2.02
N MET D 57 -9.97 -7.66 -2.11
CA MET D 57 -8.83 -8.56 -2.04
C MET D 57 -8.38 -8.73 -0.59
N SER D 58 -7.56 -9.76 -0.36
CA SER D 58 -7.03 -10.00 0.96
C SER D 58 -5.77 -9.16 1.17
N ASP D 59 -5.17 -9.29 2.36
CA ASP D 59 -3.89 -8.65 2.59
C ASP D 59 -2.78 -9.35 1.80
N HIS D 60 -2.85 -10.68 1.68
CA HIS D 60 -1.83 -11.38 0.91
C HIS D 60 -1.86 -10.95 -0.55
N GLN D 61 -3.02 -10.60 -1.08
CA GLN D 61 -3.11 -10.15 -2.46
C GLN D 61 -2.46 -8.78 -2.64
N TRP D 62 -2.76 -7.84 -1.74
CA TRP D 62 -2.13 -6.52 -1.82
C TRP D 62 -0.63 -6.60 -1.58
N ALA D 63 -0.19 -7.53 -0.73
CA ALA D 63 1.25 -7.72 -0.52
C ALA D 63 1.92 -8.23 -1.79
N ALA D 64 1.28 -9.18 -2.48
CA ALA D 64 1.82 -9.66 -3.74
C ALA D 64 1.93 -8.55 -4.78
N MET D 65 1.01 -7.59 -4.74
CA MET D 65 1.06 -6.50 -5.71
CA MET D 65 1.06 -6.50 -5.71
C MET D 65 2.26 -5.59 -5.45
N ILE D 66 2.56 -5.31 -4.18
CA ILE D 66 3.62 -4.36 -3.85
C ILE D 66 4.98 -4.88 -4.30
N THR D 67 5.21 -6.18 -4.14
CA THR D 67 6.44 -6.80 -4.63
C THR D 67 6.32 -7.27 -6.07
N GLY D 68 5.34 -6.77 -6.82
CA GLY D 68 5.15 -7.23 -8.18
C GLY D 68 6.30 -6.82 -9.09
N ASP D 69 6.68 -7.73 -9.98
CA ASP D 69 7.73 -7.48 -10.96
C ASP D 69 7.10 -6.87 -12.21
N GLU D 70 7.36 -5.58 -12.42
CA GLU D 70 6.78 -4.84 -13.54
C GLU D 70 7.60 -4.98 -14.82
N ALA D 71 8.50 -5.95 -14.88
CA ALA D 71 9.37 -6.11 -16.04
C ALA D 71 8.55 -6.37 -17.30
N TYR D 72 9.01 -5.81 -18.42
CA TYR D 72 8.28 -5.96 -19.66
C TYR D 72 8.33 -7.39 -20.18
N ALA D 73 9.50 -8.03 -20.08
CA ALA D 73 9.67 -9.39 -20.57
C ALA D 73 10.22 -10.25 -19.44
N GLY D 74 9.60 -11.41 -19.24
CA GLY D 74 10.07 -12.35 -18.24
C GLY D 74 9.82 -11.94 -16.80
N SER D 75 8.69 -11.29 -16.54
CA SER D 75 8.34 -10.96 -15.16
C SER D 75 8.30 -12.20 -14.30
N ARG D 76 8.82 -12.08 -13.07
CA ARG D 76 8.82 -13.20 -12.15
C ARG D 76 7.41 -13.71 -11.90
N ASN D 77 6.43 -12.81 -11.88
CA ASN D 77 5.05 -13.19 -11.63
C ASN D 77 4.42 -13.94 -12.80
N TYR D 78 4.98 -13.80 -14.00
CA TYR D 78 4.50 -14.59 -15.13
C TYR D 78 4.76 -16.07 -14.91
N TYR D 79 5.99 -16.41 -14.53
CA TYR D 79 6.33 -17.81 -14.31
C TYR D 79 5.58 -18.39 -13.12
N ASP D 80 5.36 -17.58 -12.07
CA ASP D 80 4.50 -18.01 -10.98
C ASP D 80 3.08 -18.28 -11.48
N LEU D 81 2.58 -17.41 -12.37
CA LEU D 81 1.26 -17.62 -12.96
C LEU D 81 1.24 -18.86 -13.85
N LYS D 82 2.36 -19.15 -14.52
CA LYS D 82 2.44 -20.35 -15.35
C LYS D 82 2.46 -21.60 -14.49
N ASP D 83 3.21 -21.58 -13.38
CA ASP D 83 3.27 -22.74 -12.50
C ASP D 83 1.94 -22.97 -11.79
N LYS D 84 1.17 -21.91 -11.55
CA LYS D 84 -0.11 -22.07 -10.87
C LYS D 84 -1.13 -22.78 -11.75
N ALA D 85 -1.15 -22.45 -13.05
CA ALA D 85 -2.09 -23.11 -13.96
C ALA D 85 -1.75 -24.59 -14.10
N LYS D 86 -0.47 -24.93 -14.10
CA LYS D 86 -0.08 -26.33 -14.15
C LYS D 86 -0.53 -27.06 -12.88
N GLU D 87 -0.52 -26.37 -11.74
CA GLU D 87 -0.99 -26.98 -10.50
C GLU D 87 -2.50 -27.16 -10.52
N LEU D 88 -3.23 -26.08 -10.81
CA LEU D 88 -4.69 -26.12 -10.70
C LEU D 88 -5.31 -26.92 -11.83
N PHE D 89 -4.86 -26.70 -13.07
CA PHE D 89 -5.53 -27.27 -14.23
C PHE D 89 -4.73 -28.35 -14.95
N ASN D 90 -3.46 -28.52 -14.62
CA ASN D 90 -2.56 -29.45 -15.32
C ASN D 90 -2.40 -29.06 -16.79
N TYR D 91 -2.50 -27.77 -17.08
CA TYR D 91 -2.28 -27.25 -18.42
C TYR D 91 -0.85 -26.70 -18.53
N ASP D 92 -0.26 -26.86 -19.71
CA ASP D 92 1.17 -26.61 -19.89
C ASP D 92 1.49 -25.23 -20.45
N TYR D 93 0.50 -24.43 -20.82
CA TYR D 93 0.76 -23.15 -21.48
C TYR D 93 -0.22 -22.10 -20.98
N ILE D 94 0.27 -20.87 -20.82
CA ILE D 94 -0.56 -19.75 -20.40
C ILE D 94 -0.26 -18.53 -21.25
N ILE D 95 -1.27 -17.67 -21.38
CA ILE D 95 -1.14 -16.34 -21.98
C ILE D 95 -2.01 -15.40 -21.15
N PRO D 96 -1.42 -14.50 -20.37
CA PRO D 96 -2.24 -13.53 -19.62
C PRO D 96 -2.97 -12.59 -20.57
N ALA D 97 -4.10 -12.08 -20.11
CA ALA D 97 -4.89 -11.10 -20.83
C ALA D 97 -5.42 -10.07 -19.85
N HIS D 98 -5.82 -8.90 -20.37
CA HIS D 98 -6.20 -7.82 -19.47
C HIS D 98 -7.54 -8.09 -18.80
N GLN D 99 -8.39 -8.90 -19.44
CA GLN D 99 -9.60 -9.43 -18.79
C GLN D 99 -10.17 -10.53 -19.70
N GLY D 100 -11.38 -10.98 -19.36
CA GLY D 100 -11.90 -12.19 -19.97
C GLY D 100 -12.19 -12.04 -21.46
N ARG D 101 -12.77 -10.90 -21.86
CA ARG D 101 -13.04 -10.69 -23.28
C ARG D 101 -11.77 -10.51 -24.08
N GLY D 102 -10.71 -10.00 -23.45
CA GLY D 102 -9.41 -9.99 -24.12
C GLY D 102 -8.87 -11.40 -24.31
N ALA D 103 -9.14 -12.29 -23.35
CA ALA D 103 -8.72 -13.68 -23.50
C ALA D 103 -9.47 -14.38 -24.62
N GLU D 104 -10.75 -14.04 -24.80
CA GLU D 104 -11.51 -14.61 -25.90
C GLU D 104 -11.07 -14.03 -27.24
N ASN D 105 -10.68 -12.75 -27.27
CA ASN D 105 -10.18 -12.16 -28.50
C ASN D 105 -8.84 -12.74 -28.91
N ILE D 106 -8.10 -13.32 -27.98
CA ILE D 106 -6.84 -13.98 -28.31
C ILE D 106 -7.09 -15.36 -28.89
N LEU D 107 -7.97 -16.14 -28.25
CA LEU D 107 -8.10 -17.56 -28.56
C LEU D 107 -9.11 -17.84 -29.69
N PHE D 108 -10.30 -17.25 -29.61
CA PHE D 108 -11.37 -17.61 -30.54
C PHE D 108 -11.01 -17.38 -32.00
N PRO D 109 -10.44 -16.24 -32.40
CA PRO D 109 -10.03 -16.12 -33.82
C PRO D 109 -8.97 -17.14 -34.21
N VAL D 110 -8.13 -17.56 -33.28
CA VAL D 110 -7.12 -18.57 -33.59
C VAL D 110 -7.78 -19.92 -33.86
N LEU D 111 -8.81 -20.26 -33.08
CA LEU D 111 -9.49 -21.53 -33.28
C LEU D 111 -10.24 -21.56 -34.60
N LEU D 112 -10.79 -20.41 -35.03
CA LEU D 112 -11.49 -20.37 -36.31
C LEU D 112 -10.53 -20.59 -37.47
N LYS D 113 -9.40 -19.86 -37.49
CA LYS D 113 -8.43 -20.03 -38.55
C LYS D 113 -7.81 -21.43 -38.51
N TYR D 114 -7.61 -21.97 -37.31
CA TYR D 114 -7.07 -23.32 -37.18
C TYR D 114 -8.03 -24.34 -37.78
N LYS D 115 -9.34 -24.16 -37.57
CA LYS D 115 -10.33 -25.08 -38.14
C LYS D 115 -10.44 -24.91 -39.65
N GLN D 116 -10.09 -23.73 -40.17
CA GLN D 116 -10.21 -23.45 -41.59
C GLN D 116 -9.00 -23.90 -42.40
N LYS D 117 -7.95 -24.41 -41.76
CA LYS D 117 -6.79 -24.89 -42.51
C LYS D 117 -7.17 -26.03 -43.44
N GLU D 118 -7.83 -27.05 -42.91
CA GLU D 118 -8.25 -28.24 -43.65
C GLU D 118 -9.32 -27.94 -44.68
N GLY D 119 -9.65 -26.67 -44.93
CA GLY D 119 -10.80 -26.39 -45.77
C GLY D 119 -12.12 -26.53 -45.06
N LYS D 120 -12.11 -26.79 -43.75
CA LYS D 120 -13.33 -26.95 -42.96
C LYS D 120 -13.90 -25.58 -42.61
N ALA D 121 -14.92 -25.57 -41.76
CA ALA D 121 -15.49 -24.34 -41.20
C ALA D 121 -16.02 -23.41 -42.28
N LYS D 122 -16.66 -23.99 -43.31
CA LYS D 122 -17.28 -23.15 -44.34
C LYS D 122 -18.46 -22.39 -43.77
N ASN D 123 -19.25 -23.02 -42.89
CA ASN D 123 -20.32 -22.37 -42.14
C ASN D 123 -20.02 -22.58 -40.66
N PRO D 124 -19.11 -21.77 -40.10
CA PRO D 124 -18.64 -22.05 -38.74
C PRO D 124 -19.65 -21.68 -37.66
N VAL D 125 -19.72 -22.52 -36.63
CA VAL D 125 -20.59 -22.30 -35.48
C VAL D 125 -19.83 -22.63 -34.21
N PHE D 126 -20.24 -21.99 -33.11
CA PHE D 126 -19.77 -22.33 -31.78
C PHE D 126 -20.92 -22.92 -30.97
N ILE D 127 -20.62 -23.92 -30.16
CA ILE D 127 -21.62 -24.62 -29.37
C ILE D 127 -21.28 -24.45 -27.89
N SER D 128 -22.27 -24.05 -27.10
CA SER D 128 -22.06 -23.85 -25.67
C SER D 128 -23.37 -24.11 -24.95
N ASN D 129 -23.27 -24.46 -23.66
CA ASN D 129 -24.45 -24.43 -22.80
C ASN D 129 -25.07 -23.05 -22.81
N PHE D 130 -24.24 -22.01 -22.74
CA PHE D 130 -24.68 -20.64 -23.05
C PHE D 130 -23.49 -19.70 -23.19
N HIS D 131 -23.39 -19.04 -24.35
CA HIS D 131 -22.42 -17.96 -24.50
C HIS D 131 -22.95 -16.72 -23.78
N PHE D 132 -22.11 -16.11 -22.94
CA PHE D 132 -22.52 -14.85 -22.35
C PHE D 132 -22.40 -13.74 -23.40
N ASP D 133 -22.93 -12.56 -23.05
CA ASP D 133 -23.07 -11.48 -24.03
C ASP D 133 -21.73 -11.13 -24.69
N THR D 134 -20.64 -11.18 -23.92
CA THR D 134 -19.33 -10.86 -24.49
CA THR D 134 -19.32 -10.87 -24.47
C THR D 134 -18.73 -12.06 -25.22
N THR D 135 -19.00 -13.29 -24.76
CA THR D 135 -18.48 -14.46 -25.45
C THR D 135 -19.15 -14.64 -26.82
N ALA D 136 -20.47 -14.46 -26.88
CA ALA D 136 -21.19 -14.57 -28.15
C ALA D 136 -20.82 -13.44 -29.09
N ALA D 137 -20.49 -12.27 -28.55
CA ALA D 137 -20.16 -11.13 -29.41
C ALA D 137 -18.90 -11.38 -30.22
N HIS D 138 -17.87 -11.96 -29.60
CA HIS D 138 -16.66 -12.29 -30.33
C HIS D 138 -16.89 -13.45 -31.30
N VAL D 139 -17.81 -14.36 -30.97
CA VAL D 139 -18.20 -15.41 -31.91
C VAL D 139 -18.79 -14.78 -33.16
N GLU D 140 -19.72 -13.85 -32.98
CA GLU D 140 -20.38 -13.18 -34.11
C GLU D 140 -19.50 -12.12 -34.76
N LEU D 141 -18.48 -11.61 -34.05
CA LEU D 141 -17.53 -10.71 -34.69
C LEU D 141 -16.69 -11.43 -35.73
N ASN D 142 -16.37 -12.70 -35.48
CA ASN D 142 -15.58 -13.50 -36.40
C ASN D 142 -16.44 -14.24 -37.41
N GLY D 143 -17.66 -13.79 -37.65
CA GLY D 143 -18.50 -14.38 -38.67
C GLY D 143 -19.02 -15.76 -38.35
N CYS D 144 -19.33 -16.03 -37.08
CA CYS D 144 -19.84 -17.32 -36.66
C CYS D 144 -21.17 -17.15 -35.94
N LYS D 145 -21.91 -18.25 -35.84
CA LYS D 145 -23.17 -18.30 -35.12
C LYS D 145 -22.94 -18.84 -33.71
N ALA D 146 -23.62 -18.24 -32.75
CA ALA D 146 -23.51 -18.63 -31.34
C ALA D 146 -24.72 -19.48 -30.98
N ILE D 147 -24.50 -20.78 -30.80
CA ILE D 147 -25.58 -21.73 -30.53
C ILE D 147 -25.54 -22.09 -29.05
N ASN D 148 -26.69 -21.94 -28.39
CA ASN D 148 -26.82 -22.17 -26.96
C ASN D 148 -27.76 -23.34 -26.71
N ILE D 149 -27.28 -24.35 -25.99
CA ILE D 149 -28.06 -25.56 -25.76
C ILE D 149 -28.08 -25.91 -24.28
N VAL D 150 -28.45 -24.95 -23.43
CA VAL D 150 -28.54 -25.22 -22.00
C VAL D 150 -29.69 -26.19 -21.73
N THR D 151 -29.59 -26.93 -20.63
CA THR D 151 -30.63 -27.87 -20.25
C THR D 151 -31.97 -27.15 -20.10
N GLU D 152 -33.04 -27.89 -20.41
CA GLU D 152 -34.39 -27.35 -20.34
C GLU D 152 -34.79 -27.00 -18.91
N LYS D 153 -34.18 -27.68 -17.93
CA LYS D 153 -34.49 -27.41 -16.53
C LYS D 153 -34.07 -26.03 -16.06
N ALA D 154 -33.26 -25.31 -16.85
CA ALA D 154 -32.90 -23.94 -16.50
C ALA D 154 -34.05 -22.97 -16.69
N PHE D 155 -35.02 -23.31 -17.53
CA PHE D 155 -36.19 -22.48 -17.74
C PHE D 155 -37.33 -22.81 -16.79
N ASP D 156 -37.13 -23.81 -15.92
CA ASP D 156 -38.12 -24.17 -14.90
C ASP D 156 -37.73 -23.44 -13.62
N SER D 157 -38.11 -22.16 -13.55
CA SER D 157 -37.58 -21.22 -12.57
C SER D 157 -37.68 -21.74 -11.14
N GLU D 158 -38.91 -22.01 -10.69
CA GLU D 158 -39.15 -22.28 -9.28
C GLU D 158 -38.88 -23.73 -8.88
N THR D 159 -38.71 -24.63 -9.84
CA THR D 159 -38.51 -26.05 -9.55
C THR D 159 -37.03 -26.33 -9.33
N TYR D 160 -36.72 -26.92 -8.18
CA TYR D 160 -35.33 -27.19 -7.84
C TYR D 160 -34.72 -28.22 -8.79
N ASP D 161 -33.44 -28.04 -9.09
CA ASP D 161 -32.64 -29.04 -9.78
C ASP D 161 -31.18 -28.80 -9.47
N ASP D 162 -30.42 -29.90 -9.36
CA ASP D 162 -29.02 -29.80 -8.99
C ASP D 162 -28.20 -29.07 -10.05
N TRP D 163 -28.42 -29.39 -11.33
CA TRP D 163 -27.50 -28.98 -12.40
C TRP D 163 -28.28 -28.23 -13.49
N LYS D 164 -28.76 -27.03 -13.16
CA LYS D 164 -29.45 -26.21 -14.13
C LYS D 164 -28.51 -25.56 -15.15
N GLY D 165 -27.20 -25.82 -15.05
CA GLY D 165 -26.27 -25.42 -16.08
C GLY D 165 -25.81 -26.51 -17.01
N ASP D 166 -26.35 -27.72 -16.91
CA ASP D 166 -25.88 -28.83 -17.74
C ASP D 166 -26.10 -28.56 -19.23
N PHE D 167 -25.22 -29.15 -20.05
CA PHE D 167 -25.49 -29.25 -21.48
C PHE D 167 -26.70 -30.15 -21.71
N ASP D 168 -27.46 -29.84 -22.75
CA ASP D 168 -28.47 -30.76 -23.26
C ASP D 168 -27.74 -31.72 -24.21
N ILE D 169 -27.45 -32.93 -23.73
CA ILE D 169 -26.64 -33.87 -24.49
C ILE D 169 -27.32 -34.23 -25.80
N LYS D 170 -28.65 -34.41 -25.77
CA LYS D 170 -29.39 -34.70 -26.99
C LYS D 170 -29.24 -33.58 -28.00
N LYS D 171 -29.46 -32.33 -27.57
CA LYS D 171 -29.28 -31.20 -28.47
C LYS D 171 -27.84 -31.07 -28.94
N LEU D 172 -26.88 -31.48 -28.13
CA LEU D 172 -25.48 -31.44 -28.55
C LEU D 172 -25.23 -32.38 -29.72
N LYS D 173 -25.75 -33.60 -29.64
CA LYS D 173 -25.60 -34.55 -30.74
C LYS D 173 -26.40 -34.13 -31.96
N GLU D 174 -27.55 -33.48 -31.76
CA GLU D 174 -28.35 -33.03 -32.89
C GLU D 174 -27.68 -31.90 -33.64
N ASN D 175 -27.02 -30.98 -32.91
CA ASN D 175 -26.34 -29.88 -33.59
C ASN D 175 -25.07 -30.34 -34.29
N ILE D 176 -24.41 -31.38 -33.76
CA ILE D 176 -23.23 -31.93 -34.44
C ILE D 176 -23.63 -32.56 -35.77
N ALA D 177 -24.76 -33.27 -35.81
CA ALA D 177 -25.20 -33.89 -37.04
C ALA D 177 -25.73 -32.88 -38.05
N GLN D 178 -26.37 -31.81 -37.58
CA GLN D 178 -26.95 -30.84 -38.50
C GLN D 178 -25.88 -30.03 -39.20
N HIS D 179 -24.96 -29.44 -38.44
CA HIS D 179 -23.92 -28.59 -39.01
C HIS D 179 -22.69 -29.37 -39.46
N GLY D 180 -22.46 -30.55 -38.92
CA GLY D 180 -21.26 -31.32 -39.23
C GLY D 180 -20.12 -30.97 -38.30
N ALA D 181 -19.34 -31.97 -37.89
CA ALA D 181 -18.24 -31.74 -36.97
C ALA D 181 -17.17 -30.83 -37.56
N ASP D 182 -17.05 -30.77 -38.89
CA ASP D 182 -16.07 -29.91 -39.53
C ASP D 182 -16.44 -28.44 -39.43
N ASN D 183 -17.72 -28.11 -39.22
CA ASN D 183 -18.16 -26.73 -39.11
C ASN D 183 -18.24 -26.24 -37.67
N ILE D 184 -17.95 -27.09 -36.70
CA ILE D 184 -18.00 -26.73 -35.28
C ILE D 184 -16.58 -26.35 -34.88
N VAL D 185 -16.33 -25.04 -34.76
CA VAL D 185 -15.00 -24.55 -34.41
C VAL D 185 -14.60 -25.04 -33.02
N ALA D 186 -15.50 -24.90 -32.05
CA ALA D 186 -15.19 -25.29 -30.69
C ALA D 186 -16.48 -25.42 -29.89
N ILE D 187 -16.39 -26.20 -28.80
CA ILE D 187 -17.43 -26.26 -27.78
C ILE D 187 -16.94 -25.48 -26.57
N VAL D 188 -17.79 -24.59 -26.07
CA VAL D 188 -17.45 -23.72 -24.94
C VAL D 188 -18.26 -24.17 -23.73
N SER D 189 -17.59 -24.75 -22.75
CA SER D 189 -18.23 -25.14 -21.49
C SER D 189 -18.10 -23.97 -20.51
N THR D 190 -19.22 -23.31 -20.23
CA THR D 190 -19.25 -22.17 -19.33
C THR D 190 -19.56 -22.65 -17.92
N VAL D 191 -18.60 -22.46 -17.01
CA VAL D 191 -18.73 -22.89 -15.62
C VAL D 191 -18.46 -21.68 -14.72
N THR D 192 -19.45 -21.27 -13.94
CA THR D 192 -20.81 -21.81 -14.03
C THR D 192 -21.52 -21.21 -15.24
N CYS D 193 -22.72 -21.69 -15.53
CA CYS D 193 -23.48 -21.14 -16.65
C CYS D 193 -24.07 -19.81 -16.20
N ASN D 194 -23.48 -18.71 -16.67
CA ASN D 194 -23.88 -17.39 -16.20
C ASN D 194 -25.28 -17.03 -16.69
N SER D 195 -25.61 -17.39 -17.92
CA SER D 195 -26.90 -17.00 -18.48
C SER D 195 -28.05 -17.82 -17.92
N ALA D 196 -27.79 -19.03 -17.43
CA ALA D 196 -28.82 -19.82 -16.77
C ALA D 196 -29.04 -19.41 -15.33
N GLY D 197 -28.27 -18.45 -14.82
CA GLY D 197 -28.42 -18.01 -13.45
C GLY D 197 -27.25 -18.40 -12.56
N GLY D 198 -26.05 -18.46 -13.13
CA GLY D 198 -24.90 -18.93 -12.39
C GLY D 198 -25.02 -20.36 -11.93
N GLN D 199 -25.82 -21.18 -12.63
CA GLN D 199 -26.10 -22.55 -12.24
C GLN D 199 -24.97 -23.48 -12.66
N PRO D 200 -24.70 -24.51 -11.87
CA PRO D 200 -23.51 -25.34 -12.11
C PRO D 200 -23.72 -26.40 -13.17
N VAL D 201 -22.59 -26.86 -13.72
CA VAL D 201 -22.54 -28.00 -14.62
C VAL D 201 -21.96 -29.17 -13.84
N SER D 202 -22.62 -30.33 -13.91
CA SER D 202 -22.13 -31.49 -13.20
C SER D 202 -20.86 -32.03 -13.85
N MET D 203 -20.08 -32.79 -13.07
CA MET D 203 -18.86 -33.37 -13.59
C MET D 203 -19.15 -34.40 -14.68
N SER D 204 -20.21 -35.20 -14.49
CA SER D 204 -20.56 -36.21 -15.48
C SER D 204 -21.03 -35.57 -16.78
N ASN D 205 -21.72 -34.43 -16.70
CA ASN D 205 -22.11 -33.71 -17.91
C ASN D 205 -20.87 -33.17 -18.64
N LEU D 206 -19.93 -32.59 -17.88
CA LEU D 206 -18.68 -32.14 -18.49
C LEU D 206 -17.91 -33.30 -19.09
N LYS D 207 -17.90 -34.44 -18.40
CA LYS D 207 -17.19 -35.62 -18.90
C LYS D 207 -17.83 -36.14 -20.18
N GLU D 208 -19.15 -36.07 -20.28
CA GLU D 208 -19.83 -36.59 -21.46
C GLU D 208 -19.66 -35.66 -22.66
N VAL D 209 -19.73 -34.34 -22.42
CA VAL D 209 -19.53 -33.39 -23.51
C VAL D 209 -18.15 -33.53 -24.11
N TYR D 210 -17.13 -33.71 -23.27
CA TYR D 210 -15.76 -33.84 -23.77
C TYR D 210 -15.57 -35.15 -24.52
N GLU D 211 -16.19 -36.22 -24.03
CA GLU D 211 -16.08 -37.51 -24.72
C GLU D 211 -16.76 -37.46 -26.09
N ILE D 212 -17.90 -36.76 -26.19
CA ILE D 212 -18.54 -36.57 -27.49
C ILE D 212 -17.65 -35.73 -28.40
N ALA D 213 -17.02 -34.70 -27.85
CA ALA D 213 -16.23 -33.78 -28.66
C ALA D 213 -14.99 -34.47 -29.22
N LYS D 214 -14.25 -35.20 -28.37
CA LYS D 214 -13.07 -35.92 -28.84
C LYS D 214 -13.45 -37.01 -29.83
N GLN D 215 -14.67 -37.53 -29.74
CA GLN D 215 -15.14 -38.50 -30.72
C GLN D 215 -15.22 -37.89 -32.11
N HIS D 216 -15.44 -36.59 -32.20
CA HIS D 216 -15.54 -35.87 -33.47
C HIS D 216 -14.38 -34.90 -33.69
N GLY D 217 -13.34 -34.95 -32.86
CA GLY D 217 -12.20 -34.07 -33.02
C GLY D 217 -12.50 -32.60 -32.82
N ILE D 218 -13.43 -32.26 -31.92
CA ILE D 218 -13.84 -30.88 -31.70
C ILE D 218 -13.09 -30.32 -30.50
N PHE D 219 -12.56 -29.12 -30.65
CA PHE D 219 -11.82 -28.46 -29.57
C PHE D 219 -12.78 -27.99 -28.48
N VAL D 220 -12.39 -28.20 -27.23
CA VAL D 220 -13.21 -27.84 -26.07
C VAL D 220 -12.52 -26.73 -25.30
N VAL D 221 -13.19 -25.58 -25.20
CA VAL D 221 -12.74 -24.46 -24.40
C VAL D 221 -13.63 -24.35 -23.17
N MET D 222 -13.02 -24.17 -22.01
CA MET D 222 -13.76 -24.04 -20.75
C MET D 222 -13.77 -22.57 -20.34
N ASP D 223 -14.92 -21.92 -20.51
CA ASP D 223 -15.11 -20.58 -19.96
C ASP D 223 -15.11 -20.68 -18.44
N SER D 224 -14.07 -20.12 -17.81
CA SER D 224 -13.74 -20.45 -16.43
C SER D 224 -13.81 -19.25 -15.50
N ALA D 225 -14.70 -18.30 -15.78
CA ALA D 225 -14.78 -17.11 -14.94
C ALA D 225 -15.18 -17.48 -13.51
N ARG D 226 -16.10 -18.44 -13.36
CA ARG D 226 -16.62 -18.86 -12.07
C ARG D 226 -16.44 -20.37 -11.89
N PHE D 227 -15.23 -20.85 -12.17
CA PHE D 227 -14.97 -22.28 -12.09
C PHE D 227 -14.93 -22.79 -10.65
N CYS D 228 -14.48 -21.96 -9.71
CA CYS D 228 -14.41 -22.41 -8.32
C CYS D 228 -15.80 -22.58 -7.73
N GLU D 229 -16.71 -21.64 -8.01
CA GLU D 229 -18.09 -21.77 -7.57
C GLU D 229 -18.74 -23.00 -8.18
N ASN D 230 -18.37 -23.35 -9.42
CA ASN D 230 -18.85 -24.59 -10.01
C ASN D 230 -18.27 -25.79 -9.27
N ALA D 231 -16.99 -25.71 -8.89
CA ALA D 231 -16.36 -26.82 -8.18
C ALA D 231 -17.02 -27.06 -6.83
N TYR D 232 -17.40 -25.98 -6.13
CA TYR D 232 -18.09 -26.13 -4.85
C TYR D 232 -19.41 -26.88 -5.03
N PHE D 233 -20.20 -26.49 -6.03
CA PHE D 233 -21.47 -27.15 -6.28
C PHE D 233 -21.29 -28.63 -6.61
N ILE D 234 -20.20 -28.98 -7.29
CA ILE D 234 -19.94 -30.39 -7.58
C ILE D 234 -19.66 -31.16 -6.29
N LYS D 235 -18.90 -30.56 -5.36
CA LYS D 235 -18.68 -31.22 -4.08
C LYS D 235 -19.96 -31.26 -3.26
N ALA D 236 -20.81 -30.24 -3.36
CA ALA D 236 -22.00 -30.17 -2.52
C ALA D 236 -23.06 -31.17 -2.99
N ARG D 237 -23.18 -31.37 -4.31
CA ARG D 237 -24.32 -32.10 -4.87
C ARG D 237 -23.94 -33.43 -5.51
N ASP D 238 -22.74 -33.59 -6.03
CA ASP D 238 -22.32 -34.86 -6.61
C ASP D 238 -21.76 -35.74 -5.52
N PRO D 239 -22.37 -36.90 -5.25
CA PRO D 239 -21.88 -37.76 -4.16
C PRO D 239 -20.49 -38.31 -4.39
N LYS D 240 -20.05 -38.43 -5.65
CA LYS D 240 -18.72 -38.95 -5.94
C LYS D 240 -17.63 -38.08 -5.34
N TYR D 241 -17.90 -36.79 -5.15
CA TYR D 241 -16.93 -35.84 -4.63
C TYR D 241 -17.31 -35.34 -3.24
N LYS D 242 -17.90 -36.22 -2.42
CA LYS D 242 -18.26 -35.83 -1.06
C LYS D 242 -17.02 -35.55 -0.22
N ASN D 243 -15.98 -36.36 -0.38
CA ASN D 243 -14.77 -36.27 0.43
C ASN D 243 -13.55 -35.82 -0.37
N ALA D 244 -13.78 -35.05 -1.43
CA ALA D 244 -12.71 -34.53 -2.26
C ALA D 244 -12.51 -33.04 -1.99
N THR D 245 -11.27 -32.59 -2.10
CA THR D 245 -10.98 -31.18 -1.94
C THR D 245 -11.47 -30.40 -3.16
N ILE D 246 -11.58 -29.09 -2.98
CA ILE D 246 -12.01 -28.23 -4.09
C ILE D 246 -11.00 -28.31 -5.23
N LYS D 247 -9.71 -28.36 -4.90
CA LYS D 247 -8.70 -28.48 -5.94
C LYS D 247 -8.79 -29.81 -6.69
N GLU D 248 -9.17 -30.89 -5.99
CA GLU D 248 -9.35 -32.17 -6.65
C GLU D 248 -10.53 -32.12 -7.62
N VAL D 249 -11.61 -31.43 -7.23
CA VAL D 249 -12.73 -31.25 -8.14
C VAL D 249 -12.30 -30.44 -9.35
N ILE D 250 -11.54 -29.37 -9.13
CA ILE D 250 -11.05 -28.55 -10.23
C ILE D 250 -10.17 -29.38 -11.16
N PHE D 251 -9.28 -30.20 -10.59
CA PHE D 251 -8.37 -31.00 -11.41
C PHE D 251 -9.14 -31.95 -12.31
N ASP D 252 -10.23 -32.53 -11.80
CA ASP D 252 -11.06 -33.40 -12.63
C ASP D 252 -11.86 -32.61 -13.66
N MET D 253 -12.29 -31.40 -13.32
CA MET D 253 -13.05 -30.58 -14.25
C MET D 253 -12.28 -30.35 -15.54
N TYR D 254 -10.98 -30.07 -15.42
CA TYR D 254 -10.15 -29.71 -16.56
C TYR D 254 -9.47 -30.90 -17.20
N LYS D 255 -9.81 -32.12 -16.77
CA LYS D 255 -9.54 -33.29 -17.60
C LYS D 255 -10.46 -33.32 -18.82
N TYR D 256 -11.54 -32.54 -18.80
CA TYR D 256 -12.57 -32.55 -19.82
C TYR D 256 -12.59 -31.25 -20.62
N ALA D 257 -11.41 -30.73 -20.95
CA ALA D 257 -11.29 -29.53 -21.77
C ALA D 257 -9.90 -29.52 -22.39
N ASP D 258 -9.78 -28.74 -23.46
CA ASP D 258 -8.50 -28.59 -24.16
C ASP D 258 -7.84 -27.25 -23.88
N ALA D 259 -8.60 -26.25 -23.44
CA ALA D 259 -8.09 -24.92 -23.13
C ALA D 259 -9.15 -24.21 -22.31
N LEU D 260 -8.77 -23.05 -21.77
CA LEU D 260 -9.68 -22.25 -20.98
C LEU D 260 -9.46 -20.77 -21.26
N THR D 261 -10.56 -20.02 -21.22
CA THR D 261 -10.53 -18.56 -21.23
C THR D 261 -11.19 -18.09 -19.95
N MET D 262 -10.44 -17.38 -19.11
CA MET D 262 -10.88 -17.03 -17.77
C MET D 262 -10.83 -15.52 -17.59
N SER D 263 -11.91 -14.96 -17.06
CA SER D 263 -11.91 -13.60 -16.54
C SER D 263 -11.55 -13.67 -15.07
N ALA D 264 -10.32 -13.30 -14.73
CA ALA D 264 -9.86 -13.34 -13.35
C ALA D 264 -10.56 -12.32 -12.47
N LYS D 265 -11.46 -11.51 -13.02
CA LYS D 265 -12.23 -10.53 -12.27
C LYS D 265 -13.41 -11.14 -11.53
N LYS D 266 -13.56 -12.48 -11.56
CA LYS D 266 -14.64 -13.17 -10.88
C LYS D 266 -14.02 -14.02 -9.79
N ASP D 267 -13.92 -15.35 -9.96
CA ASP D 267 -13.48 -16.20 -8.86
C ASP D 267 -12.06 -15.95 -8.38
N PRO D 268 -11.08 -15.55 -9.22
CA PRO D 268 -9.74 -15.25 -8.68
C PRO D 268 -9.67 -13.99 -7.82
N LEU D 269 -10.81 -13.36 -7.54
CA LEU D 269 -10.90 -12.28 -6.56
C LEU D 269 -10.02 -11.09 -6.94
N LEU D 270 -10.18 -10.61 -8.17
CA LEU D 270 -9.38 -9.49 -8.67
C LEU D 270 -10.27 -8.35 -9.11
N ASN D 271 -9.65 -7.18 -9.28
CA ASN D 271 -10.30 -6.03 -9.87
C ASN D 271 -10.01 -5.87 -11.35
N ILE D 272 -9.08 -6.66 -11.88
CA ILE D 272 -8.71 -6.65 -13.29
C ILE D 272 -7.90 -7.91 -13.57
N GLY D 273 -7.95 -8.40 -14.81
CA GLY D 273 -7.15 -9.55 -15.16
C GLY D 273 -7.88 -10.64 -15.92
N GLY D 274 -7.20 -11.23 -16.91
CA GLY D 274 -7.73 -12.37 -17.63
C GLY D 274 -6.62 -13.37 -17.91
N LEU D 275 -7.02 -14.53 -18.44
CA LEU D 275 -6.08 -15.61 -18.63
C LEU D 275 -6.53 -16.53 -19.75
N VAL D 276 -5.58 -16.94 -20.58
CA VAL D 276 -5.74 -18.04 -21.53
C VAL D 276 -4.79 -19.15 -21.10
N ALA D 277 -5.31 -20.36 -20.95
CA ALA D 277 -4.48 -21.52 -20.62
C ALA D 277 -4.82 -22.65 -21.60
N ILE D 278 -3.78 -23.33 -22.06
CA ILE D 278 -3.92 -24.39 -23.07
C ILE D 278 -3.27 -25.66 -22.54
N ARG D 279 -3.97 -26.78 -22.75
CA ARG D 279 -3.59 -28.03 -22.10
C ARG D 279 -2.25 -28.55 -22.60
N ASP D 280 -2.13 -28.76 -23.92
CA ASP D 280 -0.90 -29.32 -24.46
C ASP D 280 -0.70 -29.04 -25.95
N ASN D 281 -1.73 -28.52 -26.62
CA ASN D 281 -1.62 -28.23 -28.05
C ASN D 281 -0.70 -27.04 -28.27
N GLU D 282 0.57 -27.31 -28.56
CA GLU D 282 1.54 -26.22 -28.63
C GLU D 282 1.34 -25.36 -29.87
N GLU D 283 0.74 -25.92 -30.93
CA GLU D 283 0.48 -25.13 -32.13
C GLU D 283 -0.55 -24.04 -31.86
N ILE D 284 -1.61 -24.36 -31.11
CA ILE D 284 -2.59 -23.35 -30.73
C ILE D 284 -1.96 -22.32 -29.82
N PHE D 285 -1.07 -22.75 -28.92
CA PHE D 285 -0.40 -21.82 -28.01
C PHE D 285 0.46 -20.83 -28.79
N THR D 286 1.15 -21.30 -29.82
CA THR D 286 1.98 -20.40 -30.63
C THR D 286 1.12 -19.46 -31.47
N LEU D 287 0.06 -19.98 -32.07
CA LEU D 287 -0.84 -19.12 -32.86
C LEU D 287 -1.52 -18.09 -31.98
N ALA D 288 -1.90 -18.48 -30.75
CA ALA D 288 -2.52 -17.52 -29.84
C ALA D 288 -1.52 -16.49 -29.33
N ARG D 289 -0.25 -16.89 -29.19
CA ARG D 289 0.78 -15.93 -28.78
C ARG D 289 1.00 -14.86 -29.85
N GLN D 290 0.90 -15.24 -31.12
CA GLN D 290 1.12 -14.28 -32.20
C GLN D 290 0.03 -13.21 -32.24
N ARG D 291 -1.19 -13.56 -31.85
CA ARG D 291 -2.26 -12.58 -31.81
C ARG D 291 -2.25 -11.78 -30.51
N CYS D 292 -1.70 -12.33 -29.44
CA CYS D 292 -1.67 -11.62 -28.16
C CYS D 292 -0.86 -10.34 -28.24
N VAL D 293 0.21 -10.33 -29.03
CA VAL D 293 1.18 -9.24 -29.04
C VAL D 293 0.57 -7.94 -29.58
N PRO D 294 -0.07 -7.91 -30.75
CA PRO D 294 -0.64 -6.65 -31.22
C PRO D 294 -1.93 -6.24 -30.54
N MET D 295 -2.63 -7.16 -29.88
CA MET D 295 -3.96 -6.88 -29.33
C MET D 295 -3.92 -6.56 -27.84
N GLU D 296 -3.18 -7.32 -27.04
CA GLU D 296 -3.16 -7.16 -25.59
C GLU D 296 -1.82 -6.66 -25.06
N GLY D 297 -0.73 -7.28 -25.47
CA GLY D 297 0.58 -6.91 -24.99
C GLY D 297 1.56 -8.05 -25.21
N PHE D 298 2.75 -7.88 -24.66
CA PHE D 298 3.75 -8.93 -24.79
C PHE D 298 3.28 -10.19 -24.07
N VAL D 299 3.78 -11.33 -24.54
CA VAL D 299 3.25 -12.63 -24.11
C VAL D 299 3.51 -12.97 -22.65
N THR D 300 4.26 -12.14 -21.91
CA THR D 300 4.54 -12.43 -20.50
C THR D 300 3.83 -11.49 -19.54
N TYR D 301 3.06 -10.52 -20.06
CA TYR D 301 2.15 -9.72 -19.24
C TYR D 301 0.78 -9.51 -19.87
N GLY D 302 0.64 -9.62 -21.19
CA GLY D 302 -0.68 -9.72 -21.79
C GLY D 302 -1.59 -8.55 -21.48
N GLY D 303 -1.02 -7.36 -21.41
CA GLY D 303 -1.77 -6.17 -21.07
C GLY D 303 -2.09 -6.02 -19.60
N LEU D 304 -1.39 -6.74 -18.73
CA LEU D 304 -1.54 -6.60 -17.29
C LEU D 304 -0.27 -6.06 -16.67
N ALA D 305 -0.42 -5.28 -15.60
CA ALA D 305 0.73 -4.91 -14.79
C ALA D 305 1.23 -6.13 -14.03
N GLY D 306 2.52 -6.12 -13.69
CA GLY D 306 3.09 -7.23 -12.95
C GLY D 306 2.41 -7.43 -11.60
N ARG D 307 2.00 -6.33 -10.96
CA ARG D 307 1.29 -6.44 -9.69
C ARG D 307 -0.03 -7.18 -9.85
N ASP D 308 -0.70 -7.01 -10.99
CA ASP D 308 -1.97 -7.69 -11.20
C ASP D 308 -1.78 -9.18 -11.46
N MET D 309 -0.70 -9.56 -12.14
CA MET D 309 -0.39 -10.97 -12.28
C MET D 309 -0.05 -11.59 -10.93
N ALA D 310 0.66 -10.84 -10.07
CA ALA D 310 0.98 -11.34 -8.74
C ALA D 310 -0.27 -11.54 -7.89
N ALA D 311 -1.20 -10.59 -7.95
CA ALA D 311 -2.46 -10.74 -7.24
C ALA D 311 -3.27 -11.90 -7.80
N MET D 312 -3.11 -12.21 -9.09
CA MET D 312 -3.82 -13.33 -9.68
C MET D 312 -3.31 -14.65 -9.14
N VAL D 313 -2.00 -14.78 -8.98
CA VAL D 313 -1.42 -16.02 -8.46
C VAL D 313 -1.94 -16.28 -7.04
N GLN D 314 -2.10 -15.22 -6.25
CA GLN D 314 -2.63 -15.39 -4.89
C GLN D 314 -4.14 -15.59 -4.90
N GLY D 315 -4.87 -14.81 -5.69
CA GLY D 315 -6.31 -14.96 -5.73
C GLY D 315 -6.77 -16.31 -6.25
N LEU D 316 -6.02 -16.90 -7.19
CA LEU D 316 -6.35 -18.25 -7.65
C LEU D 316 -6.30 -19.24 -6.50
N GLU D 317 -5.42 -19.02 -5.53
CA GLU D 317 -5.35 -19.90 -4.38
C GLU D 317 -6.48 -19.61 -3.39
N GLU D 318 -6.78 -18.33 -3.16
CA GLU D 318 -7.84 -17.99 -2.22
C GLU D 318 -9.22 -18.33 -2.77
N GLY D 319 -9.36 -18.39 -4.09
CA GLY D 319 -10.64 -18.71 -4.69
C GLY D 319 -11.06 -20.15 -4.55
N THR D 320 -10.13 -21.04 -4.20
CA THR D 320 -10.42 -22.46 -4.06
C THR D 320 -10.65 -22.88 -2.62
N GLU D 321 -10.53 -21.97 -1.66
CA GLU D 321 -10.70 -22.33 -0.26
C GLU D 321 -12.18 -22.60 0.02
N GLU D 322 -12.47 -23.81 0.53
CA GLU D 322 -13.86 -24.22 0.69
C GLU D 322 -14.58 -23.38 1.75
N GLU D 323 -13.86 -22.97 2.80
CA GLU D 323 -14.47 -22.12 3.81
C GLU D 323 -15.00 -20.82 3.21
N TYR D 324 -14.22 -20.20 2.32
CA TYR D 324 -14.67 -18.97 1.67
C TYR D 324 -15.82 -19.25 0.72
N LEU D 325 -15.72 -20.31 -0.09
CA LEU D 325 -16.79 -20.62 -1.03
C LEU D 325 -18.09 -20.94 -0.31
N HIS D 326 -18.00 -21.63 0.82
CA HIS D 326 -19.20 -21.94 1.60
CA HIS D 326 -19.21 -21.93 1.59
C HIS D 326 -19.88 -20.66 2.09
N TYR D 327 -19.08 -19.67 2.49
CA TYR D 327 -19.65 -18.40 2.93
C TYR D 327 -20.17 -17.59 1.76
N ARG D 328 -19.38 -17.50 0.68
CA ARG D 328 -19.75 -16.67 -0.47
C ARG D 328 -21.07 -17.16 -1.07
N ILE D 329 -21.11 -18.43 -1.49
CA ILE D 329 -22.32 -18.99 -2.08
C ILE D 329 -23.44 -19.03 -1.05
N GLY D 330 -23.10 -19.21 0.23
CA GLY D 330 -24.10 -19.16 1.28
C GLY D 330 -24.72 -17.79 1.45
N GLN D 331 -23.95 -16.73 1.16
CA GLN D 331 -24.51 -15.38 1.22
C GLN D 331 -25.49 -15.14 0.08
N VAL D 332 -25.15 -15.60 -1.12
CA VAL D 332 -26.08 -15.53 -2.25
C VAL D 332 -27.34 -16.33 -1.94
N LYS D 333 -27.18 -17.51 -1.32
CA LYS D 333 -28.32 -18.34 -0.94
C LYS D 333 -29.18 -17.65 0.10
N TYR D 334 -28.56 -16.89 1.02
CA TYR D 334 -29.32 -16.18 2.03
C TYR D 334 -30.19 -15.09 1.41
N LEU D 335 -29.62 -14.31 0.49
CA LEU D 335 -30.41 -13.26 -0.17
C LEU D 335 -31.53 -13.87 -1.00
N GLY D 336 -31.25 -14.98 -1.68
CA GLY D 336 -32.29 -15.62 -2.49
C GLY D 336 -33.39 -16.22 -1.65
N ASP D 337 -33.03 -16.84 -0.53
CA ASP D 337 -34.04 -17.39 0.37
C ASP D 337 -34.93 -16.29 0.94
N ARG D 338 -34.34 -15.15 1.29
CA ARG D 338 -35.13 -14.04 1.81
C ARG D 338 -36.18 -13.58 0.80
N LEU D 339 -35.80 -13.49 -0.48
CA LEU D 339 -36.76 -13.11 -1.50
C LEU D 339 -37.77 -14.23 -1.76
N ARG D 340 -37.30 -15.48 -1.74
CA ARG D 340 -38.19 -16.61 -2.00
C ARG D 340 -39.22 -16.79 -0.89
N GLU D 341 -38.81 -16.55 0.36
CA GLU D 341 -39.74 -16.65 1.49
C GLU D 341 -40.83 -15.58 1.43
N ALA D 342 -40.64 -14.52 0.65
CA ALA D 342 -41.63 -13.46 0.51
C ALA D 342 -42.46 -13.60 -0.76
N GLY D 343 -42.27 -14.67 -1.51
CA GLY D 343 -43.03 -14.92 -2.72
C GLY D 343 -42.43 -14.39 -3.99
N ILE D 344 -41.21 -13.84 -3.94
CA ILE D 344 -40.54 -13.31 -5.13
C ILE D 344 -40.02 -14.49 -5.95
N PRO D 345 -40.48 -14.67 -7.19
CA PRO D 345 -40.00 -15.79 -8.02
C PRO D 345 -38.55 -15.57 -8.42
N ILE D 346 -37.70 -16.55 -8.09
CA ILE D 346 -36.28 -16.50 -8.41
C ILE D 346 -35.86 -17.84 -8.98
N GLN D 347 -34.77 -17.83 -9.74
CA GLN D 347 -34.17 -19.06 -10.23
C GLN D 347 -33.68 -19.89 -9.04
N TYR D 348 -34.45 -20.88 -8.65
CA TYR D 348 -34.18 -21.70 -7.47
C TYR D 348 -33.61 -23.05 -7.90
N PRO D 349 -32.48 -23.50 -7.32
CA PRO D 349 -31.74 -22.81 -6.25
C PRO D 349 -30.88 -21.67 -6.77
N THR D 350 -30.47 -20.76 -5.87
CA THR D 350 -29.60 -19.67 -6.27
C THR D 350 -28.27 -20.20 -6.77
N GLY D 351 -27.69 -19.50 -7.75
CA GLY D 351 -26.39 -19.85 -8.28
C GLY D 351 -25.27 -19.45 -7.34
N GLY D 352 -24.06 -19.41 -7.88
CA GLY D 352 -22.89 -19.14 -7.08
C GLY D 352 -22.58 -17.67 -6.84
N HIS D 353 -22.97 -16.80 -7.77
CA HIS D 353 -22.54 -15.41 -7.75
C HIS D 353 -23.65 -14.38 -7.75
N ALA D 354 -24.91 -14.79 -7.91
CA ALA D 354 -25.97 -13.81 -8.02
C ALA D 354 -27.32 -14.45 -7.75
N VAL D 355 -28.31 -13.60 -7.46
CA VAL D 355 -29.70 -13.99 -7.38
C VAL D 355 -30.41 -13.46 -8.61
N PHE D 356 -31.12 -14.35 -9.31
CA PHE D 356 -31.82 -14.00 -10.54
C PHE D 356 -33.31 -14.00 -10.27
N VAL D 357 -33.94 -12.84 -10.43
CA VAL D 357 -35.38 -12.70 -10.24
C VAL D 357 -36.06 -12.89 -11.59
N ASP D 358 -36.97 -13.87 -11.66
CA ASP D 358 -37.71 -14.16 -12.89
C ASP D 358 -38.80 -13.10 -13.05
N CYS D 359 -38.53 -12.12 -13.91
CA CYS D 359 -39.49 -11.04 -14.13
C CYS D 359 -40.57 -11.41 -15.14
N LYS D 360 -40.41 -12.52 -15.88
CA LYS D 360 -41.52 -13.03 -16.68
C LYS D 360 -42.71 -13.39 -15.80
N LYS D 361 -42.45 -13.82 -14.57
CA LYS D 361 -43.50 -14.12 -13.61
C LYS D 361 -43.80 -12.95 -12.68
N LEU D 362 -42.86 -12.01 -12.54
CA LEU D 362 -43.04 -10.90 -11.61
C LEU D 362 -43.89 -9.79 -12.22
N VAL D 363 -43.64 -9.45 -13.48
CA VAL D 363 -44.37 -8.38 -14.16
C VAL D 363 -44.90 -8.91 -15.49
N PRO D 364 -46.05 -9.61 -15.48
CA PRO D 364 -46.53 -10.24 -16.72
C PRO D 364 -47.05 -9.26 -17.76
N GLN D 365 -47.33 -8.01 -17.38
CA GLN D 365 -47.96 -7.05 -18.29
C GLN D 365 -46.97 -6.36 -19.22
N ILE D 366 -45.71 -6.80 -19.27
CA ILE D 366 -44.70 -6.21 -20.11
C ILE D 366 -44.20 -7.27 -21.09
N PRO D 367 -44.36 -7.09 -22.40
CA PRO D 367 -43.85 -8.07 -23.35
C PRO D 367 -42.33 -8.14 -23.32
N GLY D 368 -41.81 -9.27 -23.81
CA GLY D 368 -40.38 -9.51 -23.75
C GLY D 368 -39.58 -8.47 -24.52
N ASP D 369 -40.11 -7.99 -25.64
CA ASP D 369 -39.43 -6.97 -26.43
C ASP D 369 -39.38 -5.61 -25.73
N GLN D 370 -40.11 -5.43 -24.63
CA GLN D 370 -40.09 -4.20 -23.87
C GLN D 370 -39.29 -4.33 -22.57
N PHE D 371 -38.57 -5.44 -22.40
CA PHE D 371 -37.63 -5.66 -21.29
C PHE D 371 -38.30 -5.47 -19.95
N PRO D 372 -39.10 -6.45 -19.49
CA PRO D 372 -39.78 -6.28 -18.20
C PRO D 372 -38.83 -6.18 -17.03
N ALA D 373 -37.73 -6.94 -17.05
CA ALA D 373 -36.79 -6.90 -15.94
C ALA D 373 -36.13 -5.53 -15.81
N GLN D 374 -35.90 -4.84 -16.93
CA GLN D 374 -35.32 -3.50 -16.88
C GLN D 374 -36.26 -2.54 -16.17
N ALA D 375 -37.57 -2.71 -16.34
CA ALA D 375 -38.53 -1.88 -15.63
C ALA D 375 -38.48 -2.16 -14.12
N VAL D 376 -38.23 -3.40 -13.74
CA VAL D 376 -38.15 -3.74 -12.32
C VAL D 376 -36.88 -3.16 -11.71
N ILE D 377 -35.78 -3.17 -12.47
CA ILE D 377 -34.52 -2.63 -11.97
C ILE D 377 -34.63 -1.13 -11.73
N ASN D 378 -35.12 -0.40 -12.74
CA ASN D 378 -35.28 1.05 -12.60
C ASN D 378 -36.21 1.39 -11.44
N ALA D 379 -37.23 0.56 -11.21
CA ALA D 379 -38.09 0.75 -10.05
C ALA D 379 -37.32 0.49 -8.76
N LEU D 380 -36.52 -0.58 -8.73
CA LEU D 380 -35.76 -0.89 -7.53
C LEU D 380 -34.71 0.17 -7.23
N TYR D 381 -34.13 0.76 -8.29
CA TYR D 381 -33.12 1.79 -8.06
C TYR D 381 -33.74 3.08 -7.53
N LEU D 382 -34.86 3.51 -8.13
CA LEU D 382 -35.54 4.70 -7.64
C LEU D 382 -36.03 4.54 -6.21
N GLU D 383 -36.24 3.30 -5.77
CA GLU D 383 -36.76 3.07 -4.44
C GLU D 383 -35.66 3.08 -3.37
N SER D 384 -34.47 2.58 -3.70
CA SER D 384 -33.45 2.30 -2.70
C SER D 384 -32.06 2.78 -3.05
N GLY D 385 -31.78 3.11 -4.31
CA GLY D 385 -30.43 3.41 -4.74
C GLY D 385 -29.57 2.20 -5.07
N VAL D 386 -30.16 1.01 -5.07
CA VAL D 386 -29.44 -0.21 -5.44
C VAL D 386 -29.48 -0.34 -6.96
N ARG D 387 -28.31 -0.55 -7.56
CA ARG D 387 -28.20 -0.72 -9.01
C ARG D 387 -28.12 -2.20 -9.34
N ALA D 388 -28.95 -2.64 -10.27
CA ALA D 388 -28.97 -4.03 -10.73
C ALA D 388 -28.84 -4.06 -12.25
N VAL D 389 -28.73 -5.26 -12.81
CA VAL D 389 -28.53 -5.44 -14.23
C VAL D 389 -29.52 -6.47 -14.76
N GLU D 390 -29.93 -6.28 -16.02
CA GLU D 390 -30.91 -7.15 -16.66
C GLU D 390 -30.21 -8.23 -17.46
N ILE D 391 -30.73 -9.45 -17.35
CA ILE D 391 -30.26 -10.56 -18.18
C ILE D 391 -31.48 -11.17 -18.87
N GLY D 392 -31.92 -10.53 -19.96
CA GLY D 392 -33.06 -10.99 -20.72
C GLY D 392 -32.99 -10.58 -22.17
N SER D 393 -34.08 -10.00 -22.69
CA SER D 393 -34.11 -9.63 -24.10
C SER D 393 -33.26 -8.38 -24.37
N PHE D 394 -33.07 -7.54 -23.36
CA PHE D 394 -32.22 -6.36 -23.52
C PHE D 394 -30.77 -6.78 -23.75
N LEU D 395 -30.26 -7.67 -22.90
CA LEU D 395 -28.88 -8.14 -23.03
C LEU D 395 -28.70 -9.07 -24.22
N LEU D 396 -29.74 -9.81 -24.60
CA LEU D 396 -29.59 -10.83 -25.63
C LEU D 396 -29.36 -10.22 -27.01
N GLY D 397 -29.92 -9.05 -27.28
CA GLY D 397 -29.63 -8.34 -28.51
C GLY D 397 -30.36 -8.90 -29.71
N ARG D 398 -29.88 -8.50 -30.88
CA ARG D 398 -30.49 -8.88 -32.15
C ARG D 398 -29.71 -10.00 -32.82
N ASP D 399 -30.42 -10.78 -33.62
CA ASP D 399 -29.78 -11.84 -34.40
C ASP D 399 -29.01 -11.21 -35.56
N PRO D 400 -27.70 -11.42 -35.66
CA PRO D 400 -26.93 -10.75 -36.72
C PRO D 400 -27.44 -11.04 -38.12
N ALA D 401 -27.91 -12.27 -38.38
CA ALA D 401 -28.42 -12.59 -39.71
C ALA D 401 -29.83 -12.05 -39.91
N THR D 402 -30.65 -12.07 -38.86
CA THR D 402 -32.03 -11.61 -38.97
C THR D 402 -32.10 -10.09 -38.92
N GLY D 403 -31.43 -9.47 -37.96
CA GLY D 403 -31.54 -8.05 -37.72
C GLY D 403 -32.64 -7.66 -36.77
N GLU D 404 -33.33 -8.62 -36.16
CA GLU D 404 -34.40 -8.39 -35.22
C GLU D 404 -34.08 -9.07 -33.88
N GLN D 405 -35.00 -8.91 -32.93
CA GLN D 405 -34.79 -9.35 -31.56
C GLN D 405 -34.53 -10.85 -31.50
N LYS D 406 -33.46 -11.24 -30.79
CA LYS D 406 -33.27 -12.64 -30.44
C LYS D 406 -34.31 -13.07 -29.42
N HIS D 407 -34.86 -14.27 -29.63
CA HIS D 407 -35.86 -14.77 -28.70
C HIS D 407 -35.21 -15.11 -27.36
N ALA D 408 -35.81 -14.62 -26.28
CA ALA D 408 -35.32 -14.87 -24.93
C ALA D 408 -36.33 -15.74 -24.20
N ASP D 409 -35.86 -16.86 -23.65
CA ASP D 409 -36.72 -17.74 -22.88
C ASP D 409 -36.86 -17.31 -21.42
N MET D 410 -35.95 -16.46 -20.93
CA MET D 410 -35.99 -16.00 -19.55
CA MET D 410 -35.93 -16.01 -19.54
C MET D 410 -35.84 -14.49 -19.50
N GLU D 411 -36.52 -13.89 -18.53
CA GLU D 411 -36.47 -12.45 -18.28
C GLU D 411 -36.01 -12.25 -16.84
N PHE D 412 -34.69 -12.19 -16.65
CA PHE D 412 -34.08 -12.15 -15.32
C PHE D 412 -33.65 -10.74 -14.96
N MET D 413 -33.82 -10.39 -13.68
CA MET D 413 -33.09 -9.30 -13.06
C MET D 413 -31.99 -9.93 -12.20
N ARG D 414 -30.75 -9.54 -12.44
CA ARG D 414 -29.61 -10.14 -11.75
C ARG D 414 -29.15 -9.22 -10.63
N LEU D 415 -29.21 -9.73 -9.40
CA LEU D 415 -28.65 -9.08 -8.23
C LEU D 415 -27.27 -9.69 -8.00
N THR D 416 -26.25 -9.11 -8.63
CA THR D 416 -24.91 -9.67 -8.64
C THR D 416 -24.15 -9.23 -7.39
N ILE D 417 -23.53 -10.18 -6.71
CA ILE D 417 -22.90 -9.95 -5.41
C ILE D 417 -21.40 -10.03 -5.59
N ALA D 418 -20.70 -8.90 -5.36
CA ALA D 418 -19.25 -8.92 -5.34
C ALA D 418 -18.75 -9.84 -4.23
N ARG D 419 -17.48 -10.22 -4.33
CA ARG D 419 -16.90 -11.21 -3.41
C ARG D 419 -16.26 -10.51 -2.21
N ARG D 420 -16.71 -10.88 -1.01
CA ARG D 420 -16.16 -10.40 0.26
C ARG D 420 -16.27 -8.88 0.41
N VAL D 421 -17.32 -8.29 -0.14
CA VAL D 421 -17.51 -6.85 -0.14
C VAL D 421 -18.66 -6.43 0.78
N TYR D 422 -19.81 -7.10 0.67
CA TYR D 422 -21.00 -6.74 1.43
C TYR D 422 -21.29 -7.79 2.49
N THR D 423 -21.91 -7.35 3.58
CA THR D 423 -22.29 -8.25 4.66
C THR D 423 -23.74 -8.72 4.47
N ASN D 424 -24.13 -9.72 5.27
CA ASN D 424 -25.51 -10.19 5.21
C ASN D 424 -26.50 -9.11 5.64
N ASP D 425 -26.04 -8.10 6.38
CA ASP D 425 -26.91 -6.96 6.67
C ASP D 425 -27.17 -6.14 5.43
N HIS D 426 -26.17 -6.00 4.55
CA HIS D 426 -26.41 -5.40 3.24
C HIS D 426 -27.42 -6.22 2.45
N MET D 427 -27.34 -7.54 2.56
CA MET D 427 -28.32 -8.40 1.88
C MET D 427 -29.73 -8.14 2.39
N ASP D 428 -29.87 -7.84 3.70
CA ASP D 428 -31.19 -7.54 4.24
C ASP D 428 -31.75 -6.24 3.67
N TYR D 429 -30.89 -5.24 3.48
CA TYR D 429 -31.34 -3.99 2.88
C TYR D 429 -31.84 -4.22 1.46
N ILE D 430 -31.15 -5.08 0.70
CA ILE D 430 -31.55 -5.34 -0.68
C ILE D 430 -32.91 -6.02 -0.73
N ALA D 431 -33.08 -7.08 0.06
CA ALA D 431 -34.34 -7.82 0.07
C ALA D 431 -35.50 -6.93 0.52
N ASP D 432 -35.30 -6.19 1.62
CA ASP D 432 -36.38 -5.37 2.16
C ASP D 432 -36.84 -4.32 1.14
N ALA D 433 -35.90 -3.78 0.36
CA ALA D 433 -36.27 -2.81 -0.66
C ALA D 433 -37.11 -3.44 -1.76
N LEU D 434 -36.71 -4.62 -2.23
CA LEU D 434 -37.44 -5.26 -3.31
C LEU D 434 -38.78 -5.80 -2.83
N ILE D 435 -38.84 -6.28 -1.58
CA ILE D 435 -40.10 -6.76 -1.03
C ILE D 435 -41.09 -5.62 -0.87
N GLY D 436 -40.61 -4.41 -0.57
CA GLY D 436 -41.47 -3.25 -0.48
C GLY D 436 -42.12 -2.83 -1.79
N LEU D 437 -41.77 -3.48 -2.90
CA LEU D 437 -42.32 -3.16 -4.21
C LEU D 437 -43.42 -4.13 -4.64
N LYS D 438 -43.84 -5.03 -3.76
CA LYS D 438 -44.78 -6.08 -4.15
C LYS D 438 -46.14 -5.52 -4.57
N GLU D 439 -46.48 -4.30 -4.16
N GLU D 439 -46.47 -4.31 -4.16
CA GLU D 439 -47.75 -3.70 -4.52
CA GLU D 439 -47.74 -3.69 -4.51
C GLU D 439 -47.66 -2.80 -5.75
C GLU D 439 -47.65 -2.87 -5.80
N LYS D 440 -46.44 -2.47 -6.21
CA LYS D 440 -46.25 -1.63 -7.38
C LYS D 440 -45.78 -2.39 -8.61
N PHE D 441 -45.71 -3.72 -8.54
CA PHE D 441 -45.18 -4.49 -9.66
C PHE D 441 -46.11 -4.47 -10.86
N ALA D 442 -47.43 -4.64 -10.63
CA ALA D 442 -48.38 -4.68 -11.73
C ALA D 442 -48.54 -3.35 -12.44
N THR D 443 -48.02 -2.26 -11.88
CA THR D 443 -48.16 -0.94 -12.47
C THR D 443 -46.98 -0.54 -13.35
N LEU D 444 -45.94 -1.35 -13.41
CA LEU D 444 -44.74 -1.01 -14.17
C LEU D 444 -44.97 -1.23 -15.66
N LYS D 445 -44.33 -0.40 -16.48
CA LYS D 445 -44.39 -0.51 -17.93
C LYS D 445 -42.98 -0.64 -18.50
N GLY D 446 -42.91 -1.11 -19.75
CA GLY D 446 -41.66 -1.45 -20.38
C GLY D 446 -40.87 -0.25 -20.84
N LEU D 447 -39.82 -0.55 -21.61
CA LEU D 447 -38.90 0.45 -22.14
C LEU D 447 -38.76 0.26 -23.64
N GLU D 448 -38.54 1.37 -24.35
CA GLU D 448 -38.25 1.35 -25.77
C GLU D 448 -36.95 2.10 -26.03
N PHE D 449 -36.42 1.94 -27.24
CA PHE D 449 -35.09 2.42 -27.57
C PHE D 449 -35.11 3.87 -28.04
N GLU D 450 -34.23 4.68 -27.47
CA GLU D 450 -33.91 6.01 -27.96
C GLU D 450 -32.61 6.05 -28.74
N TYR D 451 -31.64 5.24 -28.37
CA TYR D 451 -30.39 5.07 -29.10
C TYR D 451 -29.92 3.65 -28.88
N GLU D 452 -29.74 2.89 -29.97
CA GLU D 452 -29.40 1.48 -29.89
C GLU D 452 -28.05 1.22 -30.52
N PRO D 453 -27.04 0.80 -29.76
CA PRO D 453 -25.79 0.38 -30.37
C PRO D 453 -25.98 -0.91 -31.14
N PRO D 454 -25.17 -1.16 -32.17
CA PRO D 454 -25.36 -2.37 -32.99
C PRO D 454 -24.76 -3.62 -32.38
N VAL D 455 -23.67 -3.49 -31.62
CA VAL D 455 -22.91 -4.64 -31.17
C VAL D 455 -23.45 -5.15 -29.84
N LEU D 456 -23.18 -4.44 -28.76
CA LEU D 456 -23.64 -4.80 -27.41
C LEU D 456 -24.49 -3.63 -26.91
N ARG D 457 -25.79 -3.71 -27.20
CA ARG D 457 -26.66 -2.54 -27.04
C ARG D 457 -26.88 -2.19 -25.57
N HIS D 458 -27.06 -3.20 -24.71
CA HIS D 458 -27.49 -2.96 -23.33
C HIS D 458 -26.50 -2.15 -22.50
N PHE D 459 -25.25 -2.00 -22.95
CA PHE D 459 -24.26 -1.29 -22.15
C PHE D 459 -24.42 0.23 -22.27
N THR D 460 -24.64 0.74 -23.48
CA THR D 460 -24.67 2.17 -23.70
C THR D 460 -25.98 2.67 -24.32
N ALA D 461 -27.00 1.81 -24.41
CA ALA D 461 -28.26 2.24 -24.98
C ALA D 461 -28.97 3.23 -24.07
N ARG D 462 -29.64 4.21 -24.67
CA ARG D 462 -30.50 5.13 -23.97
C ARG D 462 -31.95 4.74 -24.26
N LEU D 463 -32.75 4.62 -23.21
CA LEU D 463 -34.10 4.10 -23.32
C LEU D 463 -35.13 5.21 -23.11
N LYS D 464 -36.38 4.87 -23.38
CA LYS D 464 -37.51 5.77 -23.18
C LYS D 464 -38.68 4.99 -22.62
N PRO D 465 -39.15 5.31 -21.42
CA PRO D 465 -40.27 4.55 -20.83
C PRO D 465 -41.55 4.74 -21.65
N ILE D 466 -42.17 3.62 -22.02
CA ILE D 466 -43.40 3.65 -22.80
C ILE D 466 -44.53 4.15 -21.90
N GLU D 467 -45.03 5.34 -22.20
CA GLU D 467 -46.10 5.93 -21.40
C GLU D 467 -47.47 5.65 -22.01
K K E . 10.14 8.77 10.95
C05 9TD F . 18.14 6.91 20.42
C06 9TD F . 19.57 6.56 20.18
C07 9TD F . 20.27 7.19 19.15
C08 9TD F . 19.68 8.10 18.39
C10 9TD F . 19.89 9.87 16.74
C11 9TD F . 18.46 10.23 16.75
C12 9TD F . 18.18 11.47 17.63
C13 9TD F . 18.92 12.67 17.15
C14 9TD F . 19.79 13.11 18.16
C16 9TD F . 18.74 11.28 19.05
C18 9TD F . 20.61 14.21 17.96
C19 9TD F . 20.55 14.88 16.74
C20 9TD F . 19.67 14.44 15.74
C21 9TD F . 18.84 13.33 15.94
C22 9TD F . 20.82 10.35 15.60
C25 9TD F . 21.61 6.85 18.93
C27 9TD F . 22.21 5.90 19.74
C28 9TD F . 23.65 5.54 19.50
C30 9TD F . 20.22 5.61 20.96
N09 9TD F . 20.41 8.85 17.62
N15 9TD F . 19.74 12.32 19.33
N29 9TD F . 21.51 5.31 20.72
O01 9TD F . 16.16 7.99 18.38
O03 9TD F . 15.21 5.76 18.30
O04 9TD F . 17.33 6.10 19.61
O17 9TD F . 18.40 10.40 19.81
O23 9TD F . 20.38 11.11 14.72
O24 9TD F . 22.00 9.96 15.57
O26 9TD F . 22.32 7.45 17.94
O31 9TD F . 15.13 7.06 20.35
P02 9TD F . 15.94 6.74 19.15
K K G . -1.87 -2.54 16.97
C05 9TD H . -4.07 3.73 27.63
C06 9TD H . -5.46 4.12 28.02
C07 9TD H . -6.51 3.23 27.86
C08 9TD H . -6.29 2.01 27.36
C10 9TD H . -7.07 -0.24 26.95
C11 9TD H . -5.80 -0.67 26.30
C12 9TD H . -4.93 -1.48 27.26
C13 9TD H . -5.61 -2.74 27.68
C14 9TD H . -5.77 -2.74 29.07
C16 9TD H . -4.72 -0.76 28.61
C18 9TD H . -6.37 -3.81 29.71
C19 9TD H . -6.83 -4.88 28.94
C20 9TD H . -6.66 -4.88 27.55
C21 9TD H . -6.05 -3.80 26.91
C22 9TD H . -8.37 -1.00 26.65
C25 9TD H . -7.80 3.62 28.24
C27 9TD H . -8.01 4.88 28.75
C28 9TD H . -9.38 5.30 29.15
C30 9TD H . -5.72 5.38 28.54
N09 9TD H . -7.21 1.10 27.47
N15 9TD H . -5.26 -1.58 29.70
N29 9TD H . -6.97 5.72 28.89
O01 9TD H . -3.30 1.70 25.64
O03 9TD H . -2.92 3.47 24.03
O04 9TD H . -3.86 4.08 26.29
O17 9TD H . -4.19 0.33 28.75
O23 9TD H . -8.33 -2.11 26.08
O24 9TD H . -9.46 -0.50 26.99
O26 9TD H . -8.83 2.76 28.09
O31 9TD H . -1.49 3.23 25.98
P02 9TD H . -2.87 3.10 25.46
K K I . -12.65 -2.93 -11.41
K K J . 4.42 -3.13 -16.34
C05 9TD K . 2.07 1.05 -27.93
C06 9TD K . 2.80 2.24 -28.49
C07 9TD K . 4.17 2.40 -28.25
C08 9TD K . 4.85 1.50 -27.54
C10 9TD K . 6.98 0.57 -26.85
C11 9TD K . 6.40 -0.57 -26.11
C12 9TD K . 6.48 -1.86 -26.93
C13 9TD K . 7.87 -2.22 -27.33
C14 9TD K . 7.97 -2.25 -28.72
C16 9TD K . 5.78 -1.70 -28.30
C18 9TD K . 9.17 -2.55 -29.35
C19 9TD K . 10.28 -2.84 -28.55
C20 9TD K . 10.19 -2.81 -27.15
C21 9TD K . 8.97 -2.50 -26.53
C22 9TD K . 8.45 0.97 -26.64
C25 9TD K . 4.82 3.51 -28.77
C27 9TD K . 4.10 4.43 -29.52
C28 9TD K . 4.81 5.63 -30.09
C30 9TD K . 2.12 3.20 -29.24
N09 9TD K . 6.14 1.50 -27.59
N15 9TD K . 6.75 -1.94 -29.38
N29 9TD K . 2.79 4.25 -29.73
O01 9TD K . 2.83 -0.52 -25.56
O03 9TD K . 1.16 0.66 -24.28
O04 9TD K . 1.55 1.37 -26.68
O17 9TD K . 4.63 -1.40 -28.45
O23 9TD K . 9.15 0.41 -25.76
O24 9TD K . 8.95 1.86 -27.37
O26 9TD K . 6.14 3.69 -28.57
O31 9TD K . 0.49 -0.82 -26.07
P02 9TD K . 1.51 0.15 -25.62
C05 9TD L . -16.14 -11.53 -19.88
C06 9TD L . -16.88 -12.75 -19.46
C07 9TD L . -17.92 -12.66 -18.53
C08 9TD L . -18.26 -11.48 -18.01
C10 9TD L . -19.82 -10.14 -16.72
C11 9TD L . -19.03 -8.89 -16.86
C12 9TD L . -19.60 -7.97 -17.93
C13 9TD L . -21.03 -7.59 -17.68
C14 9TD L . -21.82 -8.04 -18.75
C16 9TD L . -19.69 -8.68 -19.29
C18 9TD L . -23.18 -7.82 -18.76
C19 9TD L . -23.76 -7.13 -17.68
C20 9TD L . -22.97 -6.69 -16.62
C21 9TD L . -21.59 -6.92 -16.61
C22 9TD L . -20.77 -10.30 -15.53
C25 9TD L . -18.60 -13.81 -18.15
C27 9TD L . -18.23 -15.04 -18.70
C28 9TD L . -18.96 -16.28 -18.29
C30 9TD L . -16.55 -14.00 -19.99
N09 9TD L . -19.36 -11.37 -17.35
N15 9TD L . -21.08 -8.71 -19.76
N29 9TD L . -17.22 -15.09 -19.60
O01 9TD L . -15.68 -8.97 -18.50
O03 9TD L . -13.50 -9.78 -17.81
O04 9TD L . -15.02 -11.36 -19.05
O17 9TD L . -18.75 -9.16 -19.87
O23 9TD L . -21.13 -9.30 -14.87
O24 9TD L . -21.17 -11.44 -15.22
O26 9TD L . -19.61 -13.74 -17.25
O31 9TD L . -13.97 -9.34 -20.15
P02 9TD L . -14.53 -9.83 -18.86
#